data_4I58
#
_entry.id   4I58
#
_cell.length_a   217.715
_cell.length_b   234.588
_cell.length_c   90.047
_cell.angle_alpha   90.00
_cell.angle_beta   90.00
_cell.angle_gamma   90.00
#
_symmetry.space_group_name_H-M   'C 2 2 21'
#
loop_
_entity.id
_entity.type
_entity.pdbx_description
1 polymer 'Cyclohexylamine Oxidase'
2 non-polymer 'FLAVIN-ADENINE DINUCLEOTIDE'
#
_entity_poly.entity_id   1
_entity_poly.type   'polypeptide(L)'
_entity_poly.pdbx_seq_one_letter_code
;THLNTYESVTPDPDVDVIIIGAGISGSAAAKALHDQGASVLVVEANDRIGGRTWTEQEGAPGGPIDYGGMFIGETHTHLI
ELGTSLGLEMTPSGKPGDDTYIVAGNVLRAPDDQLDPNLPFVPEFLSSLKALDELADSVGWDQPWASPNAAALDSKTVAT
WLAETIESEEVRRLHTVIVNTLLGADPYEVSLLYWAYYVSECEGIQSLMGTRDGAQWAWWFGGAAQVSWRIADAIGRDKF
LLEWPVDRIEHDESGVTLFSGQRSLRARHIVIAMSPLAANQIRFEPALPTSRAQLQARAPMGRYYKVQARYPSSFWVEQG
YSGALLDTEDVGVFLLDGTKPTDTLATLIGFIGGSNYDRWAAHTPQERERAFLDLLVKAFGPQAADPSYFHETDWTQQEW
AKGGPVTYMPPGVLANFGAALRDPVGKVHFAGTEASFQWSGYMEGGVRAGQKAAAAIAEELERTANKGALV
;
_entity_poly.pdbx_strand_id   A,B,C,D
#
# COMPACT_ATOMS: atom_id res chain seq x y z
N PRO A 13 22.62 20.12 53.91
CA PRO A 13 22.94 19.16 52.82
C PRO A 13 23.02 17.74 53.33
N ASP A 14 21.94 16.98 53.18
CA ASP A 14 21.91 15.61 53.65
C ASP A 14 22.85 14.71 52.89
N VAL A 15 22.97 14.94 51.59
CA VAL A 15 23.84 14.10 50.78
C VAL A 15 24.47 15.00 49.71
N ASP A 16 25.49 14.50 49.01
CA ASP A 16 26.17 15.28 47.98
C ASP A 16 25.26 15.51 46.80
N VAL A 17 24.73 14.41 46.27
CA VAL A 17 23.85 14.44 45.13
C VAL A 17 22.64 13.55 45.31
N ILE A 18 21.47 14.11 45.02
CA ILE A 18 20.21 13.35 45.07
C ILE A 18 19.80 13.17 43.61
N ILE A 19 19.60 11.91 43.23
CA ILE A 19 19.21 11.58 41.87
C ILE A 19 17.69 11.33 41.83
N ILE A 20 16.98 12.15 41.07
CA ILE A 20 15.53 11.98 40.97
C ILE A 20 15.16 10.97 39.88
N GLY A 21 14.50 9.88 40.27
CA GLY A 21 14.08 8.87 39.32
C GLY A 21 15.00 7.67 39.29
N ALA A 22 14.47 6.47 39.46
CA ALA A 22 15.31 5.27 39.45
C ALA A 22 15.25 4.49 38.12
N GLY A 23 15.53 5.13 36.99
CA GLY A 23 15.52 4.39 35.73
C GLY A 23 16.96 3.96 35.48
N ILE A 24 17.23 3.17 34.45
CA ILE A 24 18.63 2.79 34.23
C ILE A 24 19.48 4.06 34.25
N SER A 25 18.90 5.19 33.87
CA SER A 25 19.62 6.46 33.82
C SER A 25 19.93 7.03 35.20
N GLY A 26 18.94 7.00 36.08
CA GLY A 26 19.17 7.50 37.43
C GLY A 26 20.13 6.57 38.15
N SER A 27 19.95 5.27 37.92
CA SER A 27 20.78 4.23 38.53
C SER A 27 22.22 4.30 38.05
N ALA A 28 22.40 4.55 36.76
CA ALA A 28 23.73 4.64 36.19
C ALA A 28 24.44 5.85 36.80
N ALA A 29 23.69 6.93 37.01
CA ALA A 29 24.24 8.15 37.58
C ALA A 29 24.61 7.88 39.03
N ALA A 30 23.74 7.11 39.71
CA ALA A 30 23.97 6.76 41.10
C ALA A 30 25.24 5.96 41.25
N LYS A 31 25.33 4.84 40.54
CA LYS A 31 26.53 4.02 40.63
C LYS A 31 27.76 4.84 40.28
N ALA A 32 27.62 5.72 39.29
CA ALA A 32 28.74 6.53 38.87
C ALA A 32 29.23 7.38 40.02
N LEU A 33 28.37 8.26 40.52
CA LEU A 33 28.76 9.11 41.62
C LEU A 33 29.23 8.34 42.85
N HIS A 34 28.60 7.21 43.15
CA HIS A 34 28.99 6.40 44.32
C HIS A 34 30.42 5.89 44.17
N ASP A 35 30.70 5.19 43.07
CA ASP A 35 32.03 4.67 42.83
C ASP A 35 33.08 5.77 42.89
N GLN A 36 32.67 6.98 42.50
CA GLN A 36 33.58 8.12 42.52
C GLN A 36 33.79 8.57 43.96
N GLY A 37 33.01 8.00 44.88
CA GLY A 37 33.16 8.34 46.28
C GLY A 37 32.26 9.45 46.81
N ALA A 38 31.28 9.87 46.02
CA ALA A 38 30.37 10.92 46.45
C ALA A 38 29.17 10.31 47.13
N SER A 39 28.56 11.08 48.04
CA SER A 39 27.38 10.59 48.74
C SER A 39 26.19 10.75 47.80
N VAL A 40 25.47 9.66 47.61
CA VAL A 40 24.35 9.64 46.70
C VAL A 40 23.02 9.23 47.35
N LEU A 41 21.93 9.76 46.83
CA LEU A 41 20.60 9.43 47.34
C LEU A 41 19.60 9.48 46.16
N VAL A 42 19.02 8.33 45.82
CA VAL A 42 18.06 8.26 44.71
C VAL A 42 16.63 8.31 45.22
N VAL A 43 15.85 9.24 44.68
CA VAL A 43 14.47 9.42 45.08
C VAL A 43 13.54 8.91 43.97
N GLU A 44 12.69 7.95 44.29
CA GLU A 44 11.76 7.38 43.31
C GLU A 44 10.29 7.74 43.54
N ALA A 45 9.54 7.88 42.44
CA ALA A 45 8.14 8.24 42.55
C ALA A 45 7.28 7.09 43.02
N ASN A 46 7.31 5.94 42.36
CA ASN A 46 6.46 4.87 42.85
C ASN A 46 7.18 3.75 43.58
N ASP A 47 6.59 2.56 43.56
CA ASP A 47 7.14 1.43 44.30
C ASP A 47 8.01 0.38 43.62
N ARG A 48 8.54 0.65 42.43
CA ARG A 48 9.40 -0.33 41.82
C ARG A 48 10.62 0.40 41.31
N ILE A 49 11.76 -0.27 41.31
CA ILE A 49 13.01 0.37 40.92
C ILE A 49 13.34 0.56 39.45
N GLY A 50 12.83 -0.26 38.55
CA GLY A 50 13.15 0.00 37.15
C GLY A 50 12.43 1.25 36.68
N GLY A 51 12.60 1.62 35.41
CA GLY A 51 11.87 2.78 34.91
C GLY A 51 10.93 2.26 33.84
N ARG A 52 11.20 2.64 32.60
CA ARG A 52 10.41 2.18 31.46
C ARG A 52 11.04 0.81 31.21
N THR A 53 11.74 0.36 32.25
CA THR A 53 12.43 -0.92 32.31
C THR A 53 11.72 -1.61 33.46
N TRP A 54 10.70 -2.40 33.10
CA TRP A 54 9.86 -3.10 34.08
C TRP A 54 9.97 -4.62 33.94
N THR A 55 10.40 -5.29 34.99
CA THR A 55 10.55 -6.74 34.95
C THR A 55 9.81 -7.46 36.04
N GLU A 56 9.39 -8.69 35.76
CA GLU A 56 8.70 -9.54 36.73
C GLU A 56 9.07 -11.01 36.47
N GLN A 57 9.96 -11.53 37.30
CA GLN A 57 10.43 -12.90 37.18
C GLN A 57 9.39 -13.88 37.73
N GLU A 58 8.41 -13.32 38.45
CA GLU A 58 7.33 -14.09 39.02
C GLU A 58 6.30 -14.31 37.92
N GLY A 59 6.53 -13.63 36.79
CA GLY A 59 5.68 -13.67 35.61
C GLY A 59 4.87 -14.92 35.33
N ALA A 60 3.54 -14.74 35.29
CA ALA A 60 2.59 -15.83 35.06
C ALA A 60 2.93 -16.85 33.95
N PRO A 61 3.88 -16.54 33.08
CA PRO A 61 4.13 -17.56 32.07
C PRO A 61 5.30 -18.43 32.49
N GLY A 62 6.02 -18.95 31.49
CA GLY A 62 7.16 -19.78 31.77
C GLY A 62 8.47 -19.06 31.54
N GLY A 63 8.78 -18.12 32.43
CA GLY A 63 10.00 -17.36 32.34
C GLY A 63 9.76 -15.95 32.83
N PRO A 64 10.82 -15.21 33.18
CA PRO A 64 10.60 -13.84 33.65
C PRO A 64 9.99 -13.06 32.49
N ILE A 65 9.32 -11.95 32.79
CA ILE A 65 8.71 -11.15 31.72
C ILE A 65 9.04 -9.66 31.85
N ASP A 66 9.29 -9.03 30.71
CA ASP A 66 9.60 -7.60 30.65
C ASP A 66 8.40 -6.84 30.10
N TYR A 67 7.87 -5.90 30.86
CA TYR A 67 6.73 -5.12 30.41
C TYR A 67 7.24 -3.85 29.76
N GLY A 68 8.53 -3.58 29.92
CA GLY A 68 9.13 -2.40 29.34
C GLY A 68 10.19 -2.77 28.34
N GLY A 69 11.24 -1.95 28.26
CA GLY A 69 12.32 -2.22 27.33
C GLY A 69 13.13 -3.42 27.70
N MET A 70 13.71 -4.09 26.70
CA MET A 70 14.51 -5.26 26.96
C MET A 70 15.55 -5.61 25.89
N PHE A 71 15.53 -4.93 24.75
CA PHE A 71 16.49 -5.27 23.71
C PHE A 71 17.82 -4.53 23.82
N ILE A 72 18.91 -5.26 23.62
CA ILE A 72 20.25 -4.68 23.69
C ILE A 72 20.79 -4.62 22.28
N GLY A 73 21.31 -3.44 21.90
CA GLY A 73 21.85 -3.27 20.58
C GLY A 73 23.29 -3.68 20.50
N GLU A 74 23.75 -4.11 19.33
CA GLU A 74 25.12 -4.55 19.20
C GLU A 74 26.12 -3.43 19.45
N THR A 75 25.75 -2.18 19.20
CA THR A 75 26.68 -1.09 19.48
C THR A 75 26.34 -0.45 20.81
N HIS A 76 25.52 -1.12 21.61
CA HIS A 76 25.11 -0.61 22.91
C HIS A 76 26.21 -0.83 23.95
N THR A 77 27.35 -0.28 23.61
CA THR A 77 28.56 -0.37 24.38
C THR A 77 28.49 -0.13 25.89
N HIS A 78 28.02 1.04 26.32
CA HIS A 78 27.93 1.38 27.74
C HIS A 78 27.00 0.49 28.56
N LEU A 79 25.85 0.17 27.98
CA LEU A 79 24.87 -0.68 28.65
C LEU A 79 25.46 -2.07 28.85
N ILE A 80 26.05 -2.62 27.80
CA ILE A 80 26.65 -3.95 27.88
C ILE A 80 27.68 -4.04 29.00
N GLU A 81 28.55 -3.04 29.09
CA GLU A 81 29.57 -3.04 30.14
C GLU A 81 28.90 -2.93 31.51
N LEU A 82 28.12 -1.88 31.73
CA LEU A 82 27.45 -1.71 33.00
C LEU A 82 26.84 -3.02 33.50
N GLY A 83 25.81 -3.48 32.79
CA GLY A 83 25.15 -4.71 33.18
C GLY A 83 26.04 -5.94 33.27
N THR A 84 27.08 -6.02 32.44
CA THR A 84 27.95 -7.18 32.48
C THR A 84 28.81 -7.16 33.75
N SER A 85 29.28 -5.98 34.12
CA SER A 85 30.10 -5.84 35.31
C SER A 85 29.21 -6.13 36.50
N LEU A 86 27.92 -5.82 36.37
CA LEU A 86 26.96 -6.07 37.43
C LEU A 86 26.75 -7.58 37.58
N GLY A 87 27.32 -8.36 36.66
CA GLY A 87 27.18 -9.80 36.72
C GLY A 87 26.11 -10.44 35.85
N LEU A 88 25.36 -9.62 35.13
CA LEU A 88 24.30 -10.13 34.26
C LEU A 88 24.95 -10.81 33.06
N GLU A 89 24.24 -11.77 32.47
CA GLU A 89 24.74 -12.51 31.32
C GLU A 89 23.77 -12.32 30.14
N MET A 90 24.29 -11.91 28.99
CA MET A 90 23.47 -11.67 27.80
C MET A 90 23.06 -12.95 27.05
N THR A 91 22.25 -12.78 26.01
CA THR A 91 21.78 -13.89 25.16
C THR A 91 21.22 -13.31 23.87
N PRO A 92 21.49 -13.95 22.74
CA PRO A 92 21.03 -13.53 21.41
C PRO A 92 19.52 -13.36 21.28
N SER A 93 19.11 -12.30 20.59
CA SER A 93 17.68 -12.05 20.42
C SER A 93 17.17 -12.64 19.10
N GLY A 94 17.80 -12.25 17.99
CA GLY A 94 17.41 -12.72 16.68
C GLY A 94 17.05 -14.19 16.57
N LYS A 95 16.24 -14.52 15.56
CA LYS A 95 15.82 -15.91 15.31
C LYS A 95 15.97 -16.27 13.85
N PRO A 96 16.25 -17.55 13.56
CA PRO A 96 16.43 -18.08 12.21
C PRO A 96 15.13 -18.15 11.44
N GLY A 97 15.15 -17.65 10.21
CA GLY A 97 13.93 -17.73 9.43
C GLY A 97 13.58 -16.50 8.64
N ASP A 98 12.47 -16.57 7.94
CA ASP A 98 12.00 -15.48 7.12
C ASP A 98 11.23 -14.47 7.96
N ASP A 99 11.50 -13.18 7.69
CA ASP A 99 10.80 -12.12 8.38
C ASP A 99 9.47 -12.00 7.63
N THR A 100 8.45 -11.50 8.29
CA THR A 100 7.17 -11.38 7.63
C THR A 100 6.69 -9.96 7.45
N TYR A 101 6.04 -9.72 6.33
CA TYR A 101 5.49 -8.41 6.05
C TYR A 101 4.03 -8.55 5.64
N ILE A 102 3.19 -7.70 6.22
CA ILE A 102 1.81 -7.68 5.86
C ILE A 102 1.59 -6.28 5.34
N VAL A 103 1.57 -6.17 4.03
CA VAL A 103 1.38 -4.90 3.35
C VAL A 103 0.00 -4.87 2.71
N ALA A 104 -0.86 -4.01 3.23
CA ALA A 104 -2.22 -3.89 2.73
C ALA A 104 -2.93 -5.23 2.83
N GLY A 105 -2.83 -5.84 4.01
CA GLY A 105 -3.48 -7.12 4.24
C GLY A 105 -2.87 -8.35 3.59
N ASN A 106 -1.86 -8.17 2.74
CA ASN A 106 -1.23 -9.31 2.10
C ASN A 106 0.01 -9.77 2.85
N VAL A 107 0.12 -11.09 3.02
CA VAL A 107 1.25 -11.69 3.72
C VAL A 107 2.43 -11.90 2.80
N LEU A 108 3.56 -11.28 3.12
CA LEU A 108 4.76 -11.43 2.31
C LEU A 108 5.90 -11.95 3.16
N ARG A 109 6.55 -13.02 2.69
CA ARG A 109 7.69 -13.58 3.42
C ARG A 109 8.95 -12.95 2.86
N ALA A 110 9.89 -12.67 3.75
CA ALA A 110 11.15 -12.06 3.36
C ALA A 110 12.32 -12.93 3.76
N PRO A 111 12.80 -13.73 2.81
CA PRO A 111 13.94 -14.56 3.21
C PRO A 111 15.20 -13.70 3.26
N ASP A 112 16.10 -13.94 4.22
CA ASP A 112 17.36 -13.18 4.27
C ASP A 112 17.04 -11.69 4.42
N ASP A 113 15.99 -11.42 5.20
CA ASP A 113 15.55 -10.06 5.48
C ASP A 113 15.20 -9.31 4.18
N GLN A 114 15.36 -9.99 3.05
CA GLN A 114 15.08 -9.40 1.74
C GLN A 114 13.73 -9.71 1.11
N LEU A 115 13.08 -8.67 0.57
CA LEU A 115 11.80 -8.81 -0.08
C LEU A 115 11.94 -8.99 -1.59
N ASP A 116 11.03 -9.76 -2.20
CA ASP A 116 11.09 -10.00 -3.64
C ASP A 116 11.20 -8.68 -4.40
N PRO A 117 12.34 -8.45 -5.06
CA PRO A 117 12.60 -7.24 -5.84
C PRO A 117 11.53 -6.99 -6.88
N ASN A 118 10.82 -8.03 -7.24
CA ASN A 118 9.78 -7.88 -8.26
C ASN A 118 8.51 -7.22 -7.75
N LEU A 119 8.28 -7.28 -6.44
CA LEU A 119 7.09 -6.63 -5.91
C LEU A 119 7.18 -5.18 -6.33
N PRO A 120 6.07 -4.62 -6.82
CA PRO A 120 6.06 -3.21 -7.26
C PRO A 120 6.51 -2.17 -6.24
N PHE A 121 6.17 -2.35 -4.97
CA PHE A 121 6.55 -1.35 -3.97
C PHE A 121 7.99 -1.42 -3.46
N VAL A 122 8.61 -2.60 -3.50
CA VAL A 122 9.98 -2.75 -2.97
C VAL A 122 11.01 -1.72 -3.44
N PRO A 123 11.08 -1.45 -4.74
CA PRO A 123 12.05 -0.47 -5.24
C PRO A 123 11.99 0.91 -4.52
N GLU A 124 10.84 1.57 -4.56
CA GLU A 124 10.71 2.87 -3.90
C GLU A 124 10.82 2.74 -2.38
N PHE A 125 10.61 1.55 -1.87
CA PHE A 125 10.73 1.33 -0.44
C PHE A 125 12.22 1.40 -0.10
N LEU A 126 13.04 0.79 -0.96
CA LEU A 126 14.48 0.78 -0.76
C LEU A 126 15.11 2.15 -0.99
N SER A 127 14.53 2.90 -1.91
CA SER A 127 15.01 4.24 -2.24
C SER A 127 14.62 5.25 -1.17
N SER A 128 13.35 5.26 -0.79
CA SER A 128 12.89 6.20 0.23
C SER A 128 13.68 5.98 1.52
N LEU A 129 13.98 4.72 1.81
CA LEU A 129 14.75 4.37 3.00
C LEU A 129 16.11 5.06 2.98
N LYS A 130 16.82 4.94 1.85
CA LYS A 130 18.13 5.56 1.69
C LYS A 130 17.97 7.07 1.80
N ALA A 131 16.97 7.59 1.10
CA ALA A 131 16.65 9.02 1.08
C ALA A 131 16.52 9.57 2.50
N LEU A 132 15.90 8.78 3.37
CA LEU A 132 15.71 9.12 4.78
C LEU A 132 17.05 9.20 5.49
N ASP A 133 17.86 8.15 5.35
CA ASP A 133 19.17 8.13 5.98
C ASP A 133 19.98 9.34 5.56
N GLU A 134 19.82 9.78 4.32
CA GLU A 134 20.56 10.94 3.85
C GLU A 134 20.12 12.16 4.62
N LEU A 135 18.81 12.35 4.69
CA LEU A 135 18.24 13.48 5.42
C LEU A 135 18.75 13.41 6.85
N ALA A 136 18.68 12.23 7.44
CA ALA A 136 19.15 12.05 8.80
C ALA A 136 20.61 12.52 8.92
N ASP A 137 21.44 12.17 7.94
CA ASP A 137 22.84 12.56 7.97
C ASP A 137 23.05 14.05 7.75
N SER A 138 22.15 14.72 7.03
CA SER A 138 22.32 16.14 6.80
C SER A 138 22.17 16.94 8.10
N VAL A 139 21.50 16.35 9.09
CA VAL A 139 21.32 16.97 10.39
C VAL A 139 21.88 15.91 11.33
N GLY A 140 22.94 16.23 12.07
CA GLY A 140 23.55 15.20 12.92
C GLY A 140 22.80 14.76 14.15
N TRP A 141 23.50 14.75 15.27
CA TRP A 141 22.91 14.37 16.53
C TRP A 141 23.45 15.34 17.58
N ASP A 142 24.50 16.04 17.19
CA ASP A 142 25.13 16.98 18.08
C ASP A 142 24.45 18.35 18.12
N GLN A 143 24.25 18.95 16.96
CA GLN A 143 23.63 20.26 16.88
C GLN A 143 22.48 20.25 15.90
N PRO A 144 21.62 19.22 15.95
CA PRO A 144 20.52 19.20 14.97
C PRO A 144 19.89 20.55 14.72
N TRP A 145 19.54 21.26 15.79
CA TRP A 145 18.91 22.57 15.71
C TRP A 145 19.78 23.59 15.01
N ALA A 146 21.04 23.21 14.77
CA ALA A 146 22.00 24.09 14.11
C ALA A 146 22.33 23.65 12.69
N SER A 147 21.94 22.44 12.33
CA SER A 147 22.22 21.91 11.00
C SER A 147 21.79 22.87 9.91
N PRO A 148 22.42 22.75 8.72
CA PRO A 148 22.24 23.52 7.49
C PRO A 148 20.83 23.95 7.18
N ASN A 149 19.83 23.19 7.58
CA ASN A 149 18.49 23.62 7.27
C ASN A 149 17.48 23.23 8.34
N ALA A 150 17.92 23.27 9.60
CA ALA A 150 17.07 22.91 10.72
C ALA A 150 15.72 23.61 10.71
N ALA A 151 15.76 24.94 10.76
CA ALA A 151 14.55 25.79 10.77
C ALA A 151 13.51 25.29 9.82
N ALA A 152 13.89 25.19 8.54
CA ALA A 152 13.01 24.73 7.50
C ALA A 152 12.43 23.38 7.91
N LEU A 153 13.32 22.43 8.14
CA LEU A 153 12.96 21.08 8.53
C LEU A 153 12.02 20.96 9.73
N ASP A 154 12.29 21.72 10.79
CA ASP A 154 11.46 21.68 12.01
C ASP A 154 10.10 22.34 11.77
N SER A 155 9.84 22.68 10.52
CA SER A 155 8.58 23.31 10.14
C SER A 155 7.62 22.32 9.49
N LYS A 156 8.17 21.31 8.80
CA LYS A 156 7.38 20.28 8.12
C LYS A 156 7.12 19.13 9.11
N THR A 157 6.17 18.26 8.80
CA THR A 157 5.90 17.09 9.64
C THR A 157 6.35 15.86 8.84
N VAL A 158 6.84 14.83 9.51
CA VAL A 158 7.29 13.63 8.80
C VAL A 158 6.19 13.15 7.85
N ALA A 159 4.98 13.59 8.13
CA ALA A 159 3.82 13.23 7.32
C ALA A 159 3.87 13.98 6.00
N THR A 160 3.89 15.31 6.05
CA THR A 160 3.92 16.05 4.80
C THR A 160 5.15 15.67 3.99
N TRP A 161 6.28 15.38 4.63
CA TRP A 161 7.46 15.00 3.87
C TRP A 161 7.20 13.71 3.10
N LEU A 162 6.64 12.70 3.77
CA LEU A 162 6.35 11.43 3.09
C LEU A 162 5.44 11.71 1.91
N ALA A 163 4.53 12.65 2.10
CA ALA A 163 3.61 13.01 1.05
C ALA A 163 4.35 13.63 -0.11
N GLU A 164 5.27 14.55 0.19
CA GLU A 164 6.03 15.23 -0.85
C GLU A 164 7.13 14.38 -1.49
N THR A 165 7.49 13.27 -0.85
CA THR A 165 8.60 12.49 -1.37
C THR A 165 8.31 11.06 -1.85
N ILE A 166 7.15 10.51 -1.53
CA ILE A 166 6.86 9.13 -1.92
C ILE A 166 5.58 8.96 -2.74
N GLU A 167 5.65 8.27 -3.87
CA GLU A 167 4.45 8.08 -4.68
C GLU A 167 3.54 6.98 -4.19
N SER A 168 4.12 5.80 -3.97
CA SER A 168 3.38 4.61 -3.52
C SER A 168 2.68 4.75 -2.18
N GLU A 169 1.43 4.31 -2.12
CA GLU A 169 0.69 4.39 -0.88
C GLU A 169 1.26 3.40 0.11
N GLU A 170 1.64 2.22 -0.36
CA GLU A 170 2.21 1.22 0.55
C GLU A 170 3.56 1.70 1.11
N VAL A 171 4.44 2.20 0.24
CA VAL A 171 5.72 2.69 0.72
C VAL A 171 5.41 3.75 1.78
N ARG A 172 4.45 4.62 1.46
CA ARG A 172 4.05 5.67 2.37
C ARG A 172 3.61 5.06 3.71
N ARG A 173 2.76 4.03 3.64
CA ARG A 173 2.26 3.37 4.83
C ARG A 173 3.33 2.65 5.64
N LEU A 174 4.04 1.69 5.05
CA LEU A 174 5.04 0.99 5.84
C LEU A 174 6.08 1.94 6.40
N HIS A 175 6.10 3.18 5.91
CA HIS A 175 7.02 4.17 6.45
C HIS A 175 6.31 4.66 7.70
N THR A 176 5.04 5.00 7.54
CA THR A 176 4.25 5.47 8.65
C THR A 176 4.31 4.49 9.84
N VAL A 177 4.03 3.22 9.58
CA VAL A 177 4.04 2.18 10.61
C VAL A 177 5.35 2.20 11.38
N ILE A 178 6.45 2.31 10.63
CA ILE A 178 7.78 2.35 11.22
C ILE A 178 7.86 3.50 12.23
N VAL A 179 7.47 4.70 11.80
CA VAL A 179 7.50 5.86 12.70
C VAL A 179 6.66 5.57 13.94
N ASN A 180 5.42 5.16 13.73
CA ASN A 180 4.52 4.88 14.83
C ASN A 180 5.02 3.92 15.88
N THR A 181 5.67 2.84 15.45
CA THR A 181 6.17 1.86 16.41
C THR A 181 7.52 2.22 16.99
N LEU A 182 8.37 2.85 16.19
CA LEU A 182 9.71 3.24 16.63
C LEU A 182 9.63 4.44 17.60
N LEU A 183 8.72 5.36 17.33
CA LEU A 183 8.46 6.51 18.20
C LEU A 183 7.10 6.11 18.70
N GLY A 184 6.53 6.84 19.63
CA GLY A 184 5.20 6.41 20.05
C GLY A 184 4.15 7.18 19.30
N ALA A 185 4.57 7.99 18.34
CA ALA A 185 3.68 8.84 17.57
C ALA A 185 3.57 8.53 16.09
N ASP A 186 2.62 9.21 15.45
CA ASP A 186 2.40 9.04 14.03
C ASP A 186 3.12 10.18 13.31
N PRO A 187 3.56 9.95 12.06
CA PRO A 187 4.25 11.05 11.37
C PRO A 187 3.48 12.37 11.25
N TYR A 188 2.17 12.35 11.43
CA TYR A 188 1.41 13.60 11.32
C TYR A 188 1.57 14.51 12.53
N GLU A 189 2.21 14.02 13.58
CA GLU A 189 2.41 14.83 14.79
C GLU A 189 3.87 14.95 15.18
N VAL A 190 4.76 14.52 14.29
CA VAL A 190 6.20 14.55 14.55
C VAL A 190 7.00 15.45 13.63
N SER A 191 7.83 16.31 14.21
CA SER A 191 8.68 17.18 13.40
C SER A 191 9.54 16.39 12.42
N LEU A 192 9.66 16.88 11.20
CA LEU A 192 10.49 16.21 10.23
C LEU A 192 11.93 16.27 10.73
N LEU A 193 12.33 17.44 11.24
CA LEU A 193 13.68 17.61 11.75
C LEU A 193 13.89 16.65 12.92
N TYR A 194 12.92 16.58 13.81
CA TYR A 194 13.07 15.69 14.95
C TYR A 194 13.26 14.24 14.51
N TRP A 195 12.60 13.80 13.43
CA TRP A 195 12.80 12.41 13.05
C TRP A 195 14.15 12.15 12.40
N ALA A 196 14.58 13.06 11.52
CA ALA A 196 15.87 12.89 10.86
C ALA A 196 16.88 12.78 11.99
N TYR A 197 16.69 13.63 13.00
CA TYR A 197 17.56 13.64 14.17
C TYR A 197 17.61 12.25 14.77
N TYR A 198 16.44 11.76 15.18
CA TYR A 198 16.31 10.45 15.78
C TYR A 198 16.97 9.35 14.96
N VAL A 199 16.66 9.31 13.67
CA VAL A 199 17.22 8.29 12.81
C VAL A 199 18.72 8.41 12.85
N SER A 200 19.20 9.66 12.87
CA SER A 200 20.64 9.88 12.89
C SER A 200 21.34 9.47 14.17
N GLU A 201 20.74 9.85 15.31
CA GLU A 201 21.33 9.56 16.62
C GLU A 201 21.19 8.11 17.08
N CYS A 202 20.60 7.27 16.24
CA CYS A 202 20.44 5.88 16.58
C CYS A 202 21.13 5.04 15.51
N GLU A 203 21.99 5.72 14.74
CA GLU A 203 22.78 5.11 13.69
C GLU A 203 22.00 4.57 12.47
N GLY A 204 21.09 5.36 11.92
CA GLY A 204 20.31 4.97 10.74
C GLY A 204 19.15 4.02 10.99
N ILE A 205 18.16 3.99 10.10
CA ILE A 205 17.02 3.09 10.33
C ILE A 205 17.41 1.65 10.17
N GLN A 206 18.40 1.39 9.32
CA GLN A 206 18.82 0.02 9.13
C GLN A 206 19.18 -0.60 10.49
N SER A 207 19.80 0.21 11.33
CA SER A 207 20.19 -0.18 12.68
C SER A 207 18.99 -0.13 13.60
N LEU A 208 18.18 0.91 13.41
CA LEU A 208 16.98 1.16 14.18
C LEU A 208 15.92 0.11 13.87
N MET A 209 15.92 -0.37 12.64
CA MET A 209 14.93 -1.36 12.20
C MET A 209 15.37 -2.83 12.17
N GLY A 210 16.61 -3.10 12.52
CA GLY A 210 17.11 -4.48 12.52
C GLY A 210 16.29 -5.43 13.38
N THR A 211 16.33 -6.72 13.05
CA THR A 211 15.57 -7.72 13.82
C THR A 211 16.49 -8.79 14.38
N ARG A 212 17.64 -8.95 13.74
CA ARG A 212 18.64 -9.94 14.12
C ARG A 212 19.76 -9.16 14.82
N ASP A 213 20.22 -8.10 14.17
CA ASP A 213 21.27 -7.24 14.69
C ASP A 213 20.73 -5.82 14.90
N GLY A 214 21.57 -4.82 14.72
CA GLY A 214 21.12 -3.45 14.92
C GLY A 214 20.73 -3.26 16.37
N ALA A 215 19.78 -2.37 16.63
CA ALA A 215 19.32 -2.12 17.99
C ALA A 215 18.69 -3.35 18.65
N GLN A 216 18.05 -4.20 17.85
CA GLN A 216 17.43 -5.41 18.38
C GLN A 216 18.41 -6.55 18.18
N TRP A 217 19.35 -6.70 19.10
CA TRP A 217 20.38 -7.72 18.95
C TRP A 217 20.57 -8.74 20.08
N ALA A 218 20.18 -8.40 21.30
CA ALA A 218 20.34 -9.34 22.42
C ALA A 218 19.62 -8.93 23.70
N TRP A 219 19.45 -9.90 24.59
CA TRP A 219 18.76 -9.67 25.86
C TRP A 219 19.58 -10.02 27.09
N TRP A 220 19.14 -9.49 28.23
CA TRP A 220 19.78 -9.78 29.51
C TRP A 220 19.06 -11.04 30.00
N PHE A 221 19.71 -12.19 29.82
CA PHE A 221 19.15 -13.46 30.25
C PHE A 221 18.85 -13.29 31.75
N GLY A 222 17.64 -12.82 32.05
CA GLY A 222 17.23 -12.60 33.43
C GLY A 222 16.20 -11.50 33.62
N GLY A 223 16.18 -10.53 32.70
CA GLY A 223 15.24 -9.42 32.81
C GLY A 223 16.02 -8.12 32.69
N ALA A 224 15.37 -7.09 32.13
CA ALA A 224 16.02 -5.80 31.93
C ALA A 224 16.05 -4.88 33.14
N ALA A 225 15.10 -5.03 34.04
CA ALA A 225 15.08 -4.18 35.22
C ALA A 225 16.26 -4.48 36.14
N GLN A 226 16.94 -5.61 35.90
CA GLN A 226 18.06 -6.01 36.73
C GLN A 226 19.23 -5.05 36.80
N VAL A 227 19.54 -4.34 35.71
CA VAL A 227 20.65 -3.40 35.75
C VAL A 227 20.38 -2.40 36.87
N SER A 228 19.13 -1.96 37.00
CA SER A 228 18.80 -1.03 38.04
C SER A 228 18.74 -1.67 39.41
N TRP A 229 18.24 -2.90 39.49
CA TRP A 229 18.18 -3.57 40.79
C TRP A 229 19.57 -3.87 41.31
N ARG A 230 20.37 -4.53 40.49
CA ARG A 230 21.72 -4.90 40.85
C ARG A 230 22.51 -3.66 41.27
N ILE A 231 22.29 -2.54 40.60
CA ILE A 231 22.99 -1.31 40.98
C ILE A 231 22.51 -0.95 42.38
N ALA A 232 21.20 -1.02 42.59
CA ALA A 232 20.59 -0.71 43.88
C ALA A 232 21.22 -1.59 44.97
N ASP A 233 21.24 -2.90 44.75
CA ASP A 233 21.82 -3.84 45.70
C ASP A 233 23.26 -3.45 46.02
N ALA A 234 24.06 -3.21 44.98
CA ALA A 234 25.46 -2.84 45.16
C ALA A 234 25.61 -1.53 45.95
N ILE A 235 25.20 -0.43 45.32
CA ILE A 235 25.27 0.88 45.94
C ILE A 235 24.61 0.97 47.34
N GLY A 236 23.68 0.07 47.65
CA GLY A 236 23.03 0.15 48.95
C GLY A 236 21.53 0.36 48.82
N ARG A 237 20.79 -0.75 48.77
CA ARG A 237 19.34 -0.76 48.62
C ARG A 237 18.56 0.26 49.45
N ASP A 238 19.21 0.82 50.46
CA ASP A 238 18.58 1.79 51.33
C ASP A 238 18.77 3.23 50.86
N LYS A 239 19.64 3.41 49.87
CA LYS A 239 19.90 4.74 49.34
C LYS A 239 18.87 5.10 48.28
N PHE A 240 17.90 4.21 48.10
CA PHE A 240 16.82 4.43 47.16
C PHE A 240 15.54 4.60 47.96
N LEU A 241 14.96 5.80 47.94
CA LEU A 241 13.72 6.05 48.68
C LEU A 241 12.52 5.95 47.74
N LEU A 242 11.93 4.76 47.62
CA LEU A 242 10.76 4.60 46.76
C LEU A 242 9.56 5.36 47.32
N GLU A 243 8.57 5.60 46.47
CA GLU A 243 7.37 6.33 46.88
C GLU A 243 7.69 7.70 47.46
N TRP A 244 8.67 8.36 46.84
CA TRP A 244 9.08 9.70 47.25
C TRP A 244 8.92 10.63 46.04
N PRO A 245 7.68 10.82 45.55
CA PRO A 245 7.43 11.68 44.39
C PRO A 245 7.85 13.10 44.66
N VAL A 246 8.78 13.60 43.84
CA VAL A 246 9.23 14.98 43.98
C VAL A 246 8.18 15.87 43.33
N ASP A 247 7.69 16.88 44.05
CA ASP A 247 6.69 17.76 43.45
C ASP A 247 7.14 19.21 43.38
N ARG A 248 8.19 19.57 44.09
CA ARG A 248 8.69 20.93 44.01
C ARG A 248 10.21 20.95 44.19
N ILE A 249 10.85 21.90 43.54
CA ILE A 249 12.29 22.01 43.59
C ILE A 249 12.77 23.44 43.75
N GLU A 250 13.32 23.73 44.92
CA GLU A 250 13.88 25.05 45.21
C GLU A 250 15.33 24.83 44.86
N HIS A 251 15.76 25.44 43.76
CA HIS A 251 17.12 25.28 43.28
C HIS A 251 17.85 26.58 43.28
N ASP A 252 18.59 26.89 44.35
CA ASP A 252 19.33 28.13 44.28
C ASP A 252 20.84 27.95 44.23
N GLU A 253 21.53 29.05 44.42
CA GLU A 253 22.97 29.08 44.31
C GLU A 253 23.85 28.23 45.19
N SER A 254 23.34 27.74 46.31
CA SER A 254 24.19 26.94 47.18
C SER A 254 23.89 25.46 47.16
N GLY A 255 22.77 25.11 46.54
CA GLY A 255 22.38 23.71 46.46
C GLY A 255 20.95 23.60 46.03
N VAL A 256 20.31 22.48 46.32
CA VAL A 256 18.93 22.31 45.94
C VAL A 256 18.11 21.63 47.03
N THR A 257 16.84 22.03 47.13
CA THR A 257 15.91 21.47 48.10
C THR A 257 14.74 20.81 47.38
N LEU A 258 14.61 19.50 47.59
CA LEU A 258 13.55 18.69 47.00
C LEU A 258 12.38 18.55 47.98
N PHE A 259 11.17 18.50 47.45
CA PHE A 259 9.98 18.36 48.30
C PHE A 259 9.05 17.28 47.81
N SER A 260 8.66 16.40 48.71
CA SER A 260 7.72 15.35 48.39
C SER A 260 6.58 15.57 49.39
N GLY A 261 5.76 16.58 49.10
CA GLY A 261 4.67 16.92 49.98
C GLY A 261 5.25 17.77 51.09
N GLN A 262 5.14 17.29 52.33
CA GLN A 262 5.69 18.00 53.48
C GLN A 262 7.11 17.52 53.70
N ARG A 263 7.43 16.36 53.11
CA ARG A 263 8.77 15.79 53.21
C ARG A 263 9.75 16.63 52.38
N SER A 264 11.03 16.57 52.71
CA SER A 264 12.03 17.32 51.94
C SER A 264 13.45 16.82 52.18
N LEU A 265 14.33 17.10 51.23
CA LEU A 265 15.73 16.71 51.29
C LEU A 265 16.56 17.85 50.71
N ARG A 266 17.88 17.77 50.83
CA ARG A 266 18.78 18.77 50.25
C ARG A 266 20.17 18.22 49.92
N ALA A 267 20.65 18.56 48.73
CA ALA A 267 21.95 18.12 48.27
C ALA A 267 22.60 19.29 47.55
N ARG A 268 23.91 19.22 47.35
CA ARG A 268 24.66 20.27 46.67
C ARG A 268 24.29 20.31 45.20
N HIS A 269 24.12 19.10 44.63
CA HIS A 269 23.75 18.92 43.23
C HIS A 269 22.67 17.86 43.15
N ILE A 270 21.79 17.98 42.16
CA ILE A 270 20.76 16.97 41.96
C ILE A 270 20.70 16.73 40.46
N VAL A 271 20.43 15.49 40.09
CA VAL A 271 20.31 15.11 38.68
C VAL A 271 18.89 14.60 38.49
N ILE A 272 18.14 15.28 37.63
CA ILE A 272 16.77 14.92 37.34
C ILE A 272 16.77 14.01 36.11
N ALA A 273 16.67 12.70 36.36
CA ALA A 273 16.72 11.65 35.35
C ALA A 273 15.39 11.04 34.95
N MET A 274 14.70 11.71 34.05
CA MET A 274 13.41 11.27 33.53
C MET A 274 13.11 11.96 32.21
N SER A 275 11.93 11.70 31.65
CA SER A 275 11.53 12.33 30.40
C SER A 275 11.19 13.80 30.65
N PRO A 276 11.39 14.66 29.65
CA PRO A 276 11.09 16.08 29.77
C PRO A 276 9.64 16.29 30.22
N LEU A 277 8.73 15.49 29.70
CA LEU A 277 7.33 15.61 30.09
C LEU A 277 7.11 15.32 31.57
N ALA A 278 7.68 14.22 32.05
CA ALA A 278 7.55 13.81 33.45
C ALA A 278 8.13 14.86 34.41
N ALA A 279 9.18 15.52 33.97
CA ALA A 279 9.83 16.53 34.78
C ALA A 279 9.03 17.81 34.81
N ASN A 280 8.19 18.03 33.80
CA ASN A 280 7.42 19.26 33.78
C ASN A 280 6.34 19.26 34.84
N GLN A 281 6.12 18.11 35.48
CA GLN A 281 5.12 18.00 36.53
C GLN A 281 5.61 18.58 37.85
N ILE A 282 6.92 18.80 37.92
CA ILE A 282 7.57 19.35 39.11
C ILE A 282 7.61 20.88 39.05
N ARG A 283 7.32 21.53 40.18
CA ARG A 283 7.37 22.99 40.24
C ARG A 283 8.80 23.43 40.53
N PHE A 284 9.25 24.49 39.86
CA PHE A 284 10.60 24.99 40.07
C PHE A 284 10.63 26.42 40.60
N GLU A 285 11.39 26.63 41.67
CA GLU A 285 11.57 27.96 42.24
C GLU A 285 13.07 28.24 42.35
N PRO A 286 13.57 29.24 41.61
CA PRO A 286 12.78 30.06 40.70
C PRO A 286 12.38 29.29 39.46
N ALA A 287 11.64 29.95 38.58
CA ALA A 287 11.20 29.31 37.36
C ALA A 287 12.40 28.97 36.48
N LEU A 288 12.23 27.92 35.67
CA LEU A 288 13.27 27.48 34.75
C LEU A 288 13.33 28.49 33.61
N PRO A 289 14.52 28.69 33.02
CA PRO A 289 14.59 29.65 31.91
C PRO A 289 13.66 29.22 30.77
N THR A 290 12.94 30.18 30.21
CA THR A 290 12.00 29.94 29.14
C THR A 290 12.42 28.85 28.14
N SER A 291 13.72 28.71 27.89
CA SER A 291 14.25 27.71 26.95
C SER A 291 13.89 26.27 27.35
N ARG A 292 14.27 25.89 28.56
CA ARG A 292 13.99 24.56 29.07
C ARG A 292 12.48 24.46 29.35
N ALA A 293 11.93 25.56 29.85
CA ALA A 293 10.51 25.64 30.16
C ALA A 293 9.72 25.13 28.96
N GLN A 294 9.96 25.74 27.82
CA GLN A 294 9.31 25.37 26.56
C GLN A 294 9.60 23.92 26.18
N LEU A 295 10.87 23.53 26.24
CA LEU A 295 11.25 22.17 25.87
C LEU A 295 10.54 21.05 26.64
N GLN A 296 10.48 21.16 27.96
CA GLN A 296 9.83 20.07 28.70
C GLN A 296 8.34 20.23 28.76
N ALA A 297 7.85 21.35 28.26
CA ALA A 297 6.44 21.61 28.23
C ALA A 297 5.87 21.31 26.85
N ARG A 298 6.76 21.17 25.86
CA ARG A 298 6.32 20.90 24.50
C ARG A 298 6.92 19.64 23.89
N ALA A 299 7.40 18.74 24.74
CA ALA A 299 7.99 17.49 24.27
C ALA A 299 7.20 16.33 24.87
N PRO A 300 6.18 15.86 24.14
CA PRO A 300 5.33 14.75 24.58
C PRO A 300 5.95 13.36 24.50
N MET A 301 5.28 12.42 25.15
CA MET A 301 5.68 11.02 25.14
C MET A 301 4.75 10.30 24.14
N GLY A 302 5.25 9.27 23.47
CA GLY A 302 4.42 8.57 22.52
C GLY A 302 3.28 7.85 23.19
N ARG A 303 2.53 7.06 22.43
CA ARG A 303 1.43 6.29 22.97
C ARG A 303 1.86 4.89 22.58
N TYR A 304 1.66 3.90 23.44
CA TYR A 304 2.19 2.58 23.10
C TYR A 304 1.56 1.43 23.88
N TYR A 305 1.52 0.27 23.22
CA TYR A 305 1.01 -0.96 23.81
C TYR A 305 2.14 -1.97 23.67
N LYS A 306 2.39 -2.77 24.69
CA LYS A 306 3.38 -3.84 24.52
C LYS A 306 2.59 -5.11 24.77
N VAL A 307 2.40 -5.88 23.71
CA VAL A 307 1.65 -7.12 23.81
C VAL A 307 2.56 -8.33 23.71
N GLN A 308 2.24 -9.36 24.49
CA GLN A 308 3.02 -10.58 24.51
C GLN A 308 2.12 -11.80 24.57
N ALA A 309 2.42 -12.81 23.76
CA ALA A 309 1.64 -14.05 23.72
C ALA A 309 2.58 -15.23 23.96
N ARG A 310 2.28 -16.09 24.93
CA ARG A 310 3.16 -17.23 25.18
C ARG A 310 2.52 -18.58 24.84
N TYR A 311 3.28 -19.39 24.11
CA TYR A 311 2.86 -20.70 23.65
C TYR A 311 3.82 -21.79 24.13
N PRO A 312 3.40 -23.06 24.06
CA PRO A 312 4.26 -24.17 24.51
C PRO A 312 5.48 -24.40 23.61
N SER A 313 5.32 -24.15 22.31
CA SER A 313 6.41 -24.31 21.34
C SER A 313 6.53 -23.08 20.45
N SER A 314 7.71 -22.88 19.88
CA SER A 314 7.92 -21.74 18.98
C SER A 314 7.48 -22.18 17.60
N PHE A 315 6.18 -22.39 17.42
CA PHE A 315 5.65 -22.86 16.14
C PHE A 315 5.98 -21.97 14.95
N TRP A 316 6.58 -20.81 15.22
CA TRP A 316 6.94 -19.93 14.12
C TRP A 316 8.37 -20.22 13.68
N VAL A 317 9.29 -20.36 14.64
CA VAL A 317 10.66 -20.67 14.28
C VAL A 317 10.67 -22.05 13.66
N GLU A 318 9.94 -22.97 14.29
CA GLU A 318 9.83 -24.36 13.84
C GLU A 318 9.14 -24.51 12.49
N GLN A 319 8.56 -23.44 11.99
CA GLN A 319 7.90 -23.51 10.69
C GLN A 319 8.70 -22.71 9.67
N GLY A 320 9.83 -22.17 10.10
CA GLY A 320 10.69 -21.43 9.19
C GLY A 320 10.60 -19.92 9.23
N TYR A 321 9.96 -19.37 10.27
CA TYR A 321 9.82 -17.92 10.39
C TYR A 321 10.56 -17.39 11.62
N SER A 322 11.18 -16.23 11.44
CA SER A 322 11.94 -15.60 12.51
C SER A 322 10.98 -15.12 13.61
N GLY A 323 9.73 -14.91 13.24
CA GLY A 323 8.77 -14.43 14.20
C GLY A 323 8.72 -12.91 14.12
N ALA A 324 9.58 -12.35 13.28
CA ALA A 324 9.60 -10.90 13.10
C ALA A 324 8.49 -10.57 12.11
N LEU A 325 7.79 -9.47 12.35
CA LEU A 325 6.71 -9.08 11.46
C LEU A 325 6.45 -7.58 11.47
N LEU A 326 6.11 -7.05 10.31
CA LEU A 326 5.82 -5.63 10.16
C LEU A 326 4.48 -5.59 9.43
N ASP A 327 3.46 -5.08 10.10
CA ASP A 327 2.11 -5.00 9.54
C ASP A 327 1.66 -3.56 9.38
N THR A 328 1.28 -3.17 8.16
CA THR A 328 0.84 -1.80 7.91
C THR A 328 -0.63 -1.46 8.14
N GLU A 329 -1.53 -2.43 8.05
CA GLU A 329 -2.95 -2.12 8.23
C GLU A 329 -3.85 -3.02 9.07
N ASP A 330 -3.55 -4.31 9.12
CA ASP A 330 -4.37 -5.22 9.90
C ASP A 330 -4.48 -4.75 11.34
N VAL A 331 -3.34 -4.43 11.93
CA VAL A 331 -3.31 -3.94 13.30
C VAL A 331 -2.44 -2.69 13.39
N GLY A 332 -1.28 -2.74 12.74
CA GLY A 332 -0.35 -1.62 12.79
C GLY A 332 0.62 -1.97 13.90
N VAL A 333 1.42 -3.00 13.65
CA VAL A 333 2.36 -3.48 14.66
C VAL A 333 3.66 -4.06 14.11
N PHE A 334 4.69 -4.03 14.95
CA PHE A 334 5.99 -4.59 14.63
C PHE A 334 6.01 -5.81 15.54
N LEU A 335 6.48 -6.93 15.02
CA LEU A 335 6.49 -8.16 15.78
C LEU A 335 7.88 -8.78 15.89
N LEU A 336 8.21 -9.31 17.06
CA LEU A 336 9.50 -9.93 17.27
C LEU A 336 9.39 -11.10 18.23
N ASP A 337 10.29 -12.06 18.08
CA ASP A 337 10.32 -13.22 18.97
C ASP A 337 10.91 -12.77 20.33
N GLY A 338 10.53 -13.46 21.41
CA GLY A 338 11.06 -13.10 22.71
C GLY A 338 11.36 -14.36 23.51
N THR A 339 11.75 -15.42 22.81
CA THR A 339 12.03 -16.72 23.42
C THR A 339 13.49 -16.94 23.81
N LYS A 340 13.83 -16.73 25.08
CA LYS A 340 15.21 -16.97 25.50
C LYS A 340 15.32 -18.45 25.93
N PRO A 341 16.43 -19.15 25.55
CA PRO A 341 16.70 -20.56 25.84
C PRO A 341 16.27 -21.00 27.23
N THR A 342 16.32 -20.06 28.15
CA THR A 342 15.95 -20.30 29.53
C THR A 342 14.44 -20.49 29.70
N ASP A 343 13.64 -19.67 29.02
CA ASP A 343 12.19 -19.74 29.13
C ASP A 343 11.71 -21.16 28.89
N THR A 344 10.59 -21.51 29.52
CA THR A 344 10.01 -22.85 29.37
C THR A 344 9.07 -22.90 28.17
N LEU A 345 8.33 -21.80 27.93
CA LEU A 345 7.43 -21.75 26.79
C LEU A 345 7.71 -20.52 25.92
N ALA A 346 7.59 -20.70 24.60
CA ALA A 346 7.85 -19.66 23.60
C ALA A 346 6.99 -18.40 23.72
N THR A 347 7.57 -17.28 23.32
CA THR A 347 6.85 -16.03 23.42
C THR A 347 7.08 -15.10 22.21
N LEU A 348 5.97 -14.65 21.64
CA LEU A 348 5.96 -13.76 20.49
C LEU A 348 5.54 -12.42 21.08
N ILE A 349 6.12 -11.34 20.59
CA ILE A 349 5.81 -10.03 21.14
C ILE A 349 5.62 -8.93 20.09
N GLY A 350 4.62 -8.08 20.31
CA GLY A 350 4.37 -7.01 19.37
C GLY A 350 4.27 -5.63 20.00
N PHE A 351 4.45 -4.62 19.16
CA PHE A 351 4.37 -3.24 19.60
C PHE A 351 3.42 -2.41 18.75
N ILE A 352 2.43 -1.84 19.42
CA ILE A 352 1.44 -0.97 18.79
C ILE A 352 1.62 0.42 19.40
N GLY A 353 1.87 1.41 18.54
CA GLY A 353 2.06 2.76 19.04
C GLY A 353 1.41 3.81 18.16
N GLY A 354 1.51 5.05 18.63
CA GLY A 354 0.94 6.17 17.89
C GLY A 354 -0.53 6.06 17.55
N SER A 355 -0.85 6.39 16.32
CA SER A 355 -2.22 6.32 15.82
C SER A 355 -2.77 4.90 15.88
N ASN A 356 -1.87 3.92 15.89
CA ASN A 356 -2.27 2.53 15.97
C ASN A 356 -2.74 2.25 17.39
N TYR A 357 -2.04 2.81 18.37
CA TYR A 357 -2.45 2.64 19.76
C TYR A 357 -3.85 3.23 19.81
N ASP A 358 -3.95 4.44 19.27
CA ASP A 358 -5.19 5.18 19.20
C ASP A 358 -6.37 4.33 18.73
N ARG A 359 -6.25 3.75 17.55
CA ARG A 359 -7.34 2.95 17.02
C ARG A 359 -7.69 1.77 17.92
N TRP A 360 -6.68 1.11 18.46
CA TRP A 360 -6.94 -0.04 19.30
C TRP A 360 -7.38 0.27 20.73
N ALA A 361 -6.88 1.36 21.30
CA ALA A 361 -7.28 1.70 22.65
C ALA A 361 -8.79 2.01 22.58
N ALA A 362 -9.27 2.28 21.38
CA ALA A 362 -10.68 2.60 21.17
C ALA A 362 -11.57 1.38 21.37
N HIS A 363 -11.00 0.17 21.20
CA HIS A 363 -11.78 -1.04 21.38
C HIS A 363 -11.65 -1.56 22.80
N THR A 364 -12.27 -2.70 23.05
CA THR A 364 -12.23 -3.31 24.37
C THR A 364 -10.94 -4.11 24.45
N PRO A 365 -10.53 -4.46 25.68
CA PRO A 365 -9.31 -5.23 25.91
C PRO A 365 -9.32 -6.56 25.17
N GLN A 366 -10.44 -7.27 25.23
CA GLN A 366 -10.55 -8.56 24.55
C GLN A 366 -10.60 -8.38 23.05
N GLU A 367 -11.23 -7.31 22.60
CA GLU A 367 -11.30 -7.05 21.17
C GLU A 367 -9.88 -6.97 20.63
N ARG A 368 -9.01 -6.31 21.39
CA ARG A 368 -7.62 -6.14 21.02
C ARG A 368 -6.89 -7.47 20.98
N GLU A 369 -7.07 -8.27 22.02
CA GLU A 369 -6.40 -9.55 22.10
C GLU A 369 -6.71 -10.43 20.91
N ARG A 370 -7.97 -10.46 20.47
CA ARG A 370 -8.31 -11.31 19.34
C ARG A 370 -7.73 -10.76 18.05
N ALA A 371 -7.77 -9.45 17.93
CA ALA A 371 -7.24 -8.79 16.77
C ALA A 371 -5.79 -9.21 16.64
N PHE A 372 -5.10 -9.26 17.78
CA PHE A 372 -3.70 -9.64 17.83
C PHE A 372 -3.55 -11.09 17.45
N LEU A 373 -4.22 -11.96 18.18
CA LEU A 373 -4.16 -13.39 17.92
C LEU A 373 -4.58 -13.74 16.49
N ASP A 374 -5.55 -12.99 15.95
CA ASP A 374 -5.98 -13.25 14.60
C ASP A 374 -4.84 -12.96 13.63
N LEU A 375 -4.14 -11.87 13.87
CA LEU A 375 -3.01 -11.48 13.04
C LEU A 375 -1.97 -12.59 13.10
N LEU A 376 -1.63 -12.98 14.33
CA LEU A 376 -0.67 -14.05 14.55
C LEU A 376 -1.08 -15.31 13.77
N VAL A 377 -2.37 -15.64 13.86
CA VAL A 377 -2.85 -16.81 13.16
C VAL A 377 -2.64 -16.74 11.67
N LYS A 378 -2.97 -15.60 11.08
CA LYS A 378 -2.83 -15.46 9.63
C LYS A 378 -1.39 -15.34 9.19
N ALA A 379 -0.49 -15.19 10.16
CA ALA A 379 0.93 -15.04 9.87
C ALA A 379 1.74 -16.29 10.16
N PHE A 380 1.43 -16.99 11.24
CA PHE A 380 2.20 -18.18 11.60
C PHE A 380 1.41 -19.46 11.79
N GLY A 381 0.15 -19.46 11.37
CA GLY A 381 -0.63 -20.67 11.51
C GLY A 381 -1.69 -20.63 12.60
N PRO A 382 -2.52 -21.68 12.67
CA PRO A 382 -3.61 -21.83 13.65
C PRO A 382 -3.14 -22.13 15.06
N GLN A 383 -1.88 -22.47 15.22
CA GLN A 383 -1.36 -22.78 16.55
C GLN A 383 -1.32 -21.51 17.40
N ALA A 384 -1.47 -20.36 16.76
CA ALA A 384 -1.43 -19.08 17.46
C ALA A 384 -2.78 -18.71 18.06
N ALA A 385 -3.82 -19.35 17.55
CA ALA A 385 -5.18 -19.08 17.99
C ALA A 385 -5.42 -19.23 19.47
N ASP A 386 -4.77 -20.22 20.09
CA ASP A 386 -4.98 -20.44 21.51
C ASP A 386 -3.70 -20.42 22.35
N PRO A 387 -3.26 -19.22 22.79
CA PRO A 387 -2.04 -19.10 23.59
C PRO A 387 -2.18 -19.57 25.04
N SER A 388 -1.04 -19.82 25.68
CA SER A 388 -1.02 -20.29 27.07
C SER A 388 -1.06 -19.10 28.00
N TYR A 389 -0.53 -17.98 27.53
CA TYR A 389 -0.51 -16.75 28.31
C TYR A 389 -0.58 -15.57 27.36
N PHE A 390 -1.27 -14.53 27.79
CA PHE A 390 -1.38 -13.32 26.98
C PHE A 390 -1.46 -12.13 27.93
N HIS A 391 -0.66 -11.11 27.64
CA HIS A 391 -0.65 -9.94 28.48
C HIS A 391 -0.37 -8.73 27.61
N GLU A 392 -1.00 -7.62 27.95
CA GLU A 392 -0.79 -6.37 27.24
C GLU A 392 -0.54 -5.35 28.32
N THR A 393 0.33 -4.41 28.05
CA THR A 393 0.60 -3.36 29.00
C THR A 393 0.53 -2.02 28.25
N ASP A 394 -0.44 -1.21 28.65
CA ASP A 394 -0.65 0.10 28.05
C ASP A 394 0.29 1.06 28.73
N TRP A 395 1.02 1.84 27.96
CA TRP A 395 1.97 2.76 28.56
C TRP A 395 1.54 4.20 28.49
N THR A 396 0.59 4.50 27.60
CA THR A 396 0.15 5.87 27.42
C THR A 396 -0.67 6.41 28.59
N GLN A 397 -1.04 5.51 29.49
CA GLN A 397 -1.83 5.90 30.64
C GLN A 397 -1.09 5.51 31.94
N GLN A 398 0.19 5.18 31.80
CA GLN A 398 1.02 4.81 32.95
C GLN A 398 1.23 6.06 33.76
N GLU A 399 0.93 5.99 35.06
CA GLU A 399 1.07 7.14 35.93
C GLU A 399 2.34 7.98 35.80
N TRP A 400 3.49 7.33 35.87
CA TRP A 400 4.73 8.08 35.84
C TRP A 400 5.42 8.20 34.48
N ALA A 401 5.35 7.15 33.67
CA ALA A 401 5.94 7.21 32.34
C ALA A 401 5.11 8.19 31.54
N LYS A 402 3.81 8.14 31.75
CA LYS A 402 2.88 9.01 31.07
C LYS A 402 2.94 8.83 29.56
N GLY A 403 3.63 7.81 29.10
CA GLY A 403 3.69 7.67 27.66
C GLY A 403 4.37 6.49 27.01
N GLY A 404 4.26 6.52 25.67
CA GLY A 404 4.78 5.53 24.74
C GLY A 404 6.16 4.99 25.02
N PRO A 405 6.96 4.69 23.99
CA PRO A 405 8.30 4.16 24.29
C PRO A 405 9.33 5.25 24.55
N VAL A 406 9.17 6.37 23.86
CA VAL A 406 10.14 7.45 24.00
C VAL A 406 9.44 8.80 23.86
N THR A 407 10.21 9.87 24.05
CA THR A 407 9.69 11.22 23.89
C THR A 407 9.78 11.54 22.39
N TYR A 408 8.97 12.48 21.92
CA TYR A 408 9.02 12.87 20.52
C TYR A 408 8.67 14.35 20.45
N MET A 409 8.77 14.95 19.27
CA MET A 409 8.49 16.37 19.15
C MET A 409 7.74 16.81 17.91
N PRO A 410 6.88 17.81 18.09
CA PRO A 410 6.07 18.38 17.01
C PRO A 410 6.90 19.48 16.36
N PRO A 411 6.46 19.97 15.20
CA PRO A 411 7.22 21.05 14.57
C PRO A 411 7.34 22.27 15.48
N GLY A 412 8.51 22.90 15.46
CA GLY A 412 8.71 24.09 16.27
C GLY A 412 9.47 24.04 17.58
N VAL A 413 9.81 22.85 18.08
CA VAL A 413 10.54 22.83 19.35
C VAL A 413 11.99 22.41 19.27
N LEU A 414 12.30 21.27 18.65
CA LEU A 414 13.70 20.83 18.59
C LEU A 414 14.62 21.94 18.08
N ALA A 415 14.21 22.58 16.99
CA ALA A 415 15.00 23.64 16.39
C ALA A 415 15.26 24.86 17.27
N ASN A 416 14.33 25.14 18.19
CA ASN A 416 14.44 26.32 19.07
C ASN A 416 14.73 26.11 20.56
N PHE A 417 14.70 24.86 21.04
CA PHE A 417 14.96 24.59 22.46
C PHE A 417 15.74 23.29 22.68
N GLY A 418 16.06 22.61 21.58
CA GLY A 418 16.79 21.35 21.67
C GLY A 418 17.96 21.42 22.63
N ALA A 419 18.65 22.56 22.62
CA ALA A 419 19.80 22.78 23.49
C ALA A 419 19.44 22.51 24.95
N ALA A 420 18.22 22.89 25.32
CA ALA A 420 17.73 22.72 26.69
C ALA A 420 17.58 21.23 27.07
N LEU A 421 17.73 20.34 26.09
CA LEU A 421 17.65 18.91 26.34
C LEU A 421 18.85 18.44 27.14
N ARG A 422 19.90 19.25 27.14
CA ARG A 422 21.15 18.87 27.81
C ARG A 422 21.74 19.84 28.86
N ASP A 423 21.78 21.13 28.54
CA ASP A 423 22.34 22.13 29.45
C ASP A 423 21.76 22.08 30.85
N PRO A 424 22.60 22.30 31.86
CA PRO A 424 22.13 22.27 33.24
C PRO A 424 21.58 23.66 33.61
N VAL A 425 20.95 23.74 34.78
CA VAL A 425 20.40 24.98 35.27
C VAL A 425 20.91 25.06 36.72
N GLY A 426 21.92 25.89 36.94
CA GLY A 426 22.47 25.99 38.28
C GLY A 426 22.99 24.63 38.69
N LYS A 427 22.59 24.15 39.86
CA LYS A 427 23.06 22.84 40.30
C LYS A 427 22.16 21.71 39.83
N VAL A 428 21.16 22.02 39.02
CA VAL A 428 20.30 20.95 38.54
C VAL A 428 20.87 20.42 37.22
N HIS A 429 21.07 19.11 37.17
CA HIS A 429 21.62 18.47 35.98
C HIS A 429 20.61 17.54 35.33
N PHE A 430 20.62 17.46 34.00
CA PHE A 430 19.67 16.59 33.33
C PHE A 430 20.18 15.28 32.79
N ALA A 431 19.61 14.19 33.28
CA ALA A 431 19.98 12.87 32.82
C ALA A 431 18.77 12.30 32.09
N GLY A 432 18.64 10.97 32.06
CA GLY A 432 17.51 10.38 31.37
C GLY A 432 17.85 10.27 29.90
N THR A 433 17.58 9.10 29.33
CA THR A 433 17.90 8.81 27.94
C THR A 433 17.77 9.98 26.97
N GLU A 434 16.75 10.81 27.14
CA GLU A 434 16.57 11.93 26.23
C GLU A 434 17.70 12.98 26.26
N ALA A 435 18.60 12.86 27.23
CA ALA A 435 19.71 13.81 27.36
C ALA A 435 21.00 13.30 26.70
N SER A 436 21.04 12.02 26.40
CA SER A 436 22.22 11.43 25.78
C SER A 436 22.45 12.08 24.43
N PHE A 437 23.69 12.06 23.97
CA PHE A 437 24.02 12.64 22.68
C PHE A 437 23.54 11.67 21.62
N GLN A 438 23.74 10.39 21.90
CA GLN A 438 23.35 9.33 20.98
C GLN A 438 22.50 8.29 21.69
N TRP A 439 21.59 7.68 20.95
CA TRP A 439 20.69 6.68 21.50
C TRP A 439 19.67 7.25 22.48
N SER A 440 19.42 8.55 22.39
CA SER A 440 18.44 9.20 23.25
C SER A 440 17.11 8.56 22.87
N GLY A 441 16.55 7.78 23.79
CA GLY A 441 15.29 7.10 23.54
C GLY A 441 15.41 5.63 23.89
N TYR A 442 16.62 5.10 23.76
CA TYR A 442 16.90 3.70 24.07
C TYR A 442 17.59 3.62 25.43
N MET A 443 17.74 2.40 25.95
CA MET A 443 18.40 2.23 27.23
C MET A 443 19.84 2.74 27.18
N GLU A 444 20.58 2.32 26.15
CA GLU A 444 21.96 2.78 25.98
C GLU A 444 22.04 4.25 26.34
N GLY A 445 21.06 5.01 25.83
CA GLY A 445 21.01 6.44 26.06
C GLY A 445 20.86 6.79 27.54
N GLY A 446 19.97 6.09 28.22
CA GLY A 446 19.76 6.37 29.63
C GLY A 446 21.05 6.23 30.41
N VAL A 447 21.78 5.14 30.15
CA VAL A 447 23.04 4.87 30.83
C VAL A 447 24.01 6.01 30.56
N ARG A 448 24.35 6.21 29.29
CA ARG A 448 25.27 7.28 28.93
C ARG A 448 24.86 8.64 29.51
N ALA A 449 23.60 9.00 29.31
CA ALA A 449 23.08 10.26 29.81
C ALA A 449 23.34 10.41 31.29
N GLY A 450 23.08 9.34 32.04
CA GLY A 450 23.28 9.36 33.47
C GLY A 450 24.73 9.30 33.91
N GLN A 451 25.59 8.74 33.08
CA GLN A 451 27.00 8.67 33.43
C GLN A 451 27.65 10.01 33.09
N LYS A 452 27.18 10.59 32.00
CA LYS A 452 27.68 11.89 31.56
C LYS A 452 27.30 12.92 32.64
N ALA A 453 26.05 12.88 33.08
CA ALA A 453 25.57 13.78 34.12
C ALA A 453 26.42 13.67 35.38
N ALA A 454 26.76 12.44 35.76
CA ALA A 454 27.57 12.18 36.95
C ALA A 454 29.00 12.72 36.81
N ALA A 455 29.61 12.43 35.67
CA ALA A 455 30.96 12.88 35.38
C ALA A 455 31.04 14.39 35.54
N ALA A 456 29.95 15.05 35.16
CA ALA A 456 29.88 16.50 35.24
C ALA A 456 29.82 17.01 36.67
N ILE A 457 29.01 16.35 37.48
CA ILE A 457 28.85 16.74 38.88
C ILE A 457 30.09 16.35 39.67
N ALA A 458 30.76 15.29 39.28
CA ALA A 458 31.97 14.88 39.99
C ALA A 458 33.05 15.95 39.83
N GLU A 459 33.19 16.51 38.62
CA GLU A 459 34.18 17.54 38.36
C GLU A 459 33.82 18.83 39.09
N GLU A 460 32.51 19.03 39.30
CA GLU A 460 32.02 20.21 39.99
C GLU A 460 32.32 20.11 41.49
N LEU A 461 32.58 18.88 41.94
CA LEU A 461 32.88 18.60 43.34
C LEU A 461 34.35 18.85 43.67
N GLU A 462 35.22 18.65 42.70
CA GLU A 462 36.64 18.90 42.94
C GLU A 462 36.91 20.39 42.73
N ARG A 463 35.84 21.18 42.74
CA ARG A 463 35.92 22.63 42.56
C ARG A 463 36.08 23.00 41.09
N PRO B 13 74.55 48.66 20.42
CA PRO B 13 74.35 47.28 19.91
C PRO B 13 74.87 46.24 20.90
N ASP B 14 73.98 45.68 21.70
CA ASP B 14 74.39 44.70 22.70
C ASP B 14 74.88 43.40 22.08
N VAL B 15 74.26 43.00 20.98
CA VAL B 15 74.66 41.76 20.34
C VAL B 15 74.50 41.98 18.83
N ASP B 16 75.05 41.06 18.03
CA ASP B 16 74.96 41.16 16.56
C ASP B 16 73.55 40.96 16.10
N VAL B 17 72.96 39.84 16.51
CA VAL B 17 71.61 39.50 16.14
C VAL B 17 70.81 38.98 17.31
N ILE B 18 69.60 39.53 17.47
CA ILE B 18 68.68 39.08 18.50
C ILE B 18 67.58 38.32 17.76
N ILE B 19 67.36 37.08 18.18
CA ILE B 19 66.35 36.23 17.58
C ILE B 19 65.09 36.23 18.45
N ILE B 20 63.98 36.72 17.90
CA ILE B 20 62.75 36.75 18.68
C ILE B 20 61.98 35.43 18.55
N GLY B 21 61.78 34.76 19.68
CA GLY B 21 61.05 33.50 19.70
C GLY B 21 61.96 32.29 19.74
N ALA B 22 61.75 31.40 20.70
CA ALA B 22 62.59 30.22 20.80
C ALA B 22 61.94 28.93 20.26
N GLY B 23 61.49 28.93 19.01
CA GLY B 23 60.91 27.72 18.45
C GLY B 23 62.03 27.01 17.72
N ILE B 24 61.81 25.81 17.20
CA ILE B 24 62.90 25.15 16.48
C ILE B 24 63.47 26.14 15.47
N SER B 25 62.63 27.04 14.98
CA SER B 25 63.06 28.03 13.98
C SER B 25 63.98 29.10 14.54
N GLY B 26 63.63 29.63 15.70
CA GLY B 26 64.47 30.65 16.31
C GLY B 26 65.78 30.01 16.75
N SER B 27 65.67 28.79 17.28
CA SER B 27 66.82 28.03 17.76
C SER B 27 67.75 27.64 16.64
N ALA B 28 67.18 27.25 15.50
CA ALA B 28 67.98 26.87 14.36
C ALA B 28 68.76 28.08 13.86
N ALA B 29 68.10 29.24 13.90
CA ALA B 29 68.71 30.49 13.46
C ALA B 29 69.83 30.85 14.44
N ALA B 30 69.56 30.63 15.71
CA ALA B 30 70.54 30.91 16.76
C ALA B 30 71.79 30.07 16.57
N LYS B 31 71.62 28.76 16.52
CA LYS B 31 72.78 27.88 16.35
C LYS B 31 73.51 28.25 15.07
N ALA B 32 72.76 28.60 14.04
CA ALA B 32 73.36 28.95 12.78
C ALA B 32 74.28 30.14 12.94
N LEU B 33 73.72 31.27 13.34
CA LEU B 33 74.52 32.46 13.53
C LEU B 33 75.67 32.26 14.52
N HIS B 34 75.45 31.51 15.60
CA HIS B 34 76.49 31.26 16.59
C HIS B 34 77.68 30.53 15.97
N ASP B 35 77.41 29.38 15.37
CA ASP B 35 78.46 28.59 14.73
C ASP B 35 79.23 29.43 13.73
N GLN B 36 78.53 30.36 13.09
CA GLN B 36 79.16 31.24 12.10
C GLN B 36 80.05 32.25 12.81
N GLY B 37 79.96 32.29 14.14
CA GLY B 37 80.78 33.21 14.91
C GLY B 37 80.17 34.56 15.23
N ALA B 38 78.88 34.72 15.00
CA ALA B 38 78.22 35.99 15.29
C ALA B 38 77.64 35.95 16.70
N SER B 39 77.53 37.13 17.31
CA SER B 39 76.97 37.21 18.65
C SER B 39 75.46 37.11 18.53
N VAL B 40 74.89 36.18 19.28
CA VAL B 40 73.47 35.91 19.23
C VAL B 40 72.77 36.06 20.57
N LEU B 41 71.50 36.47 20.54
CA LEU B 41 70.71 36.61 21.74
C LEU B 41 69.23 36.29 21.40
N VAL B 42 68.71 35.20 21.99
CA VAL B 42 67.32 34.79 21.74
C VAL B 42 66.39 35.30 22.83
N VAL B 43 65.33 35.99 22.42
CA VAL B 43 64.36 36.54 23.35
C VAL B 43 63.06 35.74 23.28
N GLU B 44 62.64 35.17 24.40
CA GLU B 44 61.42 34.37 24.45
C GLU B 44 60.26 35.02 25.21
N ALA B 45 59.04 34.77 24.77
CA ALA B 45 57.87 35.34 25.42
C ALA B 45 57.55 34.69 26.74
N ASN B 46 57.36 33.38 26.77
CA ASN B 46 57.06 32.79 28.07
C ASN B 46 58.18 32.03 28.72
N ASP B 47 57.84 31.07 29.57
CA ASP B 47 58.83 30.33 30.34
C ASP B 47 59.33 28.96 29.89
N ARG B 48 59.10 28.58 28.64
CA ARG B 48 59.62 27.30 28.20
C ARG B 48 60.28 27.53 26.86
N ILE B 49 61.31 26.75 26.57
CA ILE B 49 62.07 26.94 25.34
C ILE B 49 61.55 26.40 24.02
N GLY B 50 60.74 25.35 24.03
CA GLY B 50 60.24 24.89 22.74
C GLY B 50 59.22 25.88 22.21
N GLY B 51 58.63 25.61 21.04
CA GLY B 51 57.62 26.51 20.53
C GLY B 51 56.32 25.72 20.49
N ARG B 52 55.83 25.44 19.29
CA ARG B 52 54.63 24.63 19.10
C ARG B 52 55.20 23.24 19.23
N THR B 53 56.39 23.20 19.82
CA THR B 53 57.15 22.00 20.08
C THR B 53 57.27 22.02 21.61
N TRP B 54 56.33 21.34 22.25
CA TRP B 54 56.24 21.29 23.71
C TRP B 54 56.44 19.88 24.25
N THR B 55 57.45 19.70 25.10
CA THR B 55 57.72 18.39 25.66
C THR B 55 57.78 18.36 27.17
N GLU B 56 57.43 17.22 27.75
CA GLU B 56 57.48 17.02 29.20
C GLU B 56 57.83 15.56 29.50
N GLN B 57 59.09 15.34 29.86
CA GLN B 57 59.60 14.01 30.18
C GLN B 57 59.14 13.58 31.56
N GLU B 58 58.62 14.54 32.33
CA GLU B 58 58.12 14.29 33.67
C GLU B 58 56.70 13.76 33.52
N GLY B 59 56.22 13.81 32.28
CA GLY B 59 54.88 13.37 31.90
C GLY B 59 54.20 12.27 32.70
N ALA B 60 53.06 12.61 33.29
CA ALA B 60 52.26 11.71 34.13
C ALA B 60 52.09 10.26 33.64
N PRO B 61 52.38 10.00 32.37
CA PRO B 61 52.19 8.59 31.99
C PRO B 61 53.49 7.84 32.07
N GLY B 62 53.63 6.82 31.23
CA GLY B 62 54.84 6.03 31.21
C GLY B 62 55.73 6.35 30.02
N GLY B 63 56.33 7.53 30.07
CA GLY B 63 57.21 7.96 29.00
C GLY B 63 57.09 9.47 28.83
N PRO B 64 58.08 10.12 28.19
CA PRO B 64 57.97 11.57 28.00
C PRO B 64 56.75 11.81 27.12
N ILE B 65 56.20 13.03 27.17
CA ILE B 65 55.03 13.34 26.36
C ILE B 65 55.17 14.66 25.59
N ASP B 66 54.70 14.66 24.35
CA ASP B 66 54.75 15.83 23.49
C ASP B 66 53.35 16.42 23.37
N TYR B 67 53.21 17.69 23.76
CA TYR B 67 51.91 18.36 23.67
C TYR B 67 51.83 19.08 22.35
N GLY B 68 52.96 19.19 21.67
CA GLY B 68 53.00 19.87 20.39
C GLY B 68 53.40 18.92 19.28
N GLY B 69 54.14 19.44 18.31
CA GLY B 69 54.57 18.61 17.20
C GLY B 69 55.62 17.60 17.60
N MET B 70 55.64 16.48 16.88
CA MET B 70 56.61 15.44 17.18
C MET B 70 56.93 14.47 16.05
N PHE B 71 56.24 14.55 14.92
CA PHE B 71 56.53 13.63 13.83
C PHE B 71 57.61 14.13 12.89
N ILE B 72 58.50 13.23 12.50
CA ILE B 72 59.58 13.56 11.58
C ILE B 72 59.28 12.89 10.26
N GLY B 73 59.36 13.66 9.17
CA GLY B 73 59.08 13.13 7.86
C GLY B 73 60.31 12.50 7.24
N GLU B 74 60.12 11.53 6.37
CA GLU B 74 61.25 10.87 5.75
C GLU B 74 62.09 11.81 4.89
N THR B 75 61.48 12.86 4.33
CA THR B 75 62.28 13.78 3.54
C THR B 75 62.62 15.01 4.36
N HIS B 76 62.44 14.90 5.68
CA HIS B 76 62.73 16.01 6.59
C HIS B 76 64.22 16.12 6.85
N THR B 77 64.94 16.27 5.75
CA THR B 77 66.38 16.35 5.71
C THR B 77 67.08 17.26 6.73
N HIS B 78 66.77 18.55 6.73
CA HIS B 78 67.41 19.49 7.63
C HIS B 78 67.17 19.24 9.11
N LEU B 79 65.95 18.89 9.46
CA LEU B 79 65.60 18.59 10.84
C LEU B 79 66.38 17.38 11.31
N ILE B 80 66.37 16.32 10.52
CA ILE B 80 67.08 15.10 10.88
C ILE B 80 68.55 15.36 11.17
N GLU B 81 69.21 16.15 10.32
CA GLU B 81 70.62 16.47 10.54
C GLU B 81 70.78 17.28 11.82
N LEU B 82 70.10 18.43 11.89
CA LEU B 82 70.20 19.26 13.08
C LEU B 82 70.11 18.44 14.35
N GLY B 83 68.94 17.86 14.61
CA GLY B 83 68.74 17.07 15.80
C GLY B 83 69.70 15.90 15.97
N THR B 84 70.13 15.29 14.87
CA THR B 84 71.03 14.15 14.97
C THR B 84 72.41 14.60 15.43
N SER B 85 72.86 15.74 14.90
CA SER B 85 74.17 16.27 15.25
C SER B 85 74.09 16.70 16.70
N LEU B 86 72.91 17.11 17.13
CA LEU B 86 72.70 17.52 18.52
C LEU B 86 72.79 16.30 19.44
N GLY B 87 72.87 15.11 18.84
CA GLY B 87 72.98 13.90 19.62
C GLY B 87 71.70 13.11 19.85
N LEU B 88 70.58 13.62 19.36
CA LEU B 88 69.29 12.94 19.53
C LEU B 88 69.28 11.70 18.65
N GLU B 89 68.50 10.70 19.05
CA GLU B 89 68.39 9.45 18.30
C GLU B 89 66.93 9.23 17.88
N MET B 90 66.70 8.99 16.59
CA MET B 90 65.35 8.77 16.06
C MET B 90 64.77 7.39 16.34
N THR B 91 63.51 7.19 15.95
CA THR B 91 62.81 5.91 16.09
C THR B 91 61.57 5.92 15.20
N PRO B 92 61.29 4.80 14.55
CA PRO B 92 60.14 4.63 13.64
C PRO B 92 58.79 4.98 14.26
N SER B 93 57.94 5.65 13.50
CA SER B 93 56.62 6.00 14.00
C SER B 93 55.56 4.97 13.60
N GLY B 94 55.46 4.71 12.30
CA GLY B 94 54.48 3.77 11.78
C GLY B 94 54.31 2.49 12.57
N LYS B 95 53.14 1.87 12.44
CA LYS B 95 52.84 0.61 13.13
C LYS B 95 52.22 -0.41 12.16
N PRO B 96 52.46 -1.70 12.41
CA PRO B 96 51.96 -2.81 11.60
C PRO B 96 50.47 -3.01 11.76
N GLY B 97 49.76 -3.14 10.65
CA GLY B 97 48.35 -3.36 10.76
C GLY B 97 47.48 -2.59 9.79
N ASP B 98 46.18 -2.80 9.93
CA ASP B 98 45.21 -2.14 9.07
C ASP B 98 44.89 -0.75 9.61
N ASP B 99 44.81 0.21 8.68
CA ASP B 99 44.46 1.57 9.05
C ASP B 99 42.93 1.53 9.15
N THR B 100 42.37 2.44 9.93
CA THR B 100 40.92 2.44 10.07
C THR B 100 40.25 3.69 9.54
N TYR B 101 39.08 3.49 8.97
CA TYR B 101 38.30 4.60 8.45
C TYR B 101 36.89 4.52 8.98
N ILE B 102 36.39 5.65 9.45
CA ILE B 102 35.02 5.73 9.90
C ILE B 102 34.40 6.76 9.00
N VAL B 103 33.67 6.26 8.02
CA VAL B 103 32.99 7.10 7.04
C VAL B 103 31.49 7.04 7.30
N ALA B 104 30.94 8.17 7.73
CA ALA B 104 29.52 8.26 8.03
C ALA B 104 29.15 7.24 9.09
N GLY B 105 29.93 7.23 10.16
CA GLY B 105 29.67 6.32 11.27
C GLY B 105 30.00 4.84 11.04
N ASN B 106 30.37 4.46 9.83
CA ASN B 106 30.70 3.06 9.57
C ASN B 106 32.19 2.80 9.67
N VAL B 107 32.54 1.72 10.34
CA VAL B 107 33.93 1.33 10.53
C VAL B 107 34.45 0.53 9.34
N LEU B 108 35.50 1.05 8.69
CA LEU B 108 36.09 0.37 7.56
C LEU B 108 37.56 0.11 7.81
N ARG B 109 37.99 -1.14 7.63
CA ARG B 109 39.39 -1.47 7.81
C ARG B 109 40.07 -1.38 6.46
N ALA B 110 41.30 -0.87 6.47
CA ALA B 110 42.08 -0.72 5.25
C ALA B 110 43.37 -1.48 5.32
N PRO B 111 43.37 -2.69 4.77
CA PRO B 111 44.64 -3.41 4.85
C PRO B 111 45.61 -2.83 3.81
N ASP B 112 46.90 -2.75 4.15
CA ASP B 112 47.90 -2.26 3.16
C ASP B 112 47.53 -0.83 2.75
N ASP B 113 47.02 -0.08 3.73
CA ASP B 113 46.64 1.32 3.53
C ASP B 113 45.55 1.44 2.44
N GLN B 114 45.17 0.29 1.86
CA GLN B 114 44.17 0.27 0.81
C GLN B 114 42.73 -0.07 1.20
N LEU B 115 41.78 0.69 0.67
CA LEU B 115 40.37 0.47 0.95
C LEU B 115 39.70 -0.39 -0.13
N ASP B 116 38.72 -1.21 0.27
CA ASP B 116 38.03 -2.08 -0.69
C ASP B 116 37.55 -1.28 -1.89
N PRO B 117 38.13 -1.56 -3.06
CA PRO B 117 37.78 -0.89 -4.31
C PRO B 117 36.30 -0.97 -4.62
N ASN B 118 35.63 -1.94 -4.01
CA ASN B 118 34.21 -2.11 -4.27
C ASN B 118 33.33 -1.11 -3.55
N LEU B 119 33.84 -0.53 -2.46
CA LEU B 119 33.05 0.48 -1.75
C LEU B 119 32.72 1.55 -2.77
N PRO B 120 31.46 1.98 -2.81
CA PRO B 120 31.04 3.01 -3.76
C PRO B 120 31.82 4.33 -3.76
N PHE B 121 32.24 4.80 -2.59
CA PHE B 121 32.97 6.07 -2.54
C PHE B 121 34.46 6.02 -2.89
N VAL B 122 35.10 4.87 -2.71
CA VAL B 122 36.54 4.76 -2.98
C VAL B 122 37.03 5.30 -4.32
N PRO B 123 36.35 4.92 -5.42
CA PRO B 123 36.79 5.40 -6.73
C PRO B 123 36.95 6.94 -6.83
N GLU B 124 35.88 7.69 -6.56
CA GLU B 124 35.95 9.15 -6.63
C GLU B 124 36.88 9.71 -5.54
N PHE B 125 37.12 8.93 -4.51
CA PHE B 125 38.01 9.37 -3.45
C PHE B 125 39.42 9.35 -4.02
N LEU B 126 39.73 8.30 -4.78
CA LEU B 126 41.05 8.14 -5.39
C LEU B 126 41.28 9.15 -6.52
N SER B 127 40.20 9.50 -7.22
CA SER B 127 40.27 10.43 -8.33
C SER B 127 40.39 11.86 -7.84
N SER B 128 39.52 12.25 -6.89
CA SER B 128 39.56 13.61 -6.35
C SER B 128 40.94 13.87 -5.75
N LEU B 129 41.51 12.85 -5.12
CA LEU B 129 42.83 12.96 -4.51
C LEU B 129 43.87 13.35 -5.56
N LYS B 130 43.87 12.62 -6.67
CA LYS B 130 44.81 12.89 -7.76
C LYS B 130 44.54 14.29 -8.31
N ALA B 131 43.26 14.58 -8.53
CA ALA B 131 42.81 15.87 -9.04
C ALA B 131 43.38 17.03 -8.21
N LEU B 132 43.43 16.82 -6.89
CA LEU B 132 43.97 17.79 -5.94
C LEU B 132 45.47 17.97 -6.18
N ASP B 133 46.20 16.86 -6.22
CA ASP B 133 47.63 16.92 -6.44
C ASP B 133 47.94 17.67 -7.73
N GLU B 134 47.09 17.52 -8.73
CA GLU B 134 47.31 18.20 -9.99
C GLU B 134 47.19 19.69 -9.78
N LEU B 135 46.11 20.10 -9.13
CA LEU B 135 45.88 21.51 -8.84
C LEU B 135 47.08 22.02 -8.06
N ALA B 136 47.49 21.26 -7.04
CA ALA B 136 48.64 21.65 -6.24
C ALA B 136 49.86 21.88 -7.14
N ASP B 137 50.06 21.00 -8.11
CA ASP B 137 51.20 21.13 -9.00
C ASP B 137 51.08 22.31 -9.96
N SER B 138 49.86 22.70 -10.31
CA SER B 138 49.70 23.83 -11.22
C SER B 138 50.17 25.14 -10.59
N VAL B 139 50.21 25.18 -9.26
CA VAL B 139 50.68 26.34 -8.52
C VAL B 139 51.78 25.74 -7.64
N GLY B 140 53.01 26.19 -7.82
CA GLY B 140 54.10 25.60 -7.06
C GLY B 140 54.18 25.88 -5.59
N TRP B 141 55.38 26.27 -5.14
CA TRP B 141 55.60 26.61 -3.76
C TRP B 141 56.49 27.83 -3.75
N ASP B 142 57.06 28.12 -4.90
CA ASP B 142 57.96 29.24 -5.02
C ASP B 142 57.23 30.56 -5.28
N GLN B 143 56.37 30.59 -6.29
CA GLN B 143 55.65 31.81 -6.62
C GLN B 143 54.16 31.53 -6.71
N PRO B 144 53.61 30.79 -5.75
CA PRO B 144 52.17 30.50 -5.85
C PRO B 144 51.33 31.67 -6.33
N TRP B 145 51.53 32.83 -5.72
CA TRP B 145 50.79 34.04 -6.05
C TRP B 145 51.01 34.48 -7.48
N ALA B 146 51.98 33.85 -8.14
CA ALA B 146 52.32 34.17 -9.52
C ALA B 146 51.90 33.09 -10.50
N SER B 147 51.53 31.92 -9.99
CA SER B 147 51.13 30.81 -10.84
C SER B 147 50.07 31.22 -11.85
N PRO B 148 49.98 30.48 -12.96
CA PRO B 148 49.07 30.62 -14.10
C PRO B 148 47.66 31.08 -13.79
N ASN B 149 47.15 30.76 -12.62
CA ASN B 149 45.81 31.20 -12.34
C ASN B 149 45.57 31.50 -10.87
N ALA B 150 46.61 32.04 -10.21
CA ALA B 150 46.54 32.37 -8.80
C ALA B 150 45.32 33.19 -8.43
N ALA B 151 45.21 34.38 -9.03
CA ALA B 151 44.11 35.31 -8.80
C ALA B 151 42.78 34.60 -8.69
N ALA B 152 42.44 33.88 -9.76
CA ALA B 152 41.20 33.13 -9.82
C ALA B 152 41.09 32.23 -8.60
N LEU B 153 42.08 31.36 -8.46
CA LEU B 153 42.18 30.40 -7.36
C LEU B 153 42.04 31.00 -5.96
N ASP B 154 42.72 32.11 -5.70
CA ASP B 154 42.69 32.75 -4.38
C ASP B 154 41.35 33.44 -4.14
N SER B 155 40.41 33.20 -5.06
CA SER B 155 39.09 33.79 -4.96
C SER B 155 38.05 32.76 -4.46
N LYS B 156 38.27 31.49 -4.77
CA LYS B 156 37.38 30.40 -4.36
C LYS B 156 37.83 29.88 -2.99
N THR B 157 36.98 29.12 -2.31
CA THR B 157 37.35 28.53 -1.02
C THR B 157 37.45 27.02 -1.27
N VAL B 158 38.36 26.33 -0.56
CA VAL B 158 38.50 24.90 -0.75
C VAL B 158 37.14 24.21 -0.64
N ALA B 159 36.21 24.91 0.01
CA ALA B 159 34.86 24.42 0.19
C ALA B 159 34.10 24.47 -1.12
N THR B 160 33.98 25.65 -1.71
CA THR B 160 33.24 25.73 -2.95
C THR B 160 33.89 24.82 -4.00
N TRP B 161 35.21 24.70 -4.00
CA TRP B 161 35.85 23.83 -4.99
C TRP B 161 35.39 22.38 -4.81
N LEU B 162 35.39 21.89 -3.57
CA LEU B 162 34.95 20.52 -3.31
C LEU B 162 33.53 20.37 -3.82
N ALA B 163 32.75 21.41 -3.63
CA ALA B 163 31.37 21.40 -4.05
C ALA B 163 31.29 21.30 -5.57
N GLU B 164 32.11 22.09 -6.27
CA GLU B 164 32.11 22.12 -7.73
C GLU B 164 32.79 20.90 -8.35
N THR B 165 33.57 20.16 -7.58
CA THR B 165 34.32 19.07 -8.17
C THR B 165 34.01 17.65 -7.70
N ILE B 166 33.28 17.49 -6.61
CA ILE B 166 33.00 16.15 -6.09
C ILE B 166 31.51 15.83 -5.93
N GLU B 167 31.05 14.69 -6.46
CA GLU B 167 29.64 14.34 -6.32
C GLU B 167 29.29 13.76 -4.98
N SER B 168 30.02 12.73 -4.58
CA SER B 168 29.81 12.01 -3.32
C SER B 168 29.92 12.84 -2.05
N GLU B 169 28.96 12.67 -1.15
CA GLU B 169 28.99 13.43 0.08
C GLU B 169 30.11 12.93 0.95
N GLU B 170 30.33 11.61 0.96
CA GLU B 170 31.41 11.06 1.77
C GLU B 170 32.79 11.52 1.24
N VAL B 171 33.01 11.43 -0.06
CA VAL B 171 34.26 11.87 -0.62
C VAL B 171 34.43 13.33 -0.19
N ARG B 172 33.35 14.10 -0.32
CA ARG B 172 33.36 15.51 0.06
C ARG B 172 33.79 15.64 1.53
N ARG B 173 33.17 14.84 2.39
CA ARG B 173 33.48 14.88 3.82
C ARG B 173 34.88 14.45 4.16
N LEU B 174 35.28 13.23 3.81
CA LEU B 174 36.63 12.82 4.18
C LEU B 174 37.68 13.74 3.59
N HIS B 175 37.28 14.59 2.66
CA HIS B 175 38.21 15.57 2.09
C HIS B 175 38.22 16.68 3.14
N THR B 176 37.04 17.11 3.53
CA THR B 176 36.91 18.16 4.52
C THR B 176 37.72 17.81 5.80
N VAL B 177 37.50 16.62 6.34
CA VAL B 177 38.19 16.19 7.55
C VAL B 177 39.69 16.35 7.40
N ILE B 178 40.20 15.93 6.24
CA ILE B 178 41.62 16.02 5.95
C ILE B 178 42.09 17.47 6.08
N VAL B 179 41.37 18.39 5.44
CA VAL B 179 41.72 19.81 5.53
C VAL B 179 41.74 20.26 6.99
N ASN B 180 40.63 20.00 7.69
CA ASN B 180 40.49 20.39 9.08
C ASN B 180 41.60 19.95 9.99
N THR B 181 42.05 18.70 9.85
CA THR B 181 43.11 18.20 10.72
C THR B 181 44.50 18.56 10.27
N LEU B 182 44.70 18.63 8.96
CA LEU B 182 46.00 18.96 8.39
C LEU B 182 46.31 20.45 8.57
N LEU B 183 45.28 21.28 8.43
CA LEU B 183 45.39 22.73 8.65
C LEU B 183 44.57 22.82 9.91
N GLY B 184 44.48 23.98 10.53
CA GLY B 184 43.66 23.99 11.73
C GLY B 184 42.27 24.50 11.39
N ALA B 185 42.03 24.70 10.10
CA ALA B 185 40.76 25.24 9.64
C ALA B 185 39.91 24.31 8.77
N ASP B 186 38.69 24.76 8.50
CA ASP B 186 37.77 24.01 7.67
C ASP B 186 37.85 24.57 6.26
N PRO B 187 37.58 23.74 5.24
CA PRO B 187 37.66 24.27 3.87
C PRO B 187 36.79 25.50 3.58
N TYR B 188 35.78 25.78 4.41
CA TYR B 188 34.94 26.93 4.16
C TYR B 188 35.59 28.25 4.51
N GLU B 189 36.76 28.20 5.14
CA GLU B 189 37.45 29.43 5.53
C GLU B 189 38.87 29.48 4.99
N VAL B 190 39.19 28.56 4.08
CA VAL B 190 40.54 28.49 3.51
C VAL B 190 40.60 28.72 2.01
N SER B 191 41.51 29.61 1.59
CA SER B 191 41.67 29.88 0.16
C SER B 191 41.97 28.60 -0.62
N LEU B 192 41.36 28.46 -1.78
CA LEU B 192 41.62 27.29 -2.60
C LEU B 192 43.08 27.36 -3.03
N LEU B 193 43.54 28.55 -3.42
CA LEU B 193 44.92 28.73 -3.83
C LEU B 193 45.84 28.38 -2.67
N TYR B 194 45.51 28.87 -1.48
CA TYR B 194 46.36 28.58 -0.34
C TYR B 194 46.47 27.08 -0.08
N TRP B 195 45.40 26.32 -0.31
CA TRP B 195 45.54 24.88 -0.04
C TRP B 195 46.35 24.16 -1.09
N ALA B 196 46.12 24.47 -2.36
CA ALA B 196 46.87 23.83 -3.43
C ALA B 196 48.34 24.09 -3.11
N TYR B 197 48.61 25.31 -2.68
CA TYR B 197 49.96 25.72 -2.31
C TYR B 197 50.49 24.77 -1.25
N TYR B 198 49.79 24.71 -0.13
CA TYR B 198 50.17 23.86 0.99
C TYR B 198 50.42 22.41 0.55
N VAL B 199 49.47 21.84 -0.18
CA VAL B 199 49.62 20.47 -0.62
C VAL B 199 50.89 20.36 -1.44
N SER B 200 51.15 21.39 -2.24
CA SER B 200 52.32 21.36 -3.09
C SER B 200 53.64 21.48 -2.35
N GLU B 201 53.71 22.42 -1.41
CA GLU B 201 54.93 22.67 -0.65
C GLU B 201 55.24 21.63 0.43
N CYS B 202 54.40 20.60 0.53
CA CYS B 202 54.63 19.56 1.51
C CYS B 202 54.75 18.23 0.76
N GLU B 203 54.97 18.34 -0.55
CA GLU B 203 55.14 17.20 -1.44
C GLU B 203 53.92 16.29 -1.65
N GLY B 204 52.75 16.90 -1.92
CA GLY B 204 51.53 16.13 -2.18
C GLY B 204 50.81 15.60 -0.95
N ILE B 205 49.52 15.33 -1.04
CA ILE B 205 48.78 14.81 0.13
C ILE B 205 49.23 13.41 0.48
N GLN B 206 49.62 12.65 -0.52
CA GLN B 206 50.04 11.29 -0.25
C GLN B 206 51.14 11.31 0.83
N SER B 207 52.02 12.31 0.72
CA SER B 207 53.11 12.52 1.66
C SER B 207 52.58 13.17 2.93
N LEU B 208 51.68 14.12 2.73
CA LEU B 208 51.05 14.88 3.79
C LEU B 208 50.12 13.99 4.62
N MET B 209 49.53 12.99 3.97
CA MET B 209 48.60 12.09 4.62
C MET B 209 49.12 10.72 5.05
N GLY B 210 50.39 10.44 4.78
CA GLY B 210 50.98 9.16 5.15
C GLY B 210 50.88 8.85 6.64
N THR B 211 50.89 7.56 6.98
CA THR B 211 50.80 7.14 8.39
C THR B 211 51.99 6.31 8.81
N ARG B 212 52.63 5.71 7.82
CA ARG B 212 53.80 4.85 8.01
C ARG B 212 55.02 5.67 7.57
N ASP B 213 54.92 6.24 6.38
CA ASP B 213 55.97 7.06 5.80
C ASP B 213 55.45 8.49 5.58
N GLY B 214 55.94 9.16 4.54
CA GLY B 214 55.50 10.52 4.28
C GLY B 214 55.92 11.41 5.44
N ALA B 215 55.14 12.45 5.71
CA ALA B 215 55.45 13.37 6.80
C ALA B 215 55.43 12.67 8.17
N GLN B 216 54.58 11.67 8.34
CA GLN B 216 54.48 10.95 9.60
C GLN B 216 55.35 9.70 9.46
N TRP B 217 56.64 9.84 9.71
CA TRP B 217 57.55 8.72 9.54
C TRP B 217 58.45 8.31 10.71
N ALA B 218 58.73 9.23 11.64
CA ALA B 218 59.58 8.88 12.78
C ALA B 218 59.60 9.93 13.88
N TRP B 219 60.06 9.52 15.06
CA TRP B 219 60.12 10.40 16.23
C TRP B 219 61.51 10.52 16.83
N TRP B 220 61.69 11.57 17.64
CA TRP B 220 62.93 11.80 18.34
C TRP B 220 62.75 11.03 19.65
N PHE B 221 63.35 9.85 19.72
CA PHE B 221 63.27 9.01 20.91
C PHE B 221 63.80 9.88 22.07
N GLY B 222 62.88 10.62 22.69
CA GLY B 222 63.24 11.50 23.80
C GLY B 222 62.34 12.72 23.96
N GLY B 223 61.72 13.16 22.87
CA GLY B 223 60.86 14.32 22.92
C GLY B 223 61.27 15.30 21.82
N ALA B 224 60.30 16.04 21.28
CA ALA B 224 60.57 16.98 20.19
C ALA B 224 61.14 18.33 20.62
N ALA B 225 60.83 18.76 21.84
CA ALA B 225 61.34 20.04 22.30
C ALA B 225 62.86 20.01 22.47
N GLN B 226 63.43 18.81 22.47
CA GLN B 226 64.87 18.65 22.66
C GLN B 226 65.76 19.35 21.65
N VAL B 227 65.35 19.42 20.38
CA VAL B 227 66.19 20.09 19.39
C VAL B 227 66.43 21.51 19.87
N SER B 228 65.39 22.16 20.41
CA SER B 228 65.56 23.51 20.89
C SER B 228 66.32 23.57 22.20
N TRP B 229 66.10 22.61 23.10
CA TRP B 229 66.82 22.61 24.36
C TRP B 229 68.31 22.37 24.15
N ARG B 230 68.62 21.29 23.44
CA ARG B 230 69.99 20.93 23.17
C ARG B 230 70.72 22.08 22.47
N ILE B 231 70.04 22.79 21.60
CA ILE B 231 70.67 23.93 20.93
C ILE B 231 70.97 24.95 22.01
N ALA B 232 69.99 25.20 22.88
CA ALA B 232 70.13 26.15 23.98
C ALA B 232 71.35 25.78 24.83
N ASP B 233 71.40 24.53 25.27
CA ASP B 233 72.51 24.04 26.09
C ASP B 233 73.85 24.30 25.38
N ALA B 234 73.93 23.91 24.11
CA ALA B 234 75.16 24.10 23.33
C ALA B 234 75.53 25.58 23.20
N ILE B 235 74.72 26.32 22.47
CA ILE B 235 74.95 27.75 22.26
C ILE B 235 75.12 28.57 23.56
N GLY B 236 74.63 28.07 24.69
CA GLY B 236 74.76 28.82 25.93
C GLY B 236 73.41 29.18 26.52
N ARG B 237 72.91 28.31 27.38
CA ARG B 237 71.61 28.46 28.04
C ARG B 237 71.27 29.84 28.56
N ASP B 238 72.29 30.69 28.69
CA ASP B 238 72.10 32.05 29.19
C ASP B 238 71.83 33.06 28.10
N LYS B 239 72.01 32.64 26.85
CA LYS B 239 71.77 33.51 25.71
C LYS B 239 70.30 33.52 25.34
N PHE B 240 69.51 32.80 26.13
CA PHE B 240 68.07 32.73 25.91
C PHE B 240 67.40 33.45 27.08
N LEU B 241 66.76 34.58 26.81
CA LEU B 241 66.09 35.33 27.87
C LEU B 241 64.59 35.01 27.89
N LEU B 242 64.18 34.00 28.65
CA LEU B 242 62.77 33.65 28.72
C LEU B 242 61.96 34.76 29.41
N GLU B 243 60.65 34.75 29.21
CA GLU B 243 59.78 35.76 29.80
C GLU B 243 60.18 37.17 29.39
N TRP B 244 60.58 37.33 28.14
CA TRP B 244 60.98 38.62 27.60
C TRP B 244 60.08 38.91 26.38
N PRO B 245 58.76 39.04 26.61
CA PRO B 245 57.83 39.31 25.50
C PRO B 245 58.14 40.61 24.81
N VAL B 246 58.42 40.54 23.51
CA VAL B 246 58.70 41.74 22.73
C VAL B 246 57.37 42.39 22.41
N ASP B 247 57.21 43.68 22.70
CA ASP B 247 55.95 44.35 22.39
C ASP B 247 56.09 45.51 21.43
N ARG B 248 57.31 45.97 21.22
CA ARG B 248 57.51 47.06 20.28
C ARG B 248 58.87 46.91 19.60
N ILE B 249 58.94 47.36 18.35
CA ILE B 249 60.17 47.25 17.60
C ILE B 249 60.47 48.50 16.79
N GLU B 250 61.52 49.20 17.20
CA GLU B 250 61.98 50.39 16.51
C GLU B 250 63.04 49.82 15.59
N HIS B 251 62.73 49.79 14.31
CA HIS B 251 63.63 49.22 13.33
C HIS B 251 64.09 50.25 12.33
N ASP B 252 65.22 50.89 12.57
CA ASP B 252 65.65 51.81 11.56
C ASP B 252 66.91 51.41 10.82
N GLU B 253 67.45 52.35 10.07
CA GLU B 253 68.60 52.10 9.22
C GLU B 253 69.92 51.62 9.79
N SER B 254 70.14 51.78 11.08
CA SER B 254 71.42 51.33 11.63
C SER B 254 71.34 50.06 12.46
N GLY B 255 70.12 49.66 12.78
CA GLY B 255 69.94 48.46 13.56
C GLY B 255 68.51 48.39 14.06
N VAL B 256 68.27 47.64 15.12
CA VAL B 256 66.93 47.53 15.66
C VAL B 256 66.91 47.56 17.18
N THR B 257 65.85 48.16 17.73
CA THR B 257 65.66 48.25 19.16
C THR B 257 64.38 47.53 19.57
N LEU B 258 64.55 46.50 20.40
CA LEU B 258 63.46 45.68 20.90
C LEU B 258 63.02 46.19 22.28
N PHE B 259 61.73 46.10 22.57
CA PHE B 259 61.21 46.55 23.86
C PHE B 259 60.30 45.53 24.50
N SER B 260 60.57 45.22 25.76
CA SER B 260 59.73 44.31 26.52
C SER B 260 59.28 45.13 27.72
N GLY B 261 58.33 46.02 27.47
CA GLY B 261 57.84 46.89 28.52
C GLY B 261 58.80 48.04 28.61
N GLN B 262 59.43 48.20 29.77
CA GLN B 262 60.41 49.26 29.97
C GLN B 262 61.78 48.71 29.61
N ARG B 263 61.88 47.38 29.56
CA ARG B 263 63.13 46.71 29.20
C ARG B 263 63.40 46.92 27.70
N SER B 264 64.67 46.82 27.29
CA SER B 264 64.99 46.97 25.88
C SER B 264 66.37 46.41 25.53
N LEU B 265 66.56 46.08 24.26
CA LEU B 265 67.82 45.55 23.74
C LEU B 265 68.05 46.16 22.36
N ARG B 266 69.24 45.93 21.79
CA ARG B 266 69.55 46.42 20.44
C ARG B 266 70.60 45.56 19.74
N ALA B 267 70.33 45.25 18.48
CA ALA B 267 71.23 44.45 17.67
C ALA B 267 71.24 45.04 16.26
N ARG B 268 72.26 44.69 15.48
CA ARG B 268 72.38 45.18 14.11
C ARG B 268 71.28 44.60 13.24
N HIS B 269 70.99 43.31 13.48
CA HIS B 269 69.96 42.57 12.76
C HIS B 269 69.15 41.78 13.76
N ILE B 270 67.87 41.58 13.46
CA ILE B 270 67.02 40.75 14.32
C ILE B 270 66.19 39.87 13.39
N VAL B 271 65.93 38.65 13.84
CA VAL B 271 65.14 37.71 13.08
C VAL B 271 63.91 37.40 13.93
N ILE B 272 62.73 37.73 13.38
CA ILE B 272 61.48 37.48 14.07
C ILE B 272 60.94 36.14 13.60
N ALA B 273 61.15 35.12 14.44
CA ALA B 273 60.78 33.73 14.19
C ALA B 273 59.54 33.22 14.89
N MET B 274 58.39 33.50 14.28
CA MET B 274 57.10 33.09 14.80
C MET B 274 56.05 33.14 13.69
N SER B 275 54.80 32.84 14.04
CA SER B 275 53.73 32.89 13.06
C SER B 275 53.38 34.35 12.73
N PRO B 276 52.91 34.60 11.51
CA PRO B 276 52.55 35.96 11.11
C PRO B 276 51.56 36.59 12.08
N LEU B 277 50.61 35.79 12.56
CA LEU B 277 49.63 36.28 13.51
C LEU B 277 50.28 36.74 14.83
N ALA B 278 51.14 35.90 15.38
CA ALA B 278 51.83 36.20 16.64
C ALA B 278 52.69 37.46 16.53
N ALA B 279 53.25 37.67 15.36
CA ALA B 279 54.10 38.82 15.13
C ALA B 279 53.28 40.10 14.99
N ASN B 280 52.03 39.96 14.61
CA ASN B 280 51.20 41.14 14.42
C ASN B 280 50.87 41.80 15.74
N GLN B 281 51.18 41.11 16.85
CA GLN B 281 50.91 41.66 18.18
C GLN B 281 51.95 42.69 18.58
N ILE B 282 53.05 42.70 17.85
CA ILE B 282 54.16 43.62 18.09
C ILE B 282 53.98 44.94 17.33
N ARG B 283 54.25 46.06 17.99
CA ARG B 283 54.15 47.36 17.32
C ARG B 283 55.44 47.65 16.57
N PHE B 284 55.32 48.21 15.38
CA PHE B 284 56.50 48.52 14.58
C PHE B 284 56.63 50.02 14.28
N GLU B 285 57.82 50.57 14.54
CA GLU B 285 58.09 51.97 14.25
C GLU B 285 59.38 52.03 13.41
N PRO B 286 59.27 52.49 12.15
CA PRO B 286 58.02 52.92 11.53
C PRO B 286 57.13 51.74 11.22
N ALA B 287 55.96 52.04 10.68
CA ALA B 287 55.01 50.99 10.33
C ALA B 287 55.59 50.11 9.24
N LEU B 288 55.15 48.85 9.23
CA LEU B 288 55.57 47.88 8.23
C LEU B 288 54.90 48.24 6.91
N PRO B 289 55.55 47.96 5.78
CA PRO B 289 54.91 48.29 4.50
C PRO B 289 53.58 47.53 4.37
N THR B 290 52.56 48.24 3.90
CA THR B 290 51.23 47.68 3.75
C THR B 290 51.18 46.21 3.32
N SER B 291 52.16 45.77 2.52
CA SER B 291 52.22 44.38 2.04
C SER B 291 52.31 43.36 3.17
N ARG B 292 53.33 43.52 4.02
CA ARG B 292 53.53 42.63 5.15
C ARG B 292 52.44 42.90 6.18
N ALA B 293 52.10 44.18 6.32
CA ALA B 293 51.07 44.61 7.25
C ALA B 293 49.84 43.75 7.04
N GLN B 294 49.34 43.73 5.81
CA GLN B 294 48.17 42.94 5.43
C GLN B 294 48.41 41.44 5.69
N LEU B 295 49.55 40.93 5.24
CA LEU B 295 49.83 39.51 5.41
C LEU B 295 49.79 38.99 6.85
N GLN B 296 50.44 39.68 7.77
CA GLN B 296 50.42 39.17 9.14
C GLN B 296 49.18 39.57 9.90
N ALA B 297 48.37 40.40 9.27
CA ALA B 297 47.13 40.84 9.88
C ALA B 297 45.96 40.03 9.33
N ARG B 298 46.20 39.33 8.23
CA ARG B 298 45.14 38.55 7.61
C ARG B 298 45.47 37.06 7.44
N ALA B 299 46.45 36.60 8.21
CA ALA B 299 46.85 35.19 8.14
C ALA B 299 46.65 34.57 9.52
N PRO B 300 45.46 33.99 9.76
CA PRO B 300 45.13 33.35 11.04
C PRO B 300 45.76 31.99 11.30
N MET B 301 45.69 31.56 12.55
CA MET B 301 46.19 30.27 12.98
C MET B 301 44.97 29.34 13.08
N GLY B 302 45.16 28.04 12.82
CA GLY B 302 44.04 27.13 12.90
C GLY B 302 43.54 26.98 14.32
N ARG B 303 42.61 26.06 14.53
CA ARG B 303 42.08 25.81 15.85
C ARG B 303 42.41 24.34 15.99
N TYR B 304 42.82 23.88 17.17
CA TYR B 304 43.24 22.50 17.26
C TYR B 304 43.28 21.94 18.68
N TYR B 305 43.05 20.63 18.77
CA TYR B 305 43.08 19.89 20.03
C TYR B 305 44.07 18.76 19.80
N LYS B 306 44.93 18.48 20.77
CA LYS B 306 45.80 17.32 20.63
C LYS B 306 45.44 16.43 21.81
N VAL B 307 44.81 15.31 21.51
CA VAL B 307 44.39 14.39 22.55
C VAL B 307 45.26 13.15 22.56
N GLN B 308 45.53 12.64 23.76
CA GLN B 308 46.35 11.46 23.93
C GLN B 308 45.78 10.56 25.02
N ALA B 309 45.72 9.25 24.75
CA ALA B 309 45.21 8.28 25.71
C ALA B 309 46.27 7.20 25.93
N ARG B 310 46.65 6.93 27.18
CA ARG B 310 47.66 5.91 27.43
C ARG B 310 47.12 4.67 28.14
N TYR B 311 47.46 3.52 27.60
CA TYR B 311 47.03 2.21 28.10
C TYR B 311 48.23 1.33 28.44
N PRO B 312 48.01 0.25 29.20
CA PRO B 312 49.10 -0.65 29.58
C PRO B 312 49.67 -1.46 28.41
N SER B 313 48.81 -1.79 27.44
CA SER B 313 49.21 -2.56 26.26
C SER B 313 48.70 -1.90 24.99
N SER B 314 49.35 -2.16 23.87
CA SER B 314 48.91 -1.61 22.59
C SER B 314 47.86 -2.55 22.04
N PHE B 315 46.70 -2.61 22.69
CA PHE B 315 45.63 -3.52 22.27
C PHE B 315 45.17 -3.33 20.83
N TRP B 316 45.66 -2.29 20.18
CA TRP B 316 45.27 -2.07 18.80
C TRP B 316 46.27 -2.74 17.86
N VAL B 317 47.56 -2.58 18.13
CA VAL B 317 48.56 -3.23 17.30
C VAL B 317 48.41 -4.73 17.50
N GLU B 318 48.26 -5.14 18.76
CA GLU B 318 48.10 -6.54 19.14
C GLU B 318 46.82 -7.17 18.60
N GLN B 319 45.92 -6.37 18.05
CA GLN B 319 44.70 -6.91 17.50
C GLN B 319 44.72 -6.81 15.98
N GLY B 320 45.84 -6.31 15.45
CA GLY B 320 45.97 -6.21 14.01
C GLY B 320 45.73 -4.86 13.37
N TYR B 321 45.68 -3.81 14.19
CA TYR B 321 45.44 -2.46 13.70
C TYR B 321 46.64 -1.56 13.93
N SER B 322 46.93 -0.71 12.94
CA SER B 322 48.05 0.21 13.02
C SER B 322 47.78 1.27 14.08
N GLY B 323 46.50 1.50 14.36
CA GLY B 323 46.15 2.51 15.34
C GLY B 323 45.87 3.80 14.61
N ALA B 324 46.08 3.79 13.30
CA ALA B 324 45.82 4.97 12.48
C ALA B 324 44.33 4.98 12.20
N LEU B 325 43.71 6.17 12.23
CA LEU B 325 42.30 6.27 11.98
C LEU B 325 41.90 7.63 11.43
N LEU B 326 40.91 7.63 10.54
CA LEU B 326 40.43 8.85 9.92
C LEU B 326 38.91 8.77 10.09
N ASP B 327 38.35 9.69 10.86
CA ASP B 327 36.91 9.71 11.14
C ASP B 327 36.27 10.96 10.58
N THR B 328 35.25 10.81 9.74
CA THR B 328 34.58 11.97 9.15
C THR B 328 33.43 12.60 9.92
N GLU B 329 32.74 11.85 10.79
CA GLU B 329 31.62 12.43 11.52
C GLU B 329 31.43 12.16 13.01
N ASP B 330 31.86 11.00 13.48
CA ASP B 330 31.71 10.68 14.89
C ASP B 330 32.32 11.77 15.76
N VAL B 331 33.56 12.15 15.44
CA VAL B 331 34.25 13.20 16.16
C VAL B 331 34.86 14.19 15.20
N GLY B 332 35.49 13.67 14.15
CA GLY B 332 36.16 14.52 13.18
C GLY B 332 37.60 14.57 13.62
N VAL B 333 38.27 13.43 13.51
CA VAL B 333 39.65 13.33 13.95
C VAL B 333 40.52 12.36 13.15
N PHE B 334 41.83 12.61 13.20
CA PHE B 334 42.82 11.77 12.54
C PHE B 334 43.46 11.10 13.75
N LEU B 335 43.73 9.81 13.64
CA LEU B 335 44.30 9.07 14.76
C LEU B 335 45.59 8.36 14.38
N LEU B 336 46.55 8.37 15.30
CA LEU B 336 47.84 7.72 15.06
C LEU B 336 48.40 7.15 16.36
N ASP B 337 49.19 6.10 16.23
CA ASP B 337 49.84 5.48 17.39
C ASP B 337 50.99 6.40 17.83
N GLY B 338 51.35 6.35 19.11
CA GLY B 338 52.44 7.17 19.60
C GLY B 338 53.27 6.39 20.59
N THR B 339 53.37 5.07 20.38
CA THR B 339 54.08 4.17 21.27
C THR B 339 55.54 3.92 20.90
N LYS B 340 56.47 4.63 21.51
CA LYS B 340 57.89 4.39 21.21
C LYS B 340 58.38 3.26 22.14
N PRO B 341 59.20 2.32 21.62
CA PRO B 341 59.76 1.17 22.34
C PRO B 341 60.19 1.48 23.76
N THR B 342 60.62 2.72 23.96
CA THR B 342 61.07 3.18 25.25
C THR B 342 59.91 3.34 26.25
N ASP B 343 58.79 3.87 25.79
CA ASP B 343 57.64 4.08 26.67
C ASP B 343 57.28 2.81 27.41
N THR B 344 56.73 2.96 28.62
CA THR B 344 56.33 1.81 29.43
C THR B 344 54.91 1.37 29.09
N LEU B 345 54.03 2.34 28.80
CA LEU B 345 52.66 2.00 28.42
C LEU B 345 52.27 2.65 27.08
N ALA B 346 51.49 1.91 26.29
CA ALA B 346 51.05 2.33 24.96
C ALA B 346 50.24 3.62 24.91
N THR B 347 50.36 4.33 23.81
CA THR B 347 49.66 5.59 23.67
C THR B 347 49.09 5.82 22.26
N LEU B 348 47.80 6.12 22.22
CA LEU B 348 47.06 6.39 21.01
C LEU B 348 46.86 7.89 21.01
N ILE B 349 46.96 8.53 19.86
CA ILE B 349 46.82 9.98 19.80
C ILE B 349 45.98 10.50 18.65
N GLY B 350 45.14 11.50 18.94
CA GLY B 350 44.29 12.04 17.90
C GLY B 350 44.37 13.54 17.77
N PHE B 351 43.95 14.03 16.61
CA PHE B 351 43.94 15.45 16.32
C PHE B 351 42.59 15.95 15.82
N ILE B 352 42.04 16.91 16.56
CA ILE B 352 40.77 17.55 16.23
C ILE B 352 41.07 19.00 15.92
N GLY B 353 40.70 19.44 14.72
CA GLY B 353 40.95 20.82 14.35
C GLY B 353 39.81 21.45 13.57
N GLY B 354 39.98 22.73 13.28
CA GLY B 354 38.97 23.48 12.53
C GLY B 354 37.58 23.45 13.12
N SER B 355 36.60 23.23 12.25
CA SER B 355 35.21 23.16 12.64
C SER B 355 34.95 22.02 13.63
N ASN B 356 35.83 21.03 13.62
CA ASN B 356 35.73 19.91 14.53
C ASN B 356 36.12 20.39 15.92
N TYR B 357 37.15 21.21 16.00
CA TYR B 357 37.57 21.75 17.29
C TYR B 357 36.36 22.52 17.78
N ASP B 358 35.83 23.36 16.89
CA ASP B 358 34.65 24.16 17.14
C ASP B 358 33.54 23.39 17.82
N ARG B 359 33.08 22.33 17.18
CA ARG B 359 31.98 21.55 17.75
C ARG B 359 32.31 20.99 19.12
N TRP B 360 33.53 20.49 19.28
CA TRP B 360 33.91 19.90 20.55
C TRP B 360 34.27 20.89 21.66
N ALA B 361 34.85 22.02 21.30
CA ALA B 361 35.19 23.00 22.31
C ALA B 361 33.86 23.49 22.91
N ALA B 362 32.77 23.25 22.18
CA ALA B 362 31.45 23.65 22.63
C ALA B 362 30.96 22.80 23.80
N HIS B 363 31.50 21.60 23.94
CA HIS B 363 31.09 20.72 25.03
C HIS B 363 32.02 20.90 26.22
N THR B 364 31.78 20.12 27.26
CA THR B 364 32.60 20.17 28.47
C THR B 364 33.81 19.30 28.22
N PRO B 365 34.86 19.50 29.04
CA PRO B 365 36.11 18.73 28.92
C PRO B 365 35.87 17.22 29.01
N GLN B 366 35.05 16.80 29.97
CA GLN B 366 34.76 15.38 30.14
C GLN B 366 33.90 14.86 29.01
N GLU B 367 32.99 15.71 28.53
CA GLU B 367 32.14 15.29 27.42
C GLU B 367 33.02 14.89 26.26
N ARG B 368 34.08 15.68 26.05
CA ARG B 368 35.03 15.44 24.97
C ARG B 368 35.78 14.14 25.17
N GLU B 369 36.29 13.94 26.38
CA GLU B 369 37.04 12.75 26.67
C GLU B 369 36.27 11.49 26.39
N ARG B 370 35.00 11.46 26.75
CA ARG B 370 34.20 10.25 26.52
C ARG B 370 33.94 10.06 25.04
N ALA B 371 33.67 11.16 24.37
CA ALA B 371 33.41 11.12 22.95
C ALA B 371 34.62 10.46 22.30
N PHE B 372 35.80 10.83 22.77
CA PHE B 372 37.05 10.30 22.25
C PHE B 372 37.16 8.83 22.56
N LEU B 373 37.09 8.52 23.85
CA LEU B 373 37.19 7.13 24.29
C LEU B 373 36.11 6.24 23.66
N ASP B 374 34.93 6.81 23.44
CA ASP B 374 33.87 6.03 22.82
C ASP B 374 34.27 5.66 21.40
N LEU B 375 34.85 6.62 20.69
CA LEU B 375 35.31 6.41 19.32
C LEU B 375 36.35 5.30 19.34
N LEU B 376 37.33 5.46 20.22
CA LEU B 376 38.39 4.47 20.38
C LEU B 376 37.78 3.09 20.61
N VAL B 377 36.81 3.02 21.50
CA VAL B 377 36.18 1.77 21.79
C VAL B 377 35.55 1.12 20.59
N LYS B 378 34.81 1.90 19.81
CA LYS B 378 34.13 1.35 18.63
C LYS B 378 35.10 1.03 17.51
N ALA B 379 36.35 1.45 17.67
CA ALA B 379 37.36 1.22 16.64
C ALA B 379 38.35 0.14 17.00
N PHE B 380 38.75 0.07 18.27
CA PHE B 380 39.75 -0.94 18.66
C PHE B 380 39.35 -1.84 19.82
N GLY B 381 38.08 -1.85 20.17
CA GLY B 381 37.64 -2.72 21.25
C GLY B 381 37.33 -2.02 22.56
N PRO B 382 36.80 -2.77 23.53
CA PRO B 382 36.43 -2.30 24.87
C PRO B 382 37.61 -1.99 25.78
N GLN B 383 38.80 -2.40 25.38
CA GLN B 383 39.97 -2.15 26.19
C GLN B 383 40.31 -0.66 26.20
N ALA B 384 39.70 0.07 25.29
CA ALA B 384 39.94 1.50 25.17
C ALA B 384 39.08 2.31 26.13
N ALA B 385 38.02 1.68 26.61
CA ALA B 385 37.09 2.34 27.51
C ALA B 385 37.70 2.91 28.77
N ASP B 386 38.68 2.22 29.33
CA ASP B 386 39.30 2.71 30.56
C ASP B 386 40.81 2.90 30.48
N PRO B 387 41.26 4.09 30.01
CA PRO B 387 42.70 4.37 29.88
C PRO B 387 43.42 4.64 31.20
N SER B 388 44.74 4.52 31.19
CA SER B 388 45.56 4.74 32.38
C SER B 388 45.86 6.21 32.52
N TYR B 389 45.91 6.91 31.38
CA TYR B 389 46.20 8.32 31.36
C TYR B 389 45.49 8.95 30.17
N PHE B 390 45.00 10.16 30.35
CA PHE B 390 44.33 10.87 29.28
C PHE B 390 44.61 12.35 29.44
N HIS B 391 45.00 12.99 28.35
CA HIS B 391 45.30 14.40 28.40
C HIS B 391 44.93 15.03 27.07
N GLU B 392 44.44 16.25 27.13
CA GLU B 392 44.08 16.99 25.93
C GLU B 392 44.74 18.34 26.11
N THR B 393 45.20 18.90 25.01
CA THR B 393 45.80 20.21 25.06
C THR B 393 45.17 21.05 23.94
N ASP B 394 44.49 22.10 24.35
CA ASP B 394 43.81 23.01 23.44
C ASP B 394 44.85 24.01 22.98
N TRP B 395 44.95 24.24 21.68
CA TRP B 395 45.96 25.17 21.19
C TRP B 395 45.36 26.47 20.69
N THR B 396 44.07 26.47 20.43
CA THR B 396 43.43 27.67 19.89
C THR B 396 43.30 28.79 20.91
N GLN B 397 43.57 28.47 22.16
CA GLN B 397 43.48 29.45 23.22
C GLN B 397 44.84 29.59 23.93
N GLN B 398 45.88 29.03 23.32
CA GLN B 398 47.23 29.10 23.88
C GLN B 398 47.69 30.54 23.76
N GLU B 399 48.13 31.11 24.87
CA GLU B 399 48.57 32.49 24.90
C GLU B 399 49.46 32.98 23.76
N TRP B 400 50.54 32.25 23.50
CA TRP B 400 51.46 32.69 22.48
C TRP B 400 51.31 32.08 21.10
N ALA B 401 50.94 30.80 21.03
CA ALA B 401 50.73 30.16 19.75
C ALA B 401 49.49 30.79 19.15
N LYS B 402 48.51 31.03 20.02
CA LYS B 402 47.26 31.65 19.62
C LYS B 402 46.53 30.80 18.59
N GLY B 403 46.99 29.57 18.37
CA GLY B 403 46.29 28.79 17.38
C GLY B 403 46.66 27.35 17.10
N GLY B 404 45.85 26.79 16.19
CA GLY B 404 45.91 25.42 15.70
C GLY B 404 47.28 24.86 15.44
N PRO B 405 47.44 24.00 14.42
CA PRO B 405 48.79 23.46 14.18
C PRO B 405 49.66 24.38 13.31
N VAL B 406 49.02 25.06 12.38
CA VAL B 406 49.76 25.93 11.48
C VAL B 406 48.94 27.16 11.12
N THR B 407 49.55 28.06 10.35
CA THR B 407 48.86 29.24 9.90
C THR B 407 48.10 28.84 8.62
N TYR B 408 47.05 29.58 8.27
CA TYR B 408 46.29 29.28 7.06
C TYR B 408 45.77 30.60 6.52
N MET B 409 45.16 30.57 5.34
CA MET B 409 44.68 31.81 4.75
C MET B 409 43.34 31.76 4.05
N PRO B 410 42.57 32.84 4.17
CA PRO B 410 41.25 32.97 3.55
C PRO B 410 41.46 33.52 2.15
N PRO B 411 40.42 33.49 1.31
CA PRO B 411 40.58 34.02 -0.04
C PRO B 411 41.02 35.49 -0.01
N GLY B 412 41.91 35.85 -0.93
CA GLY B 412 42.35 37.23 -1.01
C GLY B 412 43.69 37.66 -0.45
N VAL B 413 44.40 36.80 0.28
CA VAL B 413 45.69 37.24 0.82
C VAL B 413 46.92 36.61 0.19
N LEU B 414 46.98 35.28 0.11
CA LEU B 414 48.17 34.65 -0.46
C LEU B 414 48.53 35.24 -1.82
N ALA B 415 47.54 35.37 -2.68
CA ALA B 415 47.74 35.91 -4.01
C ALA B 415 48.27 37.33 -4.08
N ASN B 416 47.94 38.15 -3.07
CA ASN B 416 48.36 39.56 -3.04
C ASN B 416 49.42 40.01 -2.04
N PHE B 417 49.81 39.14 -1.10
CA PHE B 417 50.81 39.50 -0.10
C PHE B 417 51.76 38.34 0.24
N GLY B 418 51.52 37.18 -0.38
CA GLY B 418 52.34 36.02 -0.11
C GLY B 418 53.82 36.33 -0.08
N ALA B 419 54.24 37.21 -0.98
CA ALA B 419 55.64 37.62 -1.07
C ALA B 419 56.15 38.11 0.29
N ALA B 420 55.29 38.81 1.03
CA ALA B 420 55.63 39.34 2.34
C ALA B 420 55.89 38.23 3.37
N LEU B 421 55.61 36.99 3.01
CA LEU B 421 55.84 35.86 3.90
C LEU B 421 57.34 35.62 4.06
N ARG B 422 58.13 36.17 3.13
CA ARG B 422 59.57 35.95 3.13
C ARG B 422 60.49 37.18 3.13
N ASP B 423 60.20 38.15 2.28
CA ASP B 423 61.03 39.35 2.17
C ASP B 423 61.30 40.04 3.49
N PRO B 424 62.51 40.56 3.68
CA PRO B 424 62.86 41.24 4.92
C PRO B 424 62.42 42.71 4.82
N VAL B 425 62.50 43.40 5.95
CA VAL B 425 62.16 44.81 6.02
C VAL B 425 63.33 45.45 6.75
N GLY B 426 64.19 46.12 6.00
CA GLY B 426 65.35 46.73 6.62
C GLY B 426 66.18 45.65 7.27
N LYS B 427 66.54 45.80 8.54
CA LYS B 427 67.32 44.79 9.21
C LYS B 427 66.46 43.73 9.87
N VAL B 428 65.15 43.78 9.67
CA VAL B 428 64.31 42.77 10.27
C VAL B 428 64.15 41.62 9.28
N HIS B 429 64.45 40.41 9.74
CA HIS B 429 64.36 39.23 8.91
C HIS B 429 63.29 38.27 9.41
N PHE B 430 62.61 37.60 8.48
CA PHE B 430 61.56 36.69 8.91
C PHE B 430 61.87 35.20 8.86
N ALA B 431 61.79 34.56 10.02
CA ALA B 431 62.01 33.13 10.11
C ALA B 431 60.68 32.49 10.48
N GLY B 432 60.73 31.34 11.15
CA GLY B 432 59.49 30.68 11.52
C GLY B 432 59.00 29.86 10.34
N THR B 433 58.62 28.62 10.61
CA THR B 433 58.18 27.68 9.58
C THR B 433 57.42 28.30 8.41
N GLU B 434 56.54 29.25 8.70
CA GLU B 434 55.77 29.86 7.62
C GLU B 434 56.60 30.61 6.57
N ALA B 435 57.89 30.81 6.84
CA ALA B 435 58.76 31.52 5.91
C ALA B 435 59.55 30.58 5.01
N SER B 436 59.59 29.30 5.36
CA SER B 436 60.32 28.33 4.57
C SER B 436 59.71 28.24 3.18
N PHE B 437 60.52 27.83 2.21
CA PHE B 437 60.03 27.69 0.85
C PHE B 437 59.18 26.45 0.79
N GLN B 438 59.66 25.41 1.48
CA GLN B 438 58.97 24.13 1.52
C GLN B 438 58.77 23.68 2.96
N TRP B 439 57.68 22.94 3.19
CA TRP B 439 57.36 22.45 4.51
C TRP B 439 56.97 23.57 5.49
N SER B 440 56.53 24.70 4.95
CA SER B 440 56.09 25.82 5.77
C SER B 440 54.86 25.29 6.50
N GLY B 441 54.98 25.11 7.81
CA GLY B 441 53.88 24.60 8.61
C GLY B 441 54.34 23.45 9.47
N TYR B 442 55.36 22.74 8.99
CA TYR B 442 55.92 21.62 9.71
C TYR B 442 57.24 22.04 10.36
N MET B 443 57.79 21.19 11.22
CA MET B 443 59.05 21.52 11.88
C MET B 443 60.17 21.71 10.85
N GLU B 444 60.31 20.77 9.92
CA GLU B 444 61.31 20.87 8.87
C GLU B 444 61.37 22.32 8.39
N GLY B 445 60.19 22.90 8.18
CA GLY B 445 60.09 24.27 7.72
C GLY B 445 60.71 25.27 8.68
N GLY B 446 60.40 25.10 9.97
CA GLY B 446 60.95 26.01 10.96
C GLY B 446 62.47 26.05 10.90
N VAL B 447 63.07 24.86 10.83
CA VAL B 447 64.52 24.74 10.78
C VAL B 447 65.04 25.47 9.55
N ARG B 448 64.64 25.01 8.37
CA ARG B 448 65.07 25.65 7.14
C ARG B 448 64.87 27.15 7.15
N ALA B 449 63.66 27.58 7.50
CA ALA B 449 63.33 28.99 7.54
C ALA B 449 64.33 29.76 8.39
N GLY B 450 64.63 29.21 9.56
CA GLY B 450 65.57 29.83 10.47
C GLY B 450 67.02 29.75 10.04
N GLN B 451 67.37 28.75 9.26
CA GLN B 451 68.74 28.62 8.80
C GLN B 451 68.93 29.55 7.61
N LYS B 452 67.89 29.64 6.79
CA LYS B 452 67.91 30.50 5.63
C LYS B 452 68.04 31.94 6.11
N ALA B 453 67.23 32.31 7.11
CA ALA B 453 67.27 33.66 7.68
C ALA B 453 68.67 33.99 8.18
N ALA B 454 69.31 33.03 8.85
CA ALA B 454 70.65 33.21 9.39
C ALA B 454 71.70 33.41 8.30
N ALA B 455 71.64 32.54 7.30
CA ALA B 455 72.57 32.59 6.17
C ALA B 455 72.53 33.97 5.55
N ALA B 456 71.34 34.54 5.53
CA ALA B 456 71.13 35.86 4.96
C ALA B 456 71.78 36.96 5.78
N ILE B 457 71.62 36.89 7.09
CA ILE B 457 72.18 37.87 7.99
C ILE B 457 73.69 37.71 8.09
N ALA B 458 74.17 36.49 7.94
CA ALA B 458 75.61 36.27 8.00
C ALA B 458 76.29 36.98 6.83
N GLU B 459 75.70 36.88 5.64
CA GLU B 459 76.26 37.51 4.45
C GLU B 459 76.19 39.03 4.57
N GLU B 460 75.18 39.51 5.30
CA GLU B 460 74.99 40.94 5.51
C GLU B 460 76.04 41.48 6.47
N LEU B 461 76.66 40.56 7.22
CA LEU B 461 77.69 40.92 8.19
C LEU B 461 79.06 41.06 7.55
N GLU B 462 79.31 40.30 6.48
CA GLU B 462 80.58 40.40 5.79
C GLU B 462 80.52 41.57 4.82
N ARG B 463 79.53 42.44 5.02
CA ARG B 463 79.31 43.62 4.18
C ARG B 463 78.61 43.25 2.87
N PRO C 13 -34.65 -13.63 36.81
CA PRO C 13 -33.63 -14.02 35.77
C PRO C 13 -33.63 -15.51 35.54
N ASP C 14 -34.33 -15.96 34.49
CA ASP C 14 -34.41 -17.37 34.19
C ASP C 14 -33.07 -17.96 33.75
N VAL C 15 -32.30 -17.18 33.02
CA VAL C 15 -31.01 -17.66 32.54
C VAL C 15 -30.05 -16.47 32.55
N ASP C 16 -28.75 -16.74 32.40
CA ASP C 16 -27.74 -15.67 32.40
C ASP C 16 -27.88 -14.81 31.16
N VAL C 17 -27.86 -15.46 30.01
CA VAL C 17 -27.96 -14.78 28.74
C VAL C 17 -28.93 -15.47 27.80
N ILE C 18 -29.82 -14.68 27.20
CA ILE C 18 -30.76 -15.20 26.21
C ILE C 18 -30.28 -14.63 24.88
N ILE C 19 -30.05 -15.52 23.92
CA ILE C 19 -29.58 -15.14 22.60
C ILE C 19 -30.76 -15.12 21.63
N ILE C 20 -31.05 -13.95 21.07
CA ILE C 20 -32.17 -13.86 20.14
C ILE C 20 -31.73 -14.19 18.71
N GLY C 21 -32.32 -15.23 18.14
CA GLY C 21 -32.00 -15.63 16.77
C GLY C 21 -31.03 -16.79 16.71
N ALA C 22 -31.39 -17.85 15.99
CA ALA C 22 -30.51 -19.01 15.89
C ALA C 22 -29.72 -19.09 14.58
N GLY C 23 -28.96 -18.05 14.23
CA GLY C 23 -28.17 -18.12 13.01
C GLY C 23 -26.79 -18.59 13.43
N ILE C 24 -25.87 -18.84 12.50
CA ILE C 24 -24.55 -19.27 12.94
C ILE C 24 -24.06 -18.30 14.00
N SER C 25 -24.49 -17.05 13.91
CA SER C 25 -24.06 -16.02 14.86
C SER C 25 -24.64 -16.19 16.26
N GLY C 26 -25.94 -16.48 16.33
CA GLY C 26 -26.56 -16.69 17.62
C GLY C 26 -26.02 -17.96 18.23
N SER C 27 -25.85 -18.98 17.37
CA SER C 27 -25.35 -20.29 17.79
C SER C 27 -23.90 -20.21 18.27
N ALA C 28 -23.10 -19.43 17.57
CA ALA C 28 -21.70 -19.28 17.96
C ALA C 28 -21.63 -18.60 19.32
N ALA C 29 -22.52 -17.64 19.54
CA ALA C 29 -22.58 -16.90 20.80
C ALA C 29 -23.02 -17.87 21.90
N ALA C 30 -23.98 -18.72 21.56
CA ALA C 30 -24.51 -19.70 22.49
C ALA C 30 -23.42 -20.67 22.93
N LYS C 31 -22.78 -21.32 21.97
CA LYS C 31 -21.72 -22.26 22.32
C LYS C 31 -20.65 -21.55 23.12
N ALA C 32 -20.36 -20.31 22.75
CA ALA C 32 -19.33 -19.56 23.44
C ALA C 32 -19.68 -19.41 24.90
N LEU C 33 -20.79 -18.75 25.18
CA LEU C 33 -21.21 -18.55 26.56
C LEU C 33 -21.36 -19.86 27.32
N HIS C 34 -21.89 -20.90 26.68
CA HIS C 34 -22.08 -22.20 27.34
C HIS C 34 -20.75 -22.79 27.79
N ASP C 35 -19.81 -22.94 26.85
CA ASP C 35 -18.50 -23.47 27.17
C ASP C 35 -17.85 -22.69 28.30
N GLN C 36 -18.14 -21.39 28.35
CA GLN C 36 -17.57 -20.52 29.37
C GLN C 36 -18.26 -20.82 30.71
N GLY C 37 -19.31 -21.63 30.67
CA GLY C 37 -20.02 -21.99 31.89
C GLY C 37 -21.20 -21.13 32.27
N ALA C 38 -21.65 -20.27 31.36
CA ALA C 38 -22.79 -19.40 31.65
C ALA C 38 -24.07 -20.08 31.19
N SER C 39 -25.17 -19.74 31.83
CA SER C 39 -26.46 -20.31 31.46
C SER C 39 -26.94 -19.58 30.21
N VAL C 40 -27.28 -20.34 29.19
CA VAL C 40 -27.70 -19.78 27.93
C VAL C 40 -29.08 -20.26 27.48
N LEU C 41 -29.78 -19.39 26.76
CA LEU C 41 -31.09 -19.73 26.23
C LEU C 41 -31.28 -19.00 24.88
N VAL C 42 -31.40 -19.77 23.80
CA VAL C 42 -31.57 -19.19 22.45
C VAL C 42 -33.04 -19.17 22.05
N VAL C 43 -33.52 -17.99 21.67
CA VAL C 43 -34.91 -17.83 21.27
C VAL C 43 -34.99 -17.63 19.76
N GLU C 44 -35.73 -18.50 19.07
CA GLU C 44 -35.86 -18.43 17.61
C GLU C 44 -37.26 -18.00 17.13
N ALA C 45 -37.29 -17.27 16.02
CA ALA C 45 -38.56 -16.80 15.49
C ALA C 45 -39.35 -17.90 14.82
N ASN C 46 -38.79 -18.61 13.85
CA ASN C 46 -39.60 -19.66 13.24
C ASN C 46 -39.23 -21.07 13.65
N ASP C 47 -39.52 -22.02 12.76
CA ASP C 47 -39.31 -23.43 13.07
C ASP C 47 -38.07 -24.17 12.60
N ARG C 48 -37.02 -23.47 12.18
CA ARG C 48 -35.83 -24.18 11.77
C ARG C 48 -34.66 -23.47 12.41
N ILE C 49 -33.61 -24.22 12.74
CA ILE C 49 -32.47 -23.66 13.43
C ILE C 49 -31.42 -22.86 12.68
N GLY C 50 -31.23 -23.09 11.39
CA GLY C 50 -30.23 -22.28 10.71
C GLY C 50 -30.76 -20.86 10.55
N GLY C 51 -29.99 -19.98 9.92
CA GLY C 51 -30.49 -18.64 9.70
C GLY C 51 -30.59 -18.47 8.20
N ARG C 52 -29.75 -17.60 7.64
CA ARG C 52 -29.70 -17.38 6.20
C ARG C 52 -28.84 -18.56 5.75
N THR C 53 -28.77 -19.53 6.67
CA THR C 53 -28.04 -20.76 6.50
C THR C 53 -29.16 -21.80 6.60
N TRP C 54 -29.67 -22.19 5.43
CA TRP C 54 -30.80 -23.13 5.35
C TRP C 54 -30.40 -24.41 4.61
N THR C 55 -30.53 -25.54 5.28
CA THR C 55 -30.15 -26.81 4.67
C THR C 55 -31.26 -27.84 4.71
N GLU C 56 -31.26 -28.74 3.71
CA GLU C 56 -32.23 -29.83 3.62
C GLU C 56 -31.57 -31.04 2.98
N GLN C 57 -31.20 -32.01 3.82
CA GLN C 57 -30.55 -33.24 3.37
C GLN C 57 -31.57 -34.19 2.74
N GLU C 58 -32.84 -33.89 2.96
CA GLU C 58 -33.93 -34.67 2.41
C GLU C 58 -34.13 -34.21 0.97
N GLY C 59 -33.43 -33.13 0.62
CA GLY C 59 -33.48 -32.50 -0.69
C GLY C 59 -33.81 -33.36 -1.91
N ALA C 60 -34.91 -33.01 -2.57
CA ALA C 60 -35.41 -33.71 -3.76
C ALA C 60 -34.36 -34.15 -4.81
N PRO C 61 -33.15 -33.61 -4.75
CA PRO C 61 -32.24 -34.09 -5.79
C PRO C 61 -31.37 -35.21 -5.25
N GLY C 62 -30.17 -35.31 -5.80
CA GLY C 62 -29.24 -36.33 -5.35
C GLY C 62 -28.14 -35.78 -4.46
N GLY C 63 -28.52 -35.40 -3.25
CA GLY C 63 -27.57 -34.87 -2.29
C GLY C 63 -28.26 -33.82 -1.43
N PRO C 64 -27.69 -33.48 -0.27
CA PRO C 64 -28.34 -32.47 0.57
C PRO C 64 -28.32 -31.17 -0.23
N ILE C 65 -29.19 -30.23 0.11
CA ILE C 65 -29.25 -28.95 -0.60
C ILE C 65 -29.27 -27.74 0.34
N ASP C 66 -28.54 -26.70 -0.03
CA ASP C 66 -28.46 -25.47 0.74
C ASP C 66 -29.25 -24.39 0.03
N TYR C 67 -30.26 -23.83 0.72
CA TYR C 67 -31.06 -22.77 0.13
C TYR C 67 -30.48 -21.43 0.53
N GLY C 68 -29.55 -21.47 1.47
CA GLY C 68 -28.92 -20.24 1.93
C GLY C 68 -27.44 -20.26 1.64
N GLY C 69 -26.65 -19.66 2.53
CA GLY C 69 -25.22 -19.62 2.35
C GLY C 69 -24.57 -20.96 2.52
N MET C 70 -23.44 -21.17 1.83
CA MET C 70 -22.74 -22.44 1.92
C MET C 70 -21.26 -22.41 1.57
N PHE C 71 -20.74 -21.29 1.08
CA PHE C 71 -19.33 -21.25 0.72
C PHE C 71 -18.42 -20.84 1.87
N ILE C 72 -17.30 -21.54 1.99
CA ILE C 72 -16.33 -21.25 3.04
C ILE C 72 -15.11 -20.63 2.38
N GLY C 73 -14.66 -19.50 2.92
CA GLY C 73 -13.52 -18.81 2.37
C GLY C 73 -12.22 -19.36 2.93
N GLU C 74 -11.14 -19.26 2.15
CA GLU C 74 -9.87 -19.77 2.63
C GLU C 74 -9.35 -19.06 3.86
N THR C 75 -9.71 -17.79 4.05
CA THR C 75 -9.26 -17.10 5.25
C THR C 75 -10.37 -17.09 6.29
N HIS C 76 -11.38 -17.93 6.09
CA HIS C 76 -12.51 -18.02 7.01
C HIS C 76 -12.14 -18.85 8.23
N THR C 77 -11.09 -18.36 8.89
CA THR C 77 -10.50 -18.97 10.05
C THR C 77 -11.43 -19.44 11.18
N HIS C 78 -12.22 -18.54 11.74
CA HIS C 78 -13.12 -18.89 12.85
C HIS C 78 -14.20 -19.89 12.51
N LEU C 79 -14.79 -19.75 11.33
CA LEU C 79 -15.84 -20.67 10.88
C LEU C 79 -15.25 -22.06 10.71
N ILE C 80 -14.10 -22.15 10.04
CA ILE C 80 -13.45 -23.43 9.82
C ILE C 80 -13.20 -24.18 11.13
N GLU C 81 -12.69 -23.47 12.14
CA GLU C 81 -12.42 -24.09 13.43
C GLU C 81 -13.74 -24.53 14.06
N LEU C 82 -14.65 -23.59 14.27
CA LEU C 82 -15.94 -23.93 14.87
C LEU C 82 -16.52 -25.22 14.29
N GLY C 83 -16.89 -25.16 13.02
CA GLY C 83 -17.47 -26.32 12.37
C GLY C 83 -16.61 -27.56 12.37
N THR C 84 -15.29 -27.40 12.32
CA THR C 84 -14.41 -28.56 12.29
C THR C 84 -14.41 -29.26 13.66
N SER C 85 -14.40 -28.45 14.72
CA SER C 85 -14.39 -28.98 16.07
C SER C 85 -15.73 -29.66 16.29
N LEU C 86 -16.77 -29.14 15.63
CA LEU C 86 -18.11 -29.72 15.73
C LEU C 86 -18.13 -31.07 15.03
N GLY C 87 -17.05 -31.41 14.34
CA GLY C 87 -16.97 -32.69 13.66
C GLY C 87 -17.27 -32.71 12.17
N LEU C 88 -17.63 -31.55 11.62
CA LEU C 88 -17.95 -31.45 10.20
C LEU C 88 -16.65 -31.58 9.40
N GLU C 89 -16.77 -32.06 8.17
CA GLU C 89 -15.62 -32.25 7.29
C GLU C 89 -15.80 -31.41 6.01
N MET C 90 -14.80 -30.59 5.68
CA MET C 90 -14.85 -29.72 4.51
C MET C 90 -14.60 -30.45 3.18
N THR C 91 -14.73 -29.71 2.08
CA THR C 91 -14.48 -30.22 0.72
C THR C 91 -14.33 -29.04 -0.23
N PRO C 92 -13.39 -29.13 -1.17
CA PRO C 92 -13.10 -28.09 -2.16
C PRO C 92 -14.29 -27.66 -2.99
N SER C 93 -14.42 -26.36 -3.23
CA SER C 93 -15.53 -25.85 -4.03
C SER C 93 -15.14 -25.70 -5.50
N GLY C 94 -14.07 -24.94 -5.74
CA GLY C 94 -13.61 -24.69 -7.10
C GLY C 94 -13.63 -25.88 -8.03
N LYS C 95 -13.69 -25.61 -9.34
CA LYS C 95 -13.70 -26.64 -10.37
C LYS C 95 -12.71 -26.32 -11.49
N PRO C 96 -12.14 -27.35 -12.11
CA PRO C 96 -11.17 -27.23 -13.20
C PRO C 96 -11.80 -26.75 -14.49
N GLY C 97 -11.20 -25.74 -15.12
CA GLY C 97 -11.76 -25.29 -16.37
C GLY C 97 -11.80 -23.79 -16.55
N ASP C 98 -12.32 -23.38 -17.69
CA ASP C 98 -12.42 -21.98 -18.02
C ASP C 98 -13.66 -21.36 -17.39
N ASP C 99 -13.49 -20.16 -16.86
CA ASP C 99 -14.61 -19.44 -16.27
C ASP C 99 -15.30 -18.79 -17.47
N THR C 100 -16.59 -18.52 -17.34
CA THR C 100 -17.29 -17.92 -18.46
C THR C 100 -17.82 -16.52 -18.19
N TYR C 101 -17.76 -15.70 -19.23
CA TYR C 101 -18.27 -14.35 -19.13
C TYR C 101 -19.22 -14.07 -20.28
N ILE C 102 -20.36 -13.48 -19.95
CA ILE C 102 -21.30 -13.10 -20.96
C ILE C 102 -21.41 -11.59 -20.80
N VAL C 103 -20.72 -10.90 -21.69
CA VAL C 103 -20.69 -9.45 -21.68
C VAL C 103 -21.49 -8.93 -22.88
N ALA C 104 -22.62 -8.29 -22.59
CA ALA C 104 -23.47 -7.77 -23.64
C ALA C 104 -23.91 -8.89 -24.57
N GLY C 105 -24.39 -9.98 -23.96
CA GLY C 105 -24.85 -11.11 -24.74
C GLY C 105 -23.80 -11.98 -25.42
N ASN C 106 -22.54 -11.58 -25.38
CA ASN C 106 -21.50 -12.38 -26.00
C ASN C 106 -20.82 -13.31 -25.00
N VAL C 107 -20.62 -14.55 -25.41
CA VAL C 107 -19.99 -15.56 -24.58
C VAL C 107 -18.47 -15.49 -24.68
N LEU C 108 -17.81 -15.25 -23.55
CA LEU C 108 -16.36 -15.19 -23.53
C LEU C 108 -15.81 -16.20 -22.55
N ARG C 109 -14.85 -17.01 -22.99
CA ARG C 109 -14.24 -18.00 -22.12
C ARG C 109 -12.98 -17.38 -21.53
N ALA C 110 -12.74 -17.66 -20.27
CA ALA C 110 -11.58 -17.14 -19.57
C ALA C 110 -10.70 -18.25 -19.04
N PRO C 111 -9.66 -18.59 -19.81
CA PRO C 111 -8.83 -19.66 -19.28
C PRO C 111 -7.94 -19.10 -18.16
N ASP C 112 -7.70 -19.89 -17.11
CA ASP C 112 -6.80 -19.42 -16.02
C ASP C 112 -7.36 -18.13 -15.43
N ASP C 113 -8.70 -18.11 -15.33
CA ASP C 113 -9.42 -16.97 -14.75
C ASP C 113 -9.11 -15.67 -15.51
N GLN C 114 -8.25 -15.78 -16.54
CA GLN C 114 -7.86 -14.63 -17.33
C GLN C 114 -8.58 -14.40 -18.66
N LEU C 115 -8.98 -13.16 -18.91
CA LEU C 115 -9.67 -12.80 -20.15
C LEU C 115 -8.68 -12.28 -21.22
N ASP C 116 -8.97 -12.55 -22.49
CA ASP C 116 -8.11 -12.11 -23.58
C ASP C 116 -7.81 -10.63 -23.46
N PRO C 117 -6.54 -10.29 -23.19
CA PRO C 117 -6.09 -8.91 -23.03
C PRO C 117 -6.43 -8.06 -24.23
N ASN C 118 -6.67 -8.70 -25.36
CA ASN C 118 -6.98 -7.95 -26.57
C ASN C 118 -8.40 -7.44 -26.61
N LEU C 119 -9.30 -8.04 -25.86
CA LEU C 119 -10.68 -7.55 -25.83
C LEU C 119 -10.60 -6.10 -25.42
N PRO C 120 -11.31 -5.22 -26.11
CA PRO C 120 -11.30 -3.79 -25.79
C PRO C 120 -11.64 -3.40 -24.36
N PHE C 121 -12.59 -4.09 -23.73
CA PHE C 121 -12.98 -3.73 -22.37
C PHE C 121 -12.06 -4.23 -21.25
N VAL C 122 -11.34 -5.33 -21.47
CA VAL C 122 -10.48 -5.90 -20.42
C VAL C 122 -9.54 -4.94 -19.71
N PRO C 123 -8.80 -4.11 -20.46
CA PRO C 123 -7.89 -3.16 -19.84
C PRO C 123 -8.53 -2.28 -18.74
N GLU C 124 -9.56 -1.51 -19.09
CA GLU C 124 -10.22 -0.64 -18.11
C GLU C 124 -10.93 -1.47 -17.05
N PHE C 125 -11.22 -2.72 -17.35
CA PHE C 125 -11.87 -3.58 -16.38
C PHE C 125 -10.84 -3.89 -15.29
N LEU C 126 -9.60 -4.15 -15.72
CA LEU C 126 -8.51 -4.47 -14.80
C LEU C 126 -8.08 -3.25 -13.98
N SER C 127 -8.17 -2.07 -14.61
CA SER C 127 -7.79 -0.82 -13.98
C SER C 127 -8.85 -0.37 -12.96
N SER C 128 -10.11 -0.35 -13.39
CA SER C 128 -11.19 0.07 -12.50
C SER C 128 -11.21 -0.83 -11.26
N LEU C 129 -10.92 -2.11 -11.47
CA LEU C 129 -10.89 -3.06 -10.37
C LEU C 129 -9.86 -2.64 -9.33
N LYS C 130 -8.65 -2.34 -9.78
CA LYS C 130 -7.58 -1.90 -8.90
C LYS C 130 -7.99 -0.61 -8.21
N ALA C 131 -8.52 0.32 -9.02
CA ALA C 131 -8.98 1.62 -8.57
C ALA C 131 -9.94 1.48 -7.40
N LEU C 132 -10.82 0.47 -7.48
CA LEU C 132 -11.79 0.16 -6.44
C LEU C 132 -11.09 -0.29 -5.16
N ASP C 133 -10.19 -1.26 -5.30
CA ASP C 133 -9.46 -1.76 -4.15
C ASP C 133 -8.74 -0.62 -3.44
N GLU C 134 -8.27 0.36 -4.21
CA GLU C 134 -7.57 1.48 -3.61
C GLU C 134 -8.53 2.27 -2.76
N LEU C 135 -9.68 2.59 -3.33
CA LEU C 135 -10.72 3.33 -2.62
C LEU C 135 -11.07 2.54 -1.37
N ALA C 136 -11.26 1.24 -1.53
CA ALA C 136 -11.60 0.40 -0.39
C ALA C 136 -10.53 0.55 0.69
N ASP C 137 -9.26 0.56 0.30
CA ASP C 137 -8.18 0.70 1.27
C ASP C 137 -8.12 2.08 1.92
N SER C 138 -8.56 3.11 1.21
CA SER C 138 -8.51 4.45 1.80
C SER C 138 -9.46 4.58 2.99
N VAL C 139 -10.47 3.71 3.04
CA VAL C 139 -11.43 3.68 4.15
C VAL C 139 -11.32 2.23 4.63
N GLY C 140 -10.91 2.02 5.87
CA GLY C 140 -10.72 0.66 6.33
C GLY C 140 -11.94 -0.19 6.58
N TRP C 141 -11.97 -0.81 7.75
CA TRP C 141 -13.10 -1.64 8.14
C TRP C 141 -13.36 -1.34 9.61
N ASP C 142 -12.39 -0.69 10.23
CA ASP C 142 -12.50 -0.37 11.63
C ASP C 142 -13.28 0.91 11.91
N GLN C 143 -12.91 2.00 11.25
CA GLN C 143 -13.57 3.27 11.46
C GLN C 143 -13.98 3.87 10.13
N PRO C 144 -14.56 3.07 9.23
CA PRO C 144 -14.92 3.65 7.93
C PRO C 144 -15.52 5.05 8.02
N TRP C 145 -16.49 5.23 8.91
CA TRP C 145 -17.17 6.51 9.09
C TRP C 145 -16.22 7.60 9.54
N ALA C 146 -15.00 7.20 9.89
CA ALA C 146 -13.98 8.14 10.36
C ALA C 146 -12.86 8.35 9.35
N SER C 147 -12.80 7.50 8.33
CA SER C 147 -11.77 7.60 7.31
C SER C 147 -11.66 9.01 6.74
N PRO C 148 -10.48 9.35 6.21
CA PRO C 148 -10.07 10.61 5.58
C PRO C 148 -11.13 11.35 4.79
N ASN C 149 -12.05 10.63 4.18
CA ASN C 149 -13.06 11.34 3.42
C ASN C 149 -14.43 10.66 3.44
N ALA C 150 -14.75 10.06 4.58
CA ALA C 150 -16.00 9.34 4.74
C ALA C 150 -17.21 10.16 4.31
N ALA C 151 -17.42 11.30 4.97
CA ALA C 151 -18.54 12.22 4.71
C ALA C 151 -18.80 12.35 3.23
N ALA C 152 -17.77 12.80 2.51
CA ALA C 152 -17.87 13.00 1.08
C ALA C 152 -18.37 11.72 0.43
N LEU C 153 -17.61 10.65 0.65
CA LEU C 153 -17.91 9.32 0.12
C LEU C 153 -19.32 8.81 0.39
N ASP C 154 -19.80 8.96 1.62
CA ASP C 154 -21.14 8.48 2.00
C ASP C 154 -22.23 9.36 1.40
N SER C 155 -21.82 10.27 0.52
CA SER C 155 -22.73 11.18 -0.14
C SER C 155 -23.02 10.75 -1.58
N LYS C 156 -22.04 10.10 -2.22
CA LYS C 156 -22.17 9.62 -3.60
C LYS C 156 -22.74 8.19 -3.57
N THR C 157 -23.23 7.71 -4.72
CA THR C 157 -23.73 6.33 -4.80
C THR C 157 -22.73 5.56 -5.68
N VAL C 158 -22.54 4.27 -5.41
CA VAL C 158 -21.61 3.48 -6.19
C VAL C 158 -21.91 3.66 -7.68
N ALA C 159 -23.13 4.09 -7.96
CA ALA C 159 -23.60 4.31 -9.31
C ALA C 159 -22.95 5.56 -9.88
N THR C 160 -23.15 6.70 -9.23
CA THR C 160 -22.57 7.91 -9.76
C THR C 160 -21.05 7.77 -9.82
N TRP C 161 -20.43 7.07 -8.88
CA TRP C 161 -18.98 6.91 -8.94
C TRP C 161 -18.58 6.16 -10.21
N LEU C 162 -19.25 5.06 -10.51
CA LEU C 162 -18.92 4.30 -11.72
C LEU C 162 -19.06 5.21 -12.91
N ALA C 163 -20.06 6.07 -12.86
CA ALA C 163 -20.31 7.00 -13.93
C ALA C 163 -19.14 7.97 -14.06
N GLU C 164 -18.70 8.51 -12.93
CA GLU C 164 -17.61 9.48 -12.93
C GLU C 164 -16.23 8.86 -13.16
N THR C 165 -16.11 7.55 -13.02
CA THR C 165 -14.80 6.95 -13.13
C THR C 165 -14.54 5.95 -14.27
N ILE C 166 -15.60 5.47 -14.93
CA ILE C 166 -15.42 4.49 -16.00
C ILE C 166 -16.00 4.90 -17.35
N GLU C 167 -15.21 4.81 -18.42
CA GLU C 167 -15.73 5.18 -19.73
C GLU C 167 -16.58 4.12 -20.39
N SER C 168 -16.05 2.90 -20.46
CA SER C 168 -16.73 1.76 -21.08
C SER C 168 -18.06 1.36 -20.46
N GLU C 169 -19.05 1.12 -21.31
CA GLU C 169 -20.35 0.74 -20.81
C GLU C 169 -20.28 -0.67 -20.26
N GLU C 170 -19.53 -1.54 -20.91
CA GLU C 170 -19.40 -2.91 -20.41
C GLU C 170 -18.67 -2.94 -19.06
N VAL C 171 -17.56 -2.23 -18.95
CA VAL C 171 -16.84 -2.20 -17.69
C VAL C 171 -17.82 -1.71 -16.64
N ARG C 172 -18.57 -0.67 -17.00
CA ARG C 172 -19.57 -0.10 -16.10
C ARG C 172 -20.56 -1.19 -15.69
N ARG C 173 -21.06 -1.95 -16.66
CA ARG C 173 -22.03 -3.00 -16.41
C ARG C 173 -21.49 -4.15 -15.58
N LEU C 174 -20.44 -4.82 -16.04
CA LEU C 174 -19.94 -5.94 -15.25
C LEU C 174 -19.53 -5.51 -13.85
N HIS C 175 -19.43 -4.20 -13.63
CA HIS C 175 -19.12 -3.71 -12.29
C HIS C 175 -20.46 -3.75 -11.58
N THR C 176 -21.47 -3.20 -12.23
CA THR C 176 -22.81 -3.18 -11.68
C THR C 176 -23.25 -4.60 -11.25
N VAL C 177 -23.15 -5.54 -12.18
CA VAL C 177 -23.55 -6.93 -11.92
C VAL C 177 -22.89 -7.45 -10.65
N ILE C 178 -21.60 -7.17 -10.53
CA ILE C 178 -20.83 -7.60 -9.36
C ILE C 178 -21.48 -7.06 -8.09
N VAL C 179 -21.76 -5.75 -8.06
CA VAL C 179 -22.40 -5.15 -6.89
C VAL C 179 -23.72 -5.86 -6.60
N ASN C 180 -24.57 -5.94 -7.62
CA ASN C 180 -25.88 -6.56 -7.46
C ASN C 180 -25.88 -7.95 -6.89
N THR C 181 -24.95 -8.80 -7.32
CA THR C 181 -24.91 -10.17 -6.82
C THR C 181 -24.18 -10.32 -5.51
N LEU C 182 -23.13 -9.51 -5.32
CA LEU C 182 -22.33 -9.57 -4.10
C LEU C 182 -23.11 -8.95 -2.92
N LEU C 183 -23.85 -7.88 -3.19
CA LEU C 183 -24.70 -7.23 -2.20
C LEU C 183 -26.04 -7.62 -2.78
N GLY C 184 -27.14 -7.32 -2.11
CA GLY C 184 -28.40 -7.70 -2.74
C GLY C 184 -28.97 -6.53 -3.49
N ALA C 185 -28.21 -5.44 -3.56
CA ALA C 185 -28.66 -4.22 -4.21
C ALA C 185 -27.89 -3.79 -5.44
N ASP C 186 -28.42 -2.77 -6.10
CA ASP C 186 -27.81 -2.24 -7.31
C ASP C 186 -26.99 -1.01 -6.90
N PRO C 187 -25.91 -0.70 -7.63
CA PRO C 187 -25.12 0.47 -7.24
C PRO C 187 -25.89 1.80 -7.13
N TYR C 188 -27.07 1.89 -7.74
CA TYR C 188 -27.82 3.13 -7.66
C TYR C 188 -28.49 3.37 -6.33
N GLU C 189 -28.46 2.37 -5.45
CA GLU C 189 -29.08 2.49 -4.14
C GLU C 189 -28.12 2.21 -3.01
N VAL C 190 -26.82 2.12 -3.34
CA VAL C 190 -25.80 1.82 -2.35
C VAL C 190 -24.76 2.91 -2.14
N SER C 191 -24.52 3.28 -0.89
CA SER C 191 -23.52 4.30 -0.59
C SER C 191 -22.16 3.92 -1.17
N LEU C 192 -21.47 4.90 -1.73
CA LEU C 192 -20.14 4.63 -2.27
C LEU C 192 -19.24 4.25 -1.09
N LEU C 193 -19.37 5.00 0.00
CA LEU C 193 -18.57 4.71 1.19
C LEU C 193 -18.88 3.31 1.69
N TYR C 194 -20.16 2.97 1.75
CA TYR C 194 -20.53 1.65 2.22
C TYR C 194 -19.91 0.55 1.36
N TRP C 195 -19.79 0.76 0.05
CA TRP C 195 -19.21 -0.32 -0.74
C TRP C 195 -17.70 -0.44 -0.57
N ALA C 196 -17.01 0.69 -0.54
CA ALA C 196 -15.56 0.66 -0.37
C ALA C 196 -15.32 -0.09 0.92
N TYR C 197 -16.16 0.21 1.91
CA TYR C 197 -16.08 -0.43 3.21
C TYR C 197 -16.17 -1.94 3.02
N TYR C 198 -17.28 -2.38 2.45
CA TYR C 198 -17.52 -3.79 2.21
C TYR C 198 -16.36 -4.48 1.49
N VAL C 199 -15.91 -3.88 0.39
CA VAL C 199 -14.82 -4.46 -0.36
C VAL C 199 -13.63 -4.58 0.55
N SER C 200 -13.43 -3.57 1.39
CA SER C 200 -12.29 -3.58 2.30
C SER C 200 -12.36 -4.63 3.39
N GLU C 201 -13.52 -4.74 4.04
CA GLU C 201 -13.71 -5.67 5.14
C GLU C 201 -13.86 -7.14 4.73
N CYS C 202 -13.76 -7.41 3.44
CA CYS C 202 -13.86 -8.76 2.96
C CYS C 202 -12.58 -9.11 2.21
N GLU C 203 -11.56 -8.28 2.45
CA GLU C 203 -10.23 -8.46 1.86
C GLU C 203 -10.13 -8.26 0.33
N GLY C 204 -10.72 -7.17 -0.19
CA GLY C 204 -10.64 -6.88 -1.62
C GLY C 204 -11.59 -7.65 -2.50
N ILE C 205 -11.92 -7.13 -3.69
CA ILE C 205 -12.84 -7.86 -4.58
C ILE C 205 -12.21 -9.11 -5.12
N GLN C 206 -10.90 -9.10 -5.30
CA GLN C 206 -10.24 -10.27 -5.83
C GLN C 206 -10.60 -11.48 -4.96
N SER C 207 -10.66 -11.25 -3.65
CA SER C 207 -11.02 -12.26 -2.66
C SER C 207 -12.54 -12.47 -2.67
N LEU C 208 -13.24 -11.35 -2.76
CA LEU C 208 -14.69 -11.31 -2.76
C LEU C 208 -15.24 -11.94 -4.04
N MET C 209 -14.49 -11.80 -5.14
CA MET C 209 -14.92 -12.32 -6.43
C MET C 209 -14.32 -13.66 -6.88
N GLY C 210 -13.44 -14.25 -6.08
CA GLY C 210 -12.83 -15.52 -6.43
C GLY C 210 -13.83 -16.63 -6.71
N THR C 211 -13.43 -17.62 -7.50
CA THR C 211 -14.31 -18.74 -7.84
C THR C 211 -13.71 -20.07 -7.43
N ARG C 212 -12.38 -20.07 -7.32
CA ARG C 212 -11.61 -21.26 -6.95
C ARG C 212 -11.19 -21.05 -5.49
N ASP C 213 -10.63 -19.89 -5.21
CA ASP C 213 -10.17 -19.53 -3.88
C ASP C 213 -10.95 -18.30 -3.38
N GLY C 214 -10.30 -17.46 -2.58
CA GLY C 214 -10.99 -16.29 -2.07
C GLY C 214 -12.14 -16.73 -1.18
N ALA C 215 -13.19 -15.93 -1.13
CA ALA C 215 -14.36 -16.27 -0.30
C ALA C 215 -15.04 -17.56 -0.74
N GLN C 216 -15.00 -17.85 -2.04
CA GLN C 216 -15.63 -19.06 -2.57
C GLN C 216 -14.53 -20.11 -2.69
N TRP C 217 -14.25 -20.80 -1.59
CA TRP C 217 -13.17 -21.78 -1.59
C TRP C 217 -13.47 -23.20 -1.16
N ALA C 218 -14.51 -23.41 -0.36
CA ALA C 218 -14.84 -24.77 0.09
C ALA C 218 -16.21 -24.90 0.77
N TRP C 219 -16.69 -26.13 0.86
CA TRP C 219 -17.99 -26.41 1.48
C TRP C 219 -17.93 -27.40 2.63
N TRP C 220 -19.00 -27.39 3.42
CA TRP C 220 -19.12 -28.32 4.53
C TRP C 220 -19.79 -29.55 3.91
N PHE C 221 -18.99 -30.56 3.63
CA PHE C 221 -19.50 -31.80 3.04
C PHE C 221 -20.58 -32.31 4.01
N GLY C 222 -21.82 -31.85 3.77
CA GLY C 222 -22.94 -32.23 4.60
C GLY C 222 -24.06 -31.20 4.68
N GLY C 223 -23.72 -29.93 4.46
CA GLY C 223 -24.73 -28.87 4.53
C GLY C 223 -24.21 -27.78 5.46
N ALA C 224 -24.59 -26.53 5.18
CA ALA C 224 -24.14 -25.39 5.99
C ALA C 224 -24.92 -25.15 7.28
N ALA C 225 -26.17 -25.55 7.31
CA ALA C 225 -26.96 -25.34 8.51
C ALA C 225 -26.44 -26.20 9.67
N GLN C 226 -25.60 -27.17 9.35
CA GLN C 226 -25.05 -28.06 10.37
C GLN C 226 -24.28 -27.42 11.51
N VAL C 227 -23.53 -26.35 11.23
CA VAL C 227 -22.79 -25.70 12.29
C VAL C 227 -23.77 -25.30 13.38
N SER C 228 -24.93 -24.80 12.99
CA SER C 228 -25.92 -24.39 13.97
C SER C 228 -26.61 -25.58 14.60
N TRP C 229 -26.89 -26.63 13.82
CA TRP C 229 -27.55 -27.80 14.40
C TRP C 229 -26.64 -28.50 15.39
N ARG C 230 -25.43 -28.81 14.95
CA ARG C 230 -24.47 -29.50 15.79
C ARG C 230 -24.23 -28.72 17.08
N ILE C 231 -24.22 -27.39 17.00
CA ILE C 231 -24.03 -26.59 18.20
C ILE C 231 -25.24 -26.85 19.08
N ALA C 232 -26.43 -26.80 18.48
CA ALA C 232 -27.68 -27.05 19.19
C ALA C 232 -27.63 -28.40 19.90
N ASP C 233 -27.29 -29.45 19.15
CA ASP C 233 -27.19 -30.80 19.72
C ASP C 233 -26.25 -30.81 20.92
N ALA C 234 -25.05 -30.24 20.73
CA ALA C 234 -24.05 -30.19 21.79
C ALA C 234 -24.55 -29.43 23.02
N ILE C 235 -24.72 -28.12 22.86
CA ILE C 235 -25.20 -27.25 23.93
C ILE C 235 -26.53 -27.72 24.59
N GLY C 236 -27.32 -28.53 23.89
CA GLY C 236 -28.58 -28.97 24.47
C GLY C 236 -29.77 -28.50 23.66
N ARG C 237 -30.19 -29.35 22.71
CA ARG C 237 -31.30 -29.08 21.80
C ARG C 237 -32.54 -28.45 22.41
N ASP C 238 -32.64 -28.50 23.74
CA ASP C 238 -33.80 -27.97 24.45
C ASP C 238 -33.59 -26.52 24.88
N LYS C 239 -32.37 -26.02 24.74
CA LYS C 239 -32.06 -24.65 25.12
C LYS C 239 -32.39 -23.71 23.97
N PHE C 240 -32.95 -24.28 22.90
CA PHE C 240 -33.36 -23.50 21.75
C PHE C 240 -34.88 -23.53 21.69
N LEU C 241 -35.53 -22.38 21.91
CA LEU C 241 -36.99 -22.32 21.85
C LEU C 241 -37.45 -21.81 20.50
N LEU C 242 -37.69 -22.71 19.54
CA LEU C 242 -38.15 -22.30 18.23
C LEU C 242 -39.56 -21.71 18.30
N GLU C 243 -39.95 -20.97 17.27
CA GLU C 243 -41.27 -20.35 17.23
C GLU C 243 -41.53 -19.46 18.44
N TRP C 244 -40.49 -18.72 18.84
CA TRP C 244 -40.57 -17.79 19.96
C TRP C 244 -40.18 -16.40 19.45
N PRO C 245 -40.96 -15.84 18.51
CA PRO C 245 -40.66 -14.52 17.95
C PRO C 245 -40.68 -13.45 19.02
N VAL C 246 -39.55 -12.77 19.19
CA VAL C 246 -39.46 -11.69 20.16
C VAL C 246 -40.10 -10.47 19.53
N ASP C 247 -41.04 -9.83 20.22
CA ASP C 247 -41.68 -8.64 19.65
C ASP C 247 -41.49 -7.40 20.50
N ARG C 248 -41.06 -7.56 21.75
CA ARG C 248 -40.82 -6.41 22.59
C ARG C 248 -39.67 -6.69 23.54
N ILE C 249 -38.92 -5.65 23.88
CA ILE C 249 -37.79 -5.78 24.76
C ILE C 249 -37.70 -4.66 25.78
N GLU C 250 -37.92 -5.03 27.03
CA GLU C 250 -37.81 -4.08 28.14
C GLU C 250 -36.39 -4.32 28.60
N HIS C 251 -35.54 -3.34 28.35
CA HIS C 251 -34.14 -3.46 28.68
C HIS C 251 -33.72 -2.42 29.68
N ASP C 252 -33.75 -2.75 30.96
CA ASP C 252 -33.29 -1.74 31.88
C ASP C 252 -31.99 -2.09 32.60
N GLU C 253 -31.69 -1.30 33.61
CA GLU C 253 -30.45 -1.42 34.34
C GLU C 253 -30.08 -2.70 35.06
N SER C 254 -31.04 -3.57 35.34
CA SER C 254 -30.69 -4.80 36.05
C SER C 254 -30.70 -6.04 35.19
N GLY C 255 -31.24 -5.91 33.99
CA GLY C 255 -31.30 -7.04 33.09
C GLY C 255 -32.23 -6.74 31.95
N VAL C 256 -32.75 -7.77 31.29
CA VAL C 256 -33.65 -7.55 30.17
C VAL C 256 -34.82 -8.52 30.19
N THR C 257 -35.98 -8.03 29.74
CA THR C 257 -37.19 -8.83 29.65
C THR C 257 -37.66 -8.92 28.20
N LEU C 258 -37.68 -10.14 27.69
CA LEU C 258 -38.12 -10.43 26.32
C LEU C 258 -39.58 -10.83 26.31
N PHE C 259 -40.30 -10.47 25.25
CA PHE C 259 -41.71 -10.81 25.13
C PHE C 259 -42.05 -11.41 23.78
N SER C 260 -42.73 -12.53 23.80
CA SER C 260 -43.18 -13.17 22.58
C SER C 260 -44.69 -13.27 22.75
N GLY C 261 -45.36 -12.13 22.58
CA GLY C 261 -46.80 -12.09 22.74
C GLY C 261 -47.05 -11.93 24.22
N GLN C 262 -47.74 -12.90 24.81
CA GLN C 262 -48.02 -12.87 26.25
C GLN C 262 -46.90 -13.61 26.96
N ARG C 263 -46.15 -14.40 26.20
CA ARG C 263 -45.02 -15.14 26.75
C ARG C 263 -43.87 -14.15 27.08
N SER C 264 -42.99 -14.55 28.00
CA SER C 264 -41.87 -13.68 28.34
C SER C 264 -40.75 -14.43 29.07
N LEU C 265 -39.55 -13.88 29.00
CA LEU C 265 -38.37 -14.45 29.64
C LEU C 265 -37.54 -13.29 30.20
N ARG C 266 -36.50 -13.61 30.97
CA ARG C 266 -35.60 -12.59 31.52
C ARG C 266 -34.19 -13.13 31.79
N ALA C 267 -33.20 -12.35 31.38
CA ALA C 267 -31.80 -12.71 31.58
C ALA C 267 -31.05 -11.45 31.96
N ARG C 268 -29.86 -11.61 32.52
CA ARG C 268 -29.03 -10.48 32.92
C ARG C 268 -28.53 -9.73 31.70
N HIS C 269 -28.17 -10.50 30.66
CA HIS C 269 -27.68 -9.97 29.40
C HIS C 269 -28.38 -10.71 28.27
N ILE C 270 -28.57 -10.03 27.14
CA ILE C 270 -29.16 -10.67 25.97
C ILE C 270 -28.35 -10.18 24.78
N VAL C 271 -28.18 -11.07 23.80
CA VAL C 271 -27.45 -10.74 22.58
C VAL C 271 -28.45 -10.90 21.43
N ILE C 272 -28.69 -9.80 20.73
CA ILE C 272 -29.61 -9.80 19.61
C ILE C 272 -28.79 -10.02 18.33
N ALA C 273 -28.83 -11.27 17.87
CA ALA C 273 -28.08 -11.74 16.70
C ALA C 273 -28.85 -11.91 15.42
N MET C 274 -29.02 -10.80 14.70
CA MET C 274 -29.74 -10.77 13.43
C MET C 274 -29.38 -9.51 12.65
N SER C 275 -30.00 -9.33 11.49
CA SER C 275 -29.74 -8.14 10.69
C SER C 275 -30.38 -6.92 11.34
N PRO C 276 -29.78 -5.73 11.13
CA PRO C 276 -30.32 -4.50 11.71
C PRO C 276 -31.79 -4.31 11.33
N LEU C 277 -32.13 -4.64 10.10
CA LEU C 277 -33.52 -4.52 9.65
C LEU C 277 -34.47 -5.41 10.45
N ALA C 278 -34.10 -6.68 10.59
CA ALA C 278 -34.91 -7.67 11.32
C ALA C 278 -35.11 -7.27 12.78
N ALA C 279 -34.10 -6.64 13.35
CA ALA C 279 -34.17 -6.21 14.73
C ALA C 279 -35.04 -4.99 14.89
N ASN C 280 -35.22 -4.22 13.83
CA ASN C 280 -36.01 -3.02 13.94
C ASN C 280 -37.48 -3.35 14.10
N GLN C 281 -37.84 -4.62 13.91
CA GLN C 281 -39.23 -5.05 14.04
C GLN C 281 -39.63 -5.21 15.51
N ILE C 282 -38.63 -5.23 16.37
CA ILE C 282 -38.82 -5.39 17.81
C ILE C 282 -38.99 -4.03 18.49
N ARG C 283 -39.94 -3.93 19.42
CA ARG C 283 -40.14 -2.69 20.15
C ARG C 283 -39.20 -2.63 21.34
N PHE C 284 -38.63 -1.47 21.60
CA PHE C 284 -37.70 -1.32 22.71
C PHE C 284 -38.18 -0.30 23.75
N GLU C 285 -38.16 -0.72 25.02
CA GLU C 285 -38.54 0.16 26.11
C GLU C 285 -37.41 0.14 27.15
N PRO C 286 -36.74 1.29 27.36
CA PRO C 286 -37.01 2.54 26.66
C PRO C 286 -36.55 2.48 25.22
N ALA C 287 -36.78 3.56 24.50
CA ALA C 287 -36.37 3.63 23.10
C ALA C 287 -34.86 3.56 22.99
N LEU C 288 -34.39 3.03 21.86
CA LEU C 288 -32.97 2.92 21.57
C LEU C 288 -32.45 4.32 21.27
N PRO C 289 -31.18 4.60 21.61
CA PRO C 289 -30.65 5.93 21.30
C PRO C 289 -30.73 6.21 19.80
N THR C 290 -31.16 7.41 19.44
CA THR C 290 -31.31 7.83 18.06
C THR C 290 -30.25 7.26 17.10
N SER C 291 -29.03 7.08 17.58
CA SER C 291 -27.93 6.55 16.76
C SER C 291 -28.22 5.16 16.18
N ARG C 292 -28.51 4.21 17.07
CA ARG C 292 -28.83 2.85 16.66
C ARG C 292 -30.19 2.85 16.00
N ALA C 293 -31.10 3.67 16.54
CA ALA C 293 -32.45 3.79 16.01
C ALA C 293 -32.37 4.01 14.51
N GLN C 294 -31.64 5.04 14.11
CA GLN C 294 -31.43 5.38 12.70
C GLN C 294 -30.77 4.23 11.93
N LEU C 295 -29.70 3.69 12.51
CA LEU C 295 -28.98 2.62 11.84
C LEU C 295 -29.81 1.38 11.47
N GLN C 296 -30.60 0.87 12.41
CA GLN C 296 -31.37 -0.32 12.08
C GLN C 296 -32.66 -0.01 11.38
N ALA C 297 -32.95 1.28 11.27
CA ALA C 297 -34.14 1.72 10.58
C ALA C 297 -33.81 2.17 9.18
N ARG C 298 -32.52 2.38 8.91
CA ARG C 298 -32.10 2.82 7.59
C ARG C 298 -31.08 1.91 6.91
N ALA C 299 -31.00 0.67 7.37
CA ALA C 299 -30.08 -0.30 6.79
C ALA C 299 -30.88 -1.49 6.24
N PRO C 300 -31.26 -1.41 4.96
CA PRO C 300 -32.03 -2.47 4.31
C PRO C 300 -31.26 -3.74 3.95
N MET C 301 -32.03 -4.78 3.61
CA MET C 301 -31.47 -6.06 3.18
C MET C 301 -31.59 -6.09 1.66
N GLY C 302 -30.66 -6.76 0.99
CA GLY C 302 -30.71 -6.82 -0.46
C GLY C 302 -31.91 -7.60 -0.95
N ARG C 303 -31.98 -7.83 -2.24
CA ARG C 303 -33.08 -8.60 -2.81
C ARG C 303 -32.30 -9.71 -3.49
N TYR C 304 -32.79 -10.94 -3.44
CA TYR C 304 -31.97 -12.02 -3.99
C TYR C 304 -32.73 -13.30 -4.31
N TYR C 305 -32.24 -14.01 -5.32
CA TYR C 305 -32.79 -15.29 -5.75
C TYR C 305 -31.63 -16.27 -5.69
N LYS C 306 -31.86 -17.48 -5.20
CA LYS C 306 -30.79 -18.48 -5.26
C LYS C 306 -31.39 -19.60 -6.10
N VAL C 307 -30.84 -19.77 -7.29
CA VAL C 307 -31.33 -20.78 -8.21
C VAL C 307 -30.35 -21.93 -8.31
N GLN C 308 -30.89 -23.14 -8.42
CA GLN C 308 -30.07 -24.34 -8.52
C GLN C 308 -30.67 -25.31 -9.53
N ALA C 309 -29.82 -25.88 -10.40
CA ALA C 309 -30.26 -26.84 -11.41
C ALA C 309 -29.42 -28.11 -11.27
N ARG C 310 -30.07 -29.27 -11.14
CA ARG C 310 -29.32 -30.52 -11.01
C ARG C 310 -29.46 -31.45 -12.21
N TYR C 311 -28.31 -31.93 -12.66
CA TYR C 311 -28.20 -32.82 -13.82
C TYR C 311 -27.51 -34.12 -13.45
N PRO C 312 -27.63 -35.15 -14.31
CA PRO C 312 -27.00 -36.45 -14.02
C PRO C 312 -25.47 -36.42 -14.09
N SER C 313 -24.93 -35.58 -14.97
CA SER C 313 -23.48 -35.43 -15.14
C SER C 313 -23.08 -33.96 -15.13
N SER C 314 -21.82 -33.68 -14.79
CA SER C 314 -21.32 -32.31 -14.79
C SER C 314 -20.87 -32.00 -16.20
N PHE C 315 -21.81 -31.92 -17.13
CA PHE C 315 -21.48 -31.67 -18.54
C PHE C 315 -20.68 -30.39 -18.78
N TRP C 316 -20.52 -29.58 -17.75
CA TRP C 316 -19.75 -28.37 -17.91
C TRP C 316 -18.29 -28.61 -17.57
N VAL C 317 -18.04 -29.31 -16.46
CA VAL C 317 -16.66 -29.61 -16.10
C VAL C 317 -16.11 -30.55 -17.16
N GLU C 318 -16.91 -31.54 -17.52
CA GLU C 318 -16.55 -32.54 -18.54
C GLU C 318 -16.35 -31.95 -19.93
N GLN C 319 -16.72 -30.70 -20.12
CA GLN C 319 -16.54 -30.08 -21.41
C GLN C 319 -15.45 -29.02 -21.33
N GLY C 320 -14.83 -28.90 -20.16
CA GLY C 320 -13.75 -27.96 -19.99
C GLY C 320 -14.06 -26.64 -19.33
N TYR C 321 -15.23 -26.54 -18.71
CA TYR C 321 -15.64 -25.32 -18.04
C TYR C 321 -15.77 -25.51 -16.53
N SER C 322 -15.35 -24.49 -15.79
CA SER C 322 -15.41 -24.54 -14.33
C SER C 322 -16.86 -24.48 -13.87
N GLY C 323 -17.72 -23.94 -14.72
CA GLY C 323 -19.11 -23.83 -14.35
C GLY C 323 -19.34 -22.46 -13.75
N ALA C 324 -18.26 -21.69 -13.61
CA ALA C 324 -18.36 -20.35 -13.06
C ALA C 324 -18.78 -19.45 -14.22
N LEU C 325 -19.65 -18.49 -13.94
CA LEU C 325 -20.12 -17.58 -14.98
C LEU C 325 -20.56 -16.24 -14.43
N LEU C 326 -20.29 -15.19 -15.19
CA LEU C 326 -20.66 -13.84 -14.80
C LEU C 326 -21.38 -13.28 -16.03
N ASP C 327 -22.66 -12.98 -15.88
CA ASP C 327 -23.47 -12.47 -16.98
C ASP C 327 -23.96 -11.06 -16.70
N THR C 328 -23.67 -10.12 -17.58
CA THR C 328 -24.10 -8.73 -17.37
C THR C 328 -25.50 -8.33 -17.87
N GLU C 329 -26.04 -9.02 -18.87
CA GLU C 329 -27.36 -8.62 -19.38
C GLU C 329 -28.42 -9.67 -19.69
N ASP C 330 -28.00 -10.87 -20.08
CA ASP C 330 -28.97 -11.91 -20.40
C ASP C 330 -29.92 -12.13 -19.23
N VAL C 331 -29.35 -12.28 -18.05
CA VAL C 331 -30.15 -12.48 -16.84
C VAL C 331 -29.67 -11.55 -15.73
N GLY C 332 -28.35 -11.46 -15.58
CA GLY C 332 -27.79 -10.65 -14.53
C GLY C 332 -27.53 -11.58 -13.37
N VAL C 333 -26.60 -12.50 -13.58
CA VAL C 333 -26.30 -13.51 -12.57
C VAL C 333 -24.84 -13.95 -12.50
N PHE C 334 -24.45 -14.46 -11.34
CA PHE C 334 -23.12 -15.00 -11.10
C PHE C 334 -23.43 -16.48 -11.02
N LEU C 335 -22.57 -17.29 -11.63
CA LEU C 335 -22.80 -18.73 -11.65
C LEU C 335 -21.62 -19.51 -11.09
N LEU C 336 -21.91 -20.56 -10.34
CA LEU C 336 -20.87 -21.39 -9.75
C LEU C 336 -21.32 -22.84 -9.67
N ASP C 337 -20.35 -23.75 -9.72
CA ASP C 337 -20.64 -25.17 -9.60
C ASP C 337 -20.96 -25.48 -8.14
N GLY C 338 -21.74 -26.52 -7.89
CA GLY C 338 -22.08 -26.88 -6.52
C GLY C 338 -22.08 -28.40 -6.36
N THR C 339 -21.21 -29.06 -7.13
CA THR C 339 -21.13 -30.52 -7.13
C THR C 339 -20.11 -31.10 -6.16
N LYS C 340 -20.55 -31.54 -4.99
CA LYS C 340 -19.61 -32.15 -4.04
C LYS C 340 -19.53 -33.66 -4.36
N PRO C 341 -18.31 -34.25 -4.32
CA PRO C 341 -18.03 -35.67 -4.61
C PRO C 341 -19.08 -36.62 -4.08
N THR C 342 -19.68 -36.23 -2.97
CA THR C 342 -20.70 -37.02 -2.32
C THR C 342 -22.02 -37.04 -3.12
N ASP C 343 -22.41 -35.89 -3.67
CA ASP C 343 -23.66 -35.80 -4.42
C ASP C 343 -23.71 -36.87 -5.50
N THR C 344 -24.93 -37.31 -5.82
CA THR C 344 -25.12 -38.33 -6.86
C THR C 344 -25.24 -37.69 -8.24
N LEU C 345 -25.88 -36.52 -8.31
CA LEU C 345 -26.00 -35.82 -9.59
C LEU C 345 -25.48 -34.37 -9.49
N ALA C 346 -24.83 -33.92 -10.56
CA ALA C 346 -24.23 -32.58 -10.64
C ALA C 346 -25.19 -31.41 -10.46
N THR C 347 -24.66 -30.33 -9.91
CA THR C 347 -25.50 -29.17 -9.67
C THR C 347 -24.79 -27.83 -9.96
N LEU C 348 -25.46 -27.03 -10.77
CA LEU C 348 -24.98 -25.72 -11.18
C LEU C 348 -25.84 -24.75 -10.39
N ILE C 349 -25.25 -23.65 -9.92
CA ILE C 349 -26.01 -22.72 -9.11
C ILE C 349 -25.76 -21.24 -9.44
N GLY C 350 -26.83 -20.46 -9.46
CA GLY C 350 -26.68 -19.06 -9.77
C GLY C 350 -27.32 -18.12 -8.76
N PHE C 351 -26.86 -16.87 -8.78
CA PHE C 351 -27.38 -15.85 -7.90
C PHE C 351 -27.82 -14.60 -8.63
N ILE C 352 -29.10 -14.26 -8.45
CA ILE C 352 -29.70 -13.07 -9.04
C ILE C 352 -30.08 -12.16 -7.89
N GLY C 353 -29.56 -10.93 -7.89
CA GLY C 353 -29.88 -10.00 -6.84
C GLY C 353 -30.08 -8.58 -7.32
N GLY C 354 -30.45 -7.71 -6.38
CA GLY C 354 -30.68 -6.31 -6.70
C GLY C 354 -31.70 -6.05 -7.79
N SER C 355 -31.34 -5.15 -8.69
CA SER C 355 -32.18 -4.78 -9.82
C SER C 355 -32.45 -5.99 -10.72
N ASN C 356 -31.56 -6.97 -10.67
CA ASN C 356 -31.73 -8.18 -11.46
C ASN C 356 -32.85 -9.00 -10.86
N TYR C 357 -32.89 -9.06 -9.53
CA TYR C 357 -33.97 -9.79 -8.86
C TYR C 357 -35.24 -9.08 -9.32
N ASP C 358 -35.21 -7.76 -9.21
CA ASP C 358 -36.30 -6.90 -9.60
C ASP C 358 -36.88 -7.27 -10.95
N ARG C 359 -36.05 -7.25 -11.99
CA ARG C 359 -36.54 -7.57 -13.32
C ARG C 359 -37.14 -8.95 -13.42
N TRP C 360 -36.50 -9.93 -12.79
CA TRP C 360 -37.01 -11.29 -12.86
C TRP C 360 -38.20 -11.61 -11.96
N ALA C 361 -38.26 -10.98 -10.79
CA ALA C 361 -39.39 -11.24 -9.91
C ALA C 361 -40.64 -10.72 -10.64
N ALA C 362 -40.42 -9.86 -11.62
CA ALA C 362 -41.51 -9.29 -12.40
C ALA C 362 -42.16 -10.33 -13.32
N HIS C 363 -41.42 -11.38 -13.66
CA HIS C 363 -41.98 -12.42 -14.52
C HIS C 363 -42.57 -13.53 -13.69
N THR C 364 -43.06 -14.57 -14.37
CA THR C 364 -43.64 -15.72 -13.69
C THR C 364 -42.52 -16.64 -13.29
N PRO C 365 -42.79 -17.56 -12.37
CA PRO C 365 -41.80 -18.52 -11.88
C PRO C 365 -41.19 -19.35 -13.01
N GLN C 366 -42.04 -19.84 -13.91
CA GLN C 366 -41.57 -20.65 -15.03
C GLN C 366 -40.81 -19.79 -16.03
N GLU C 367 -41.25 -18.56 -16.21
CA GLU C 367 -40.57 -17.68 -17.14
C GLU C 367 -39.12 -17.55 -16.69
N ARG C 368 -38.92 -17.45 -15.38
CA ARG C 368 -37.59 -17.34 -14.80
C ARG C 368 -36.77 -18.59 -15.04
N GLU C 369 -37.36 -19.73 -14.77
CA GLU C 369 -36.67 -20.98 -14.92
C GLU C 369 -36.13 -21.18 -16.33
N ARG C 370 -36.92 -20.82 -17.33
CA ARG C 370 -36.46 -21.01 -18.70
C ARG C 370 -35.36 -20.01 -19.04
N ALA C 371 -35.53 -18.80 -18.55
CA ALA C 371 -34.54 -17.77 -18.78
C ALA C 371 -33.22 -18.29 -18.26
N PHE C 372 -33.27 -18.95 -17.11
CA PHE C 372 -32.08 -19.50 -16.48
C PHE C 372 -31.52 -20.62 -17.32
N LEU C 373 -32.36 -21.62 -17.57
CA LEU C 373 -31.94 -22.77 -18.37
C LEU C 373 -31.47 -22.37 -19.76
N ASP C 374 -32.08 -21.32 -20.33
CA ASP C 374 -31.65 -20.86 -21.64
C ASP C 374 -30.23 -20.34 -21.56
N LEU C 375 -29.95 -19.58 -20.50
CA LEU C 375 -28.63 -19.03 -20.29
C LEU C 375 -27.64 -20.18 -20.19
N LEU C 376 -27.97 -21.13 -19.32
CA LEU C 376 -27.14 -22.31 -19.12
C LEU C 376 -26.87 -23.00 -20.46
N VAL C 377 -27.92 -23.14 -21.25
CA VAL C 377 -27.76 -23.78 -22.54
C VAL C 377 -26.78 -23.07 -23.44
N LYS C 378 -26.90 -21.75 -23.52
CA LYS C 378 -26.01 -20.99 -24.39
C LYS C 378 -24.60 -20.89 -23.85
N ALA C 379 -24.42 -21.33 -22.61
CA ALA C 379 -23.12 -21.27 -21.98
C ALA C 379 -22.41 -22.61 -21.89
N PHE C 380 -23.15 -23.67 -21.62
CA PHE C 380 -22.53 -24.99 -21.48
C PHE C 380 -23.10 -26.09 -22.36
N GLY C 381 -23.90 -25.73 -23.36
CA GLY C 381 -24.45 -26.73 -24.24
C GLY C 381 -25.92 -27.04 -24.03
N PRO C 382 -26.49 -27.89 -24.91
CA PRO C 382 -27.89 -28.30 -24.90
C PRO C 382 -28.24 -29.28 -23.79
N GLN C 383 -27.23 -29.83 -23.14
CA GLN C 383 -27.49 -30.77 -22.06
C GLN C 383 -28.11 -30.07 -20.86
N ALA C 384 -28.04 -28.74 -20.88
CA ALA C 384 -28.60 -27.94 -19.78
C ALA C 384 -30.09 -27.70 -19.94
N ALA C 385 -30.57 -27.89 -21.16
CA ALA C 385 -31.97 -27.65 -21.47
C ALA C 385 -32.95 -28.43 -20.62
N ASP C 386 -32.61 -29.67 -20.28
CA ASP C 386 -33.53 -30.48 -19.51
C ASP C 386 -32.93 -31.03 -18.21
N PRO C 387 -33.00 -30.25 -17.12
CA PRO C 387 -32.45 -30.68 -15.82
C PRO C 387 -33.28 -31.73 -15.09
N SER C 388 -32.66 -32.41 -14.13
CA SER C 388 -33.33 -33.46 -13.37
C SER C 388 -34.06 -32.83 -12.20
N TYR C 389 -33.53 -31.71 -11.72
CA TYR C 389 -34.13 -30.99 -10.61
C TYR C 389 -33.83 -29.52 -10.77
N PHE C 390 -34.79 -28.70 -10.38
CA PHE C 390 -34.63 -27.25 -10.46
C PHE C 390 -35.39 -26.63 -9.31
N HIS C 391 -34.74 -25.72 -8.60
CA HIS C 391 -35.36 -25.07 -7.47
C HIS C 391 -34.83 -23.65 -7.38
N GLU C 392 -35.71 -22.74 -6.98
CA GLU C 392 -35.33 -21.35 -6.80
C GLU C 392 -35.88 -20.99 -5.44
N THR C 393 -35.15 -20.16 -4.72
CA THR C 393 -35.61 -19.71 -3.43
C THR C 393 -35.45 -18.18 -3.39
N ASP C 394 -36.59 -17.51 -3.26
CA ASP C 394 -36.64 -16.07 -3.21
C ASP C 394 -36.38 -15.67 -1.78
N TRP C 395 -35.47 -14.73 -1.56
CA TRP C 395 -35.16 -14.33 -0.20
C TRP C 395 -35.70 -12.97 0.16
N THR C 396 -36.03 -12.17 -0.84
CA THR C 396 -36.50 -10.82 -0.59
C THR C 396 -37.90 -10.78 0.03
N GLN C 397 -38.57 -11.91 0.04
CA GLN C 397 -39.90 -11.99 0.60
C GLN C 397 -39.94 -13.02 1.74
N GLN C 398 -38.76 -13.44 2.19
CA GLN C 398 -38.66 -14.41 3.29
C GLN C 398 -39.11 -13.71 4.55
N GLU C 399 -40.05 -14.32 5.25
CA GLU C 399 -40.59 -13.73 6.47
C GLU C 399 -39.61 -13.12 7.46
N TRP C 400 -38.59 -13.88 7.84
CA TRP C 400 -37.66 -13.39 8.83
C TRP C 400 -36.38 -12.75 8.32
N ALA C 401 -35.84 -13.30 7.23
CA ALA C 401 -34.62 -12.72 6.65
C ALA C 401 -35.02 -11.37 6.08
N LYS C 402 -36.20 -11.34 5.49
CA LYS C 402 -36.74 -10.13 4.90
C LYS C 402 -35.83 -9.60 3.80
N GLY C 403 -34.85 -10.38 3.38
CA GLY C 403 -33.99 -9.86 2.35
C GLY C 403 -32.90 -10.70 1.72
N GLY C 404 -32.26 -10.04 0.74
CA GLY C 404 -31.17 -10.56 -0.07
C GLY C 404 -30.11 -11.35 0.63
N PRO C 405 -28.84 -11.26 0.21
CA PRO C 405 -27.82 -12.06 0.91
C PRO C 405 -27.28 -11.37 2.16
N VAL C 406 -27.20 -10.04 2.10
CA VAL C 406 -26.65 -9.30 3.21
C VAL C 406 -27.35 -7.96 3.36
N THR C 407 -26.97 -7.21 4.39
CA THR C 407 -27.52 -5.88 4.61
C THR C 407 -26.67 -4.92 3.75
N TYR C 408 -27.23 -3.77 3.41
CA TYR C 408 -26.48 -2.78 2.63
C TYR C 408 -26.95 -1.41 3.06
N MET C 409 -26.31 -0.37 2.56
CA MET C 409 -26.70 0.98 2.97
C MET C 409 -26.71 2.05 1.89
N PRO C 410 -27.66 2.96 1.99
CA PRO C 410 -27.82 4.06 1.04
C PRO C 410 -26.96 5.22 1.55
N PRO C 411 -26.75 6.24 0.72
CA PRO C 411 -25.93 7.37 1.18
C PRO C 411 -26.52 8.00 2.44
N GLY C 412 -25.65 8.40 3.36
CA GLY C 412 -26.10 9.05 4.57
C GLY C 412 -26.18 8.30 5.89
N VAL C 413 -26.00 6.97 5.88
CA VAL C 413 -26.09 6.27 7.17
C VAL C 413 -24.78 5.73 7.72
N LEU C 414 -24.01 4.97 6.93
CA LEU C 414 -22.77 4.42 7.46
C LEU C 414 -21.90 5.49 8.11
N ALA C 415 -21.74 6.60 7.42
CA ALA C 415 -20.92 7.70 7.91
C ALA C 415 -21.38 8.32 9.22
N ASN C 416 -22.68 8.28 9.49
CA ASN C 416 -23.25 8.90 10.70
C ASN C 416 -23.79 7.99 11.80
N PHE C 417 -23.90 6.69 11.56
CA PHE C 417 -24.41 5.77 12.56
C PHE C 417 -23.69 4.41 12.56
N GLY C 418 -22.73 4.26 11.66
CA GLY C 418 -21.99 3.01 11.56
C GLY C 418 -21.56 2.47 12.91
N ALA C 419 -21.17 3.38 13.79
CA ALA C 419 -20.72 3.01 15.12
C ALA C 419 -21.78 2.16 15.84
N ALA C 420 -23.05 2.50 15.61
CA ALA C 420 -24.16 1.78 16.21
C ALA C 420 -24.27 0.33 15.72
N LEU C 421 -23.48 -0.02 14.71
CA LEU C 421 -23.48 -1.38 14.19
C LEU C 421 -22.85 -2.33 15.20
N ARG C 422 -22.11 -1.77 16.15
CA ARG C 422 -21.39 -2.59 17.14
C ARG C 422 -21.62 -2.30 18.63
N ASP C 423 -21.60 -1.04 19.00
CA ASP C 423 -21.79 -0.65 20.41
C ASP C 423 -23.02 -1.25 21.05
N PRO C 424 -22.92 -1.64 22.33
CA PRO C 424 -24.06 -2.22 23.03
C PRO C 424 -24.93 -1.10 23.61
N VAL C 425 -26.10 -1.47 24.11
CA VAL C 425 -27.01 -0.53 24.73
C VAL C 425 -27.39 -1.19 26.05
N GLY C 426 -26.80 -0.72 27.14
CA GLY C 426 -27.10 -1.31 28.42
C GLY C 426 -26.69 -2.77 28.38
N LYS C 427 -27.58 -3.68 28.77
CA LYS C 427 -27.24 -5.10 28.74
C LYS C 427 -27.55 -5.74 27.40
N VAL C 428 -27.98 -4.95 26.42
CA VAL C 428 -28.27 -5.55 25.12
C VAL C 428 -27.00 -5.49 24.28
N HIS C 429 -26.61 -6.65 23.75
CA HIS C 429 -25.41 -6.74 22.93
C HIS C 429 -25.74 -7.12 21.49
N PHE C 430 -24.99 -6.59 20.54
CA PHE C 430 -25.29 -6.91 19.15
C PHE C 430 -24.36 -7.88 18.46
N ALA C 431 -24.94 -8.98 17.99
CA ALA C 431 -24.18 -9.98 17.27
C ALA C 431 -24.70 -9.98 15.82
N GLY C 432 -24.59 -11.11 15.13
CA GLY C 432 -25.05 -11.16 13.76
C GLY C 432 -23.94 -10.63 12.87
N THR C 433 -23.68 -11.36 11.80
CA THR C 433 -22.62 -11.01 10.85
C THR C 433 -22.37 -9.53 10.64
N GLU C 434 -23.42 -8.73 10.57
CA GLU C 434 -23.25 -7.31 10.35
C GLU C 434 -22.49 -6.57 11.47
N ALA C 435 -22.26 -7.23 12.59
CA ALA C 435 -21.56 -6.62 13.72
C ALA C 435 -20.08 -6.95 13.74
N SER C 436 -19.67 -7.95 12.96
CA SER C 436 -18.28 -8.34 12.91
C SER C 436 -17.45 -7.19 12.39
N PHE C 437 -16.16 -7.18 12.74
CA PHE C 437 -15.26 -6.12 12.28
C PHE C 437 -14.94 -6.42 10.83
N GLN C 438 -14.74 -7.71 10.55
CA GLN C 438 -14.40 -8.16 9.21
C GLN C 438 -15.33 -9.27 8.77
N TRP C 439 -15.58 -9.34 7.47
CA TRP C 439 -16.47 -10.34 6.90
C TRP C 439 -17.93 -10.15 7.30
N SER C 440 -18.29 -8.93 7.68
CA SER C 440 -19.66 -8.61 8.04
C SER C 440 -20.46 -8.80 6.77
N GLY C 441 -21.30 -9.83 6.75
CA GLY C 441 -22.10 -10.13 5.56
C GLY C 441 -21.97 -11.60 5.21
N TYR C 442 -20.82 -12.17 5.54
CA TYR C 442 -20.56 -13.58 5.28
C TYR C 442 -20.72 -14.38 6.57
N MET C 443 -20.70 -15.71 6.46
CA MET C 443 -20.83 -16.54 7.65
C MET C 443 -19.69 -16.28 8.64
N GLU C 444 -18.45 -16.28 8.14
CA GLU C 444 -17.29 -16.00 8.98
C GLU C 444 -17.64 -14.87 9.94
N GLY C 445 -18.28 -13.84 9.39
CA GLY C 445 -18.67 -12.69 10.18
C GLY C 445 -19.64 -13.03 11.29
N GLY C 446 -20.66 -13.82 10.95
CA GLY C 446 -21.64 -14.20 11.95
C GLY C 446 -20.98 -14.86 13.15
N VAL C 447 -20.08 -15.80 12.88
CA VAL C 447 -19.37 -16.53 13.92
C VAL C 447 -18.59 -15.54 14.78
N ARG C 448 -17.65 -14.84 14.17
CA ARG C 448 -16.87 -13.86 14.91
C ARG C 448 -17.72 -12.88 15.70
N ALA C 449 -18.71 -12.30 15.03
CA ALA C 449 -19.59 -11.34 15.66
C ALA C 449 -20.21 -11.92 16.93
N GLY C 450 -20.67 -13.16 16.82
CA GLY C 450 -21.30 -13.84 17.94
C GLY C 450 -20.33 -14.28 19.02
N GLN C 451 -19.08 -14.53 18.65
CA GLN C 451 -18.10 -14.95 19.64
C GLN C 451 -17.58 -13.71 20.36
N LYS C 452 -17.46 -12.63 19.62
CA LYS C 452 -17.01 -11.36 20.17
C LYS C 452 -18.06 -10.90 21.19
N ALA C 453 -19.33 -10.96 20.79
CA ALA C 453 -20.44 -10.57 21.66
C ALA C 453 -20.40 -11.38 22.97
N ALA C 454 -20.16 -12.68 22.86
CA ALA C 454 -20.09 -13.56 24.02
C ALA C 454 -18.93 -13.23 24.96
N ALA C 455 -17.75 -13.04 24.36
CA ALA C 455 -16.54 -12.71 25.10
C ALA C 455 -16.80 -11.47 25.94
N ALA C 456 -17.58 -10.56 25.39
CA ALA C 456 -17.91 -9.32 26.05
C ALA C 456 -18.81 -9.51 27.25
N ILE C 457 -19.82 -10.35 27.08
CA ILE C 457 -20.77 -10.63 28.15
C ILE C 457 -20.14 -11.51 29.22
N ALA C 458 -19.19 -12.35 28.81
CA ALA C 458 -18.53 -13.20 29.78
C ALA C 458 -17.73 -12.35 30.77
N GLU C 459 -17.03 -11.33 30.25
CA GLU C 459 -16.21 -10.45 31.08
C GLU C 459 -17.12 -9.59 31.97
N GLU C 460 -18.32 -9.33 31.50
CA GLU C 460 -19.31 -8.54 32.24
C GLU C 460 -19.86 -9.36 33.41
N LEU C 461 -19.70 -10.67 33.32
CA LEU C 461 -20.18 -11.59 34.33
C LEU C 461 -19.19 -11.74 35.49
N GLU C 462 -17.91 -11.59 35.19
CA GLU C 462 -16.91 -11.69 36.25
C GLU C 462 -16.80 -10.33 36.94
N ARG C 463 -17.80 -9.49 36.72
CA ARG C 463 -17.87 -8.14 37.29
C ARG C 463 -16.98 -7.17 36.52
N PRO D 13 -66.93 -27.69 -21.47
CA PRO D 13 -65.48 -27.68 -21.82
C PRO D 13 -65.10 -28.88 -22.66
N ASP D 14 -65.05 -28.71 -23.97
CA ASP D 14 -64.72 -29.80 -24.86
C ASP D 14 -63.28 -30.29 -24.72
N VAL D 15 -62.37 -29.35 -24.47
CA VAL D 15 -60.98 -29.72 -24.32
C VAL D 15 -60.38 -28.79 -23.25
N ASP D 16 -59.17 -29.11 -22.78
CA ASP D 16 -58.50 -28.30 -21.76
C ASP D 16 -58.11 -26.96 -22.31
N VAL D 17 -57.37 -27.00 -23.41
CA VAL D 17 -56.89 -25.80 -24.07
C VAL D 17 -57.06 -25.86 -25.57
N ILE D 18 -57.62 -24.79 -26.13
CA ILE D 18 -57.79 -24.67 -27.57
C ILE D 18 -56.77 -23.62 -28.01
N ILE D 19 -55.93 -24.00 -28.96
CA ILE D 19 -54.89 -23.11 -29.46
C ILE D 19 -55.35 -22.50 -30.79
N ILE D 20 -55.50 -21.18 -30.82
CA ILE D 20 -55.94 -20.53 -32.06
C ILE D 20 -54.76 -20.22 -32.98
N GLY D 21 -54.77 -20.79 -34.17
CA GLY D 21 -53.71 -20.56 -35.14
C GLY D 21 -52.68 -21.68 -35.18
N ALA D 22 -52.42 -22.24 -36.35
CA ALA D 22 -51.45 -23.32 -36.46
C ALA D 22 -50.08 -22.89 -37.00
N GLY D 23 -49.43 -21.90 -36.37
CA GLY D 23 -48.11 -21.50 -36.83
C GLY D 23 -47.11 -22.28 -36.00
N ILE D 24 -45.81 -22.18 -36.28
CA ILE D 24 -44.88 -22.92 -35.44
C ILE D 24 -45.19 -22.61 -33.97
N SER D 25 -45.72 -21.42 -33.72
CA SER D 25 -46.03 -20.99 -32.35
C SER D 25 -47.23 -21.72 -31.76
N GLY D 26 -48.31 -21.85 -32.54
CA GLY D 26 -49.48 -22.55 -32.06
C GLY D 26 -49.14 -24.02 -31.89
N SER D 27 -48.38 -24.55 -32.85
CA SER D 27 -47.97 -25.95 -32.88
C SER D 27 -47.04 -26.28 -31.71
N ALA D 28 -46.12 -25.37 -31.42
CA ALA D 28 -45.21 -25.58 -30.32
C ALA D 28 -45.98 -25.61 -29.01
N ALA D 29 -46.99 -24.76 -28.91
CA ALA D 29 -47.83 -24.69 -27.72
C ALA D 29 -48.63 -25.99 -27.61
N ALA D 30 -49.10 -26.47 -28.76
CA ALA D 30 -49.88 -27.69 -28.82
C ALA D 30 -49.05 -28.87 -28.34
N LYS D 31 -47.90 -29.09 -28.97
CA LYS D 31 -47.06 -30.20 -28.56
C LYS D 31 -46.71 -30.07 -27.09
N ALA D 32 -46.47 -28.85 -26.65
CA ALA D 32 -46.11 -28.64 -25.26
C ALA D 32 -47.21 -29.13 -24.34
N LEU D 33 -48.39 -28.54 -24.46
CA LEU D 33 -49.50 -28.95 -23.62
C LEU D 33 -49.83 -30.43 -23.75
N HIS D 34 -49.74 -30.99 -24.96
CA HIS D 34 -50.04 -32.42 -25.17
C HIS D 34 -49.08 -33.30 -24.38
N ASP D 35 -47.78 -33.11 -24.61
CA ASP D 35 -46.78 -33.90 -23.91
C ASP D 35 -46.96 -33.80 -22.40
N GLN D 36 -47.44 -32.65 -21.95
CA GLN D 36 -47.67 -32.41 -20.52
C GLN D 36 -48.90 -33.21 -20.07
N GLY D 37 -49.62 -33.77 -21.04
CA GLY D 37 -50.80 -34.57 -20.73
C GLY D 37 -52.12 -33.84 -20.71
N ALA D 38 -52.15 -32.60 -21.21
CA ALA D 38 -53.39 -31.84 -21.24
C ALA D 38 -54.09 -32.07 -22.57
N SER D 39 -55.42 -31.93 -22.56
CA SER D 39 -56.20 -32.11 -23.78
C SER D 39 -56.05 -30.83 -24.60
N VAL D 40 -55.64 -31.00 -25.85
CA VAL D 40 -55.41 -29.88 -26.73
C VAL D 40 -56.25 -29.91 -28.01
N LEU D 41 -56.58 -28.74 -28.53
CA LEU D 41 -57.33 -28.62 -29.77
C LEU D 41 -56.89 -27.35 -30.50
N VAL D 42 -56.28 -27.51 -31.67
CA VAL D 42 -55.80 -26.37 -32.46
C VAL D 42 -56.82 -25.98 -33.55
N VAL D 43 -57.20 -24.72 -33.55
CA VAL D 43 -58.16 -24.22 -34.51
C VAL D 43 -57.45 -23.34 -35.55
N GLU D 44 -57.55 -23.70 -36.82
CA GLU D 44 -56.91 -22.94 -37.89
C GLU D 44 -57.87 -22.18 -38.81
N ALA D 45 -57.43 -21.02 -39.29
CA ALA D 45 -58.27 -20.20 -40.15
C ALA D 45 -58.40 -20.77 -41.55
N ASN D 46 -57.29 -21.02 -42.25
CA ASN D 46 -57.46 -21.56 -43.59
C ASN D 46 -57.14 -23.04 -43.73
N ASP D 47 -56.77 -23.44 -44.94
CA ASP D 47 -56.52 -24.84 -45.23
C ASP D 47 -55.11 -25.43 -45.22
N ARG D 48 -54.15 -24.74 -44.64
CA ARG D 48 -52.81 -25.32 -44.59
C ARG D 48 -52.30 -25.14 -43.18
N ILE D 49 -51.49 -26.08 -42.72
CA ILE D 49 -51.00 -26.05 -41.35
C ILE D 49 -49.86 -25.13 -40.96
N GLY D 50 -48.97 -24.76 -41.87
CA GLY D 50 -47.91 -23.86 -41.45
C GLY D 50 -48.50 -22.46 -41.22
N GLY D 51 -47.67 -21.49 -40.85
CA GLY D 51 -48.18 -20.15 -40.68
C GLY D 51 -47.50 -19.30 -41.73
N ARG D 52 -46.65 -18.38 -41.28
CA ARG D 52 -45.88 -17.53 -42.18
C ARG D 52 -44.73 -18.47 -42.55
N THR D 53 -44.99 -19.75 -42.30
CA THR D 53 -44.10 -20.85 -42.57
C THR D 53 -44.91 -21.67 -43.58
N TRP D 54 -44.66 -21.42 -44.86
CA TRP D 54 -45.38 -22.07 -45.95
C TRP D 54 -44.45 -22.90 -46.82
N THR D 55 -44.73 -24.20 -46.93
CA THR D 55 -43.88 -25.07 -47.72
C THR D 55 -44.65 -25.86 -48.76
N GLU D 56 -43.98 -26.20 -49.86
CA GLU D 56 -44.55 -27.01 -50.94
C GLU D 56 -43.46 -27.85 -51.58
N GLN D 57 -43.46 -29.13 -51.21
CA GLN D 57 -42.47 -30.08 -51.72
C GLN D 57 -42.82 -30.51 -53.14
N GLU D 58 -44.05 -30.18 -53.55
CA GLU D 58 -44.52 -30.50 -54.89
C GLU D 58 -44.01 -29.41 -55.82
N GLY D 59 -43.41 -28.38 -55.20
CA GLY D 59 -42.85 -27.22 -55.88
C GLY D 59 -42.34 -27.37 -57.31
N ALA D 60 -42.95 -26.62 -58.21
CA ALA D 60 -42.61 -26.63 -59.64
C ALA D 60 -41.12 -26.66 -60.02
N PRO D 61 -40.23 -26.37 -59.08
CA PRO D 61 -38.84 -26.43 -59.53
C PRO D 61 -38.22 -27.76 -59.17
N GLY D 62 -36.92 -27.74 -58.94
CA GLY D 62 -36.22 -28.96 -58.58
C GLY D 62 -35.88 -29.02 -57.11
N GLY D 63 -36.90 -29.20 -56.29
CA GLY D 63 -36.72 -29.29 -54.85
C GLY D 63 -37.90 -28.67 -54.15
N PRO D 64 -38.11 -28.98 -52.86
CA PRO D 64 -39.26 -28.39 -52.17
C PRO D 64 -39.03 -26.88 -52.14
N ILE D 65 -40.10 -26.11 -51.96
CA ILE D 65 -39.97 -24.65 -51.92
C ILE D 65 -40.69 -24.01 -50.72
N ASP D 66 -40.05 -23.01 -50.12
CA ASP D 66 -40.61 -22.31 -48.98
C ASP D 66 -41.06 -20.92 -49.44
N TYR D 67 -42.34 -20.63 -49.26
CA TYR D 67 -42.87 -19.32 -49.63
C TYR D 67 -42.82 -18.40 -48.44
N GLY D 68 -42.55 -18.97 -47.28
CA GLY D 68 -42.48 -18.19 -46.06
C GLY D 68 -41.09 -18.25 -45.47
N GLY D 69 -41.01 -18.22 -44.14
CA GLY D 69 -39.73 -18.29 -43.47
C GLY D 69 -39.05 -19.63 -43.59
N MET D 70 -37.73 -19.62 -43.57
CA MET D 70 -36.99 -20.87 -43.68
C MET D 70 -35.57 -20.86 -43.11
N PHE D 71 -35.06 -19.71 -42.68
CA PHE D 71 -33.71 -19.68 -42.14
C PHE D 71 -33.64 -19.97 -40.65
N ILE D 72 -32.66 -20.78 -40.26
CA ILE D 72 -32.45 -21.11 -38.87
C ILE D 72 -31.20 -20.41 -38.40
N GLY D 73 -31.30 -19.73 -37.25
CA GLY D 73 -30.17 -19.00 -36.72
C GLY D 73 -29.30 -19.90 -35.86
N GLU D 74 -28.01 -19.60 -35.78
CA GLU D 74 -27.11 -20.42 -34.99
C GLU D 74 -27.47 -20.41 -33.50
N THR D 75 -28.08 -19.34 -33.00
CA THR D 75 -28.45 -19.34 -31.59
C THR D 75 -29.93 -19.68 -31.46
N HIS D 76 -30.52 -20.20 -32.52
CA HIS D 76 -31.94 -20.56 -32.52
C HIS D 76 -32.15 -21.90 -31.82
N THR D 77 -31.71 -21.90 -30.58
CA THR D 77 -31.74 -23.04 -29.70
C THR D 77 -33.03 -23.87 -29.61
N HIS D 78 -34.14 -23.23 -29.24
CA HIS D 78 -35.42 -23.93 -29.10
C HIS D 78 -35.96 -24.53 -30.37
N LEU D 79 -35.85 -23.80 -31.47
CA LEU D 79 -36.33 -24.26 -32.77
C LEU D 79 -35.52 -25.49 -33.18
N ILE D 80 -34.20 -25.39 -33.08
CA ILE D 80 -33.33 -26.51 -33.45
C ILE D 80 -33.70 -27.79 -32.72
N GLU D 81 -33.92 -27.70 -31.41
CA GLU D 81 -34.29 -28.87 -30.63
C GLU D 81 -35.66 -29.38 -31.08
N LEU D 82 -36.68 -28.54 -31.02
CA LEU D 82 -38.01 -28.95 -31.44
C LEU D 82 -37.97 -29.74 -32.74
N GLY D 83 -37.62 -29.07 -33.84
CA GLY D 83 -37.55 -29.72 -35.13
C GLY D 83 -36.63 -30.92 -35.20
N THR D 84 -35.54 -30.91 -34.45
CA THR D 84 -34.61 -32.04 -34.51
C THR D 84 -35.22 -33.27 -33.85
N SER D 85 -35.91 -33.06 -32.73
CA SER D 85 -36.54 -34.15 -32.01
C SER D 85 -37.65 -34.68 -32.89
N LEU D 86 -38.25 -33.79 -33.68
CA LEU D 86 -39.33 -34.18 -34.60
C LEU D 86 -38.74 -35.05 -35.72
N GLY D 87 -37.42 -35.16 -35.76
CA GLY D 87 -36.78 -35.99 -36.77
C GLY D 87 -36.24 -35.27 -38.01
N LEU D 88 -36.43 -33.96 -38.08
CA LEU D 88 -35.95 -33.18 -39.20
C LEU D 88 -34.43 -33.09 -39.13
N GLU D 89 -33.79 -32.93 -40.29
CA GLU D 89 -32.34 -32.83 -40.36
C GLU D 89 -31.94 -31.49 -40.99
N MET D 90 -31.07 -30.74 -40.33
CA MET D 90 -30.64 -29.43 -40.80
C MET D 90 -29.60 -29.49 -41.93
N THR D 91 -29.23 -28.31 -42.45
CA THR D 91 -28.22 -28.17 -43.50
C THR D 91 -27.78 -26.72 -43.58
N PRO D 92 -26.48 -26.48 -43.76
CA PRO D 92 -25.87 -25.14 -43.85
C PRO D 92 -26.50 -24.24 -44.90
N SER D 93 -26.69 -22.97 -44.55
CA SER D 93 -27.27 -22.03 -45.50
C SER D 93 -26.18 -21.26 -46.26
N GLY D 94 -25.30 -20.61 -45.51
CA GLY D 94 -24.23 -19.82 -46.11
C GLY D 94 -23.55 -20.44 -47.31
N LYS D 95 -22.95 -19.59 -48.15
CA LYS D 95 -22.23 -20.03 -49.36
C LYS D 95 -20.87 -19.34 -49.46
N PRO D 96 -19.90 -20.04 -50.06
CA PRO D 96 -18.53 -19.55 -50.25
C PRO D 96 -18.45 -18.45 -51.29
N GLY D 97 -17.77 -17.36 -50.97
CA GLY D 97 -17.65 -16.31 -51.95
C GLY D 97 -17.82 -14.91 -51.43
N ASP D 98 -17.72 -13.96 -52.35
CA ASP D 98 -17.86 -12.56 -52.02
C ASP D 98 -19.32 -12.16 -51.97
N ASP D 99 -19.66 -11.36 -50.96
CA ASP D 99 -21.01 -10.87 -50.83
C ASP D 99 -21.05 -9.67 -51.77
N THR D 100 -22.24 -9.31 -52.26
CA THR D 100 -22.33 -8.20 -53.17
C THR D 100 -23.12 -7.02 -52.64
N TYR D 101 -22.67 -5.83 -52.99
CA TYR D 101 -23.36 -4.62 -52.58
C TYR D 101 -23.58 -3.74 -53.80
N ILE D 102 -24.79 -3.24 -53.91
CA ILE D 102 -25.10 -2.31 -54.98
C ILE D 102 -25.53 -1.05 -54.25
N VAL D 103 -24.60 -0.12 -54.20
CA VAL D 103 -24.81 1.15 -53.54
C VAL D 103 -24.92 2.25 -54.59
N ALA D 104 -26.11 2.82 -54.72
CA ALA D 104 -26.34 3.87 -55.68
C ALA D 104 -26.03 3.36 -57.09
N GLY D 105 -26.57 2.19 -57.40
CA GLY D 105 -26.36 1.60 -58.72
C GLY D 105 -24.99 1.02 -59.01
N ASN D 106 -24.02 1.20 -58.11
CA ASN D 106 -22.69 0.65 -58.35
C ASN D 106 -22.51 -0.70 -57.68
N VAL D 107 -21.92 -1.63 -58.42
CA VAL D 107 -21.68 -2.97 -57.93
C VAL D 107 -20.38 -3.06 -57.15
N LEU D 108 -20.47 -3.45 -55.89
CA LEU D 108 -19.29 -3.58 -55.04
C LEU D 108 -19.19 -4.99 -54.50
N ARG D 109 -18.03 -5.62 -54.66
CA ARG D 109 -17.81 -6.96 -54.14
C ARG D 109 -17.19 -6.83 -52.76
N ALA D 110 -17.62 -7.70 -51.86
CA ALA D 110 -17.12 -7.70 -50.49
C ALA D 110 -16.49 -9.02 -50.14
N PRO D 111 -15.16 -9.09 -50.28
CA PRO D 111 -14.58 -10.39 -49.91
C PRO D 111 -14.53 -10.52 -48.39
N ASP D 112 -14.76 -11.72 -47.86
CA ASP D 112 -14.67 -11.91 -46.39
C ASP D 112 -15.67 -10.99 -45.70
N ASP D 113 -16.83 -10.85 -46.34
CA ASP D 113 -17.92 -10.03 -45.82
C ASP D 113 -17.48 -8.57 -45.62
N GLN D 114 -16.20 -8.30 -45.93
CA GLN D 114 -15.64 -6.96 -45.75
C GLN D 114 -15.56 -6.07 -47.00
N LEU D 115 -15.95 -4.81 -46.84
CA LEU D 115 -15.93 -3.85 -47.93
C LEU D 115 -14.64 -3.02 -47.92
N ASP D 116 -14.15 -2.65 -49.11
CA ASP D 116 -12.92 -1.86 -49.21
C ASP D 116 -12.98 -0.65 -48.29
N PRO D 117 -12.12 -0.62 -47.26
CA PRO D 117 -12.06 0.47 -46.28
C PRO D 117 -11.84 1.81 -46.95
N ASN D 118 -11.34 1.79 -48.17
CA ASN D 118 -11.07 3.03 -48.86
C ASN D 118 -12.31 3.69 -49.43
N LEU D 119 -13.36 2.91 -49.66
CA LEU D 119 -14.59 3.50 -50.18
C LEU D 119 -14.99 4.58 -49.19
N PRO D 120 -15.35 5.76 -49.68
CA PRO D 120 -15.75 6.87 -48.80
C PRO D 120 -16.86 6.60 -47.80
N PHE D 121 -17.87 5.82 -48.18
CA PHE D 121 -18.98 5.55 -47.26
C PHE D 121 -18.74 4.49 -46.19
N VAL D 122 -17.84 3.55 -46.45
CA VAL D 122 -17.59 2.46 -45.50
C VAL D 122 -17.35 2.86 -44.05
N PRO D 123 -16.47 3.85 -43.81
CA PRO D 123 -16.20 4.28 -42.44
C PRO D 123 -17.47 4.63 -41.62
N GLU D 124 -18.26 5.60 -42.08
CA GLU D 124 -19.47 5.99 -41.36
C GLU D 124 -20.50 4.86 -41.36
N PHE D 125 -20.36 3.92 -42.30
CA PHE D 125 -21.28 2.80 -42.34
C PHE D 125 -20.96 1.90 -41.15
N LEU D 126 -19.66 1.73 -40.89
CA LEU D 126 -19.20 0.89 -39.79
C LEU D 126 -19.47 1.54 -38.42
N SER D 127 -19.42 2.87 -38.40
CA SER D 127 -19.63 3.63 -37.18
C SER D 127 -21.12 3.70 -36.84
N SER D 128 -21.95 4.05 -37.82
CA SER D 128 -23.38 4.16 -37.59
C SER D 128 -23.91 2.80 -37.12
N LEU D 129 -23.36 1.73 -37.68
CA LEU D 129 -23.77 0.38 -37.31
C LEU D 129 -23.53 0.14 -35.82
N LYS D 130 -22.34 0.48 -35.35
CA LYS D 130 -21.99 0.32 -33.94
C LYS D 130 -22.91 1.20 -33.11
N ALA D 131 -23.06 2.45 -33.56
CA ALA D 131 -23.90 3.44 -32.90
C ALA D 131 -25.31 2.90 -32.65
N LEU D 132 -25.82 2.16 -33.64
CA LEU D 132 -27.14 1.52 -33.57
C LEU D 132 -27.16 0.45 -32.49
N ASP D 133 -26.18 -0.45 -32.53
CA ASP D 133 -26.11 -1.50 -31.54
C ASP D 133 -26.08 -0.91 -30.13
N GLU D 134 -25.43 0.24 -29.98
CA GLU D 134 -25.36 0.87 -28.67
C GLU D 134 -26.75 1.29 -28.24
N LEU D 135 -27.45 1.97 -29.14
CA LEU D 135 -28.80 2.42 -28.86
C LEU D 135 -29.64 1.20 -28.52
N ALA D 136 -29.51 0.15 -29.32
CA ALA D 136 -30.25 -1.07 -29.07
C ALA D 136 -29.97 -1.56 -27.65
N ASP D 137 -28.71 -1.52 -27.23
CA ASP D 137 -28.35 -1.98 -25.90
C ASP D 137 -28.86 -1.08 -24.79
N SER D 138 -29.03 0.22 -25.06
CA SER D 138 -29.51 1.11 -24.03
C SER D 138 -30.97 0.80 -23.64
N VAL D 139 -31.68 0.12 -24.54
CA VAL D 139 -33.06 -0.29 -24.29
C VAL D 139 -33.00 -1.80 -24.54
N GLY D 140 -33.28 -2.60 -23.52
CA GLY D 140 -33.14 -4.04 -23.69
C GLY D 140 -34.16 -4.74 -24.56
N TRP D 141 -34.71 -5.82 -24.02
CA TRP D 141 -35.71 -6.59 -24.73
C TRP D 141 -36.76 -6.97 -23.70
N ASP D 142 -36.40 -6.81 -22.44
CA ASP D 142 -37.29 -7.16 -21.37
C ASP D 142 -38.29 -6.06 -21.02
N GLN D 143 -37.81 -4.85 -20.80
CA GLN D 143 -38.68 -3.75 -20.45
C GLN D 143 -38.41 -2.55 -21.34
N PRO D 144 -38.26 -2.77 -22.66
CA PRO D 144 -37.98 -1.63 -23.52
C PRO D 144 -38.75 -0.36 -23.16
N TRP D 145 -40.06 -0.50 -22.98
CA TRP D 145 -40.93 0.63 -22.64
C TRP D 145 -40.56 1.27 -21.32
N ALA D 146 -39.67 0.61 -20.58
CA ALA D 146 -39.23 1.09 -19.28
C ALA D 146 -37.79 1.61 -19.29
N SER D 147 -37.06 1.33 -20.36
CA SER D 147 -35.67 1.75 -20.48
C SER D 147 -35.52 3.24 -20.20
N PRO D 148 -34.31 3.64 -19.78
CA PRO D 148 -33.85 4.99 -19.43
C PRO D 148 -34.42 6.13 -20.24
N ASN D 149 -34.74 5.89 -21.51
CA ASN D 149 -35.29 6.99 -22.27
C ASN D 149 -36.31 6.55 -23.30
N ALA D 150 -37.10 5.53 -22.95
CA ALA D 150 -38.10 4.98 -23.83
C ALA D 150 -39.01 6.05 -24.44
N ALA D 151 -39.72 6.78 -23.57
CA ALA D 151 -40.65 7.84 -23.95
C ALA D 151 -40.11 8.68 -25.08
N ALA D 152 -38.94 9.27 -24.84
CA ALA D 152 -38.29 10.11 -25.83
C ALA D 152 -38.14 9.34 -27.12
N LEU D 153 -37.46 8.20 -27.03
CA LEU D 153 -37.21 7.33 -28.16
C LEU D 153 -38.44 6.92 -28.97
N ASP D 154 -39.53 6.54 -28.28
CA ASP D 154 -40.76 6.11 -28.95
C ASP D 154 -41.49 7.30 -29.59
N SER D 155 -40.82 8.45 -29.59
CA SER D 155 -41.38 9.66 -30.15
C SER D 155 -40.78 9.98 -31.53
N LYS D 156 -39.52 9.58 -31.73
CA LYS D 156 -38.81 9.81 -33.00
C LYS D 156 -39.07 8.61 -33.93
N THR D 157 -38.77 8.77 -35.21
CA THR D 157 -38.93 7.65 -36.16
C THR D 157 -37.51 7.26 -36.59
N VAL D 158 -37.29 5.98 -36.86
CA VAL D 158 -35.95 5.53 -37.26
C VAL D 158 -35.44 6.40 -38.41
N ALA D 159 -36.38 7.06 -39.08
CA ALA D 159 -36.07 7.93 -40.20
C ALA D 159 -35.43 9.21 -39.69
N THR D 160 -36.15 9.93 -38.83
CA THR D 160 -35.57 11.18 -38.34
C THR D 160 -34.25 10.91 -37.62
N TRP D 161 -34.13 9.77 -36.93
CA TRP D 161 -32.87 9.49 -36.25
C TRP D 161 -31.74 9.36 -37.27
N LEU D 162 -31.95 8.61 -38.34
CA LEU D 162 -30.92 8.45 -39.36
C LEU D 162 -30.53 9.82 -39.89
N ALA D 163 -31.54 10.68 -40.00
CA ALA D 163 -31.32 12.02 -40.49
C ALA D 163 -30.45 12.79 -39.51
N GLU D 164 -30.77 12.69 -38.23
CA GLU D 164 -30.02 13.41 -37.19
C GLU D 164 -28.65 12.80 -36.88
N THR D 165 -28.42 11.58 -37.30
CA THR D 165 -27.17 10.93 -36.93
C THR D 165 -26.19 10.55 -38.05
N ILE D 166 -26.63 10.57 -39.31
CA ILE D 166 -25.76 10.17 -40.41
C ILE D 166 -25.58 11.22 -41.51
N GLU D 167 -24.34 11.53 -41.87
CA GLU D 167 -24.13 12.52 -42.92
C GLU D 167 -24.32 12.00 -44.32
N SER D 168 -23.64 10.89 -44.63
CA SER D 168 -23.68 10.25 -45.95
C SER D 168 -25.04 9.78 -46.41
N GLU D 169 -25.37 10.09 -47.65
CA GLU D 169 -26.66 9.67 -48.18
C GLU D 169 -26.67 8.17 -48.38
N GLU D 170 -25.55 7.62 -48.83
CA GLU D 170 -25.48 6.16 -49.01
C GLU D 170 -25.59 5.43 -47.67
N VAL D 171 -24.84 5.86 -46.67
CA VAL D 171 -24.92 5.23 -45.37
C VAL D 171 -26.38 5.30 -44.94
N ARG D 172 -26.99 6.47 -45.13
CA ARG D 172 -28.38 6.67 -44.79
C ARG D 172 -29.26 5.64 -45.52
N ARG D 173 -29.03 5.49 -46.83
CA ARG D 173 -29.79 4.57 -47.64
C ARG D 173 -29.59 3.11 -47.27
N LEU D 174 -28.37 2.61 -47.32
CA LEU D 174 -28.19 1.20 -46.99
C LEU D 174 -28.67 0.89 -45.58
N HIS D 175 -28.92 1.92 -44.78
CA HIS D 175 -29.46 1.70 -43.44
C HIS D 175 -30.95 1.49 -43.70
N THR D 176 -31.52 2.41 -44.46
CA THR D 176 -32.94 2.33 -44.78
C THR D 176 -33.29 0.95 -45.36
N VAL D 177 -32.56 0.52 -46.38
CA VAL D 177 -32.81 -0.77 -47.03
C VAL D 177 -32.86 -1.88 -46.00
N ILE D 178 -31.89 -1.86 -45.08
CA ILE D 178 -31.80 -2.87 -44.03
C ILE D 178 -33.10 -2.89 -43.24
N VAL D 179 -33.57 -1.72 -42.79
CA VAL D 179 -34.83 -1.65 -42.04
C VAL D 179 -35.97 -2.24 -42.87
N ASN D 180 -36.11 -1.75 -44.09
CA ASN D 180 -37.17 -2.21 -44.98
C ASN D 180 -37.26 -3.70 -45.19
N THR D 181 -36.12 -4.35 -45.37
CA THR D 181 -36.13 -5.79 -45.60
C THR D 181 -36.19 -6.62 -44.34
N LEU D 182 -35.56 -6.12 -43.27
CA LEU D 182 -35.54 -6.82 -41.99
C LEU D 182 -36.92 -6.73 -41.31
N LEU D 183 -37.55 -5.58 -41.42
CA LEU D 183 -38.90 -5.36 -40.89
C LEU D 183 -39.64 -5.27 -42.21
N GLY D 184 -40.96 -5.17 -42.20
CA GLY D 184 -41.60 -5.07 -43.50
C GLY D 184 -41.87 -3.62 -43.83
N ALA D 185 -41.38 -2.73 -42.97
CA ALA D 185 -41.61 -1.30 -43.13
C ALA D 185 -40.38 -0.45 -43.40
N ASP D 186 -40.63 0.82 -43.71
CA ASP D 186 -39.57 1.76 -43.99
C ASP D 186 -39.31 2.56 -42.71
N PRO D 187 -38.07 3.03 -42.49
CA PRO D 187 -37.83 3.79 -41.27
C PRO D 187 -38.73 5.01 -41.02
N TYR D 188 -39.40 5.51 -42.06
CA TYR D 188 -40.27 6.66 -41.86
C TYR D 188 -41.57 6.32 -41.16
N GLU D 189 -41.85 5.03 -40.97
CA GLU D 189 -43.10 4.62 -40.31
C GLU D 189 -42.85 3.73 -39.11
N VAL D 190 -41.59 3.65 -38.69
CA VAL D 190 -41.21 2.81 -37.56
C VAL D 190 -40.64 3.55 -36.36
N SER D 191 -41.17 3.27 -35.17
CA SER D 191 -40.67 3.91 -33.97
C SER D 191 -39.16 3.68 -33.80
N LEU D 192 -38.45 4.71 -33.38
CA LEU D 192 -37.02 4.56 -33.16
C LEU D 192 -36.84 3.58 -32.01
N LEU D 193 -37.65 3.74 -30.97
CA LEU D 193 -37.58 2.85 -29.82
C LEU D 193 -37.88 1.42 -30.26
N TYR D 194 -38.93 1.26 -31.07
CA TYR D 194 -39.25 -0.08 -31.52
C TYR D 194 -38.10 -0.73 -32.29
N TRP D 195 -37.34 0.04 -33.05
CA TRP D 195 -36.25 -0.62 -33.78
C TRP D 195 -35.07 -0.98 -32.90
N ALA D 196 -34.70 -0.08 -31.99
CA ALA D 196 -33.59 -0.36 -31.10
C ALA D 196 -33.95 -1.65 -30.38
N TYR D 197 -35.22 -1.73 -30.00
CA TYR D 197 -35.76 -2.90 -29.32
C TYR D 197 -35.48 -4.14 -30.17
N TYR D 198 -36.02 -4.12 -31.38
CA TYR D 198 -35.86 -5.23 -32.32
C TYR D 198 -34.39 -5.64 -32.50
N VAL D 199 -33.54 -4.67 -32.77
CA VAL D 199 -32.14 -4.97 -32.97
C VAL D 199 -31.61 -5.64 -31.72
N SER D 200 -32.06 -5.16 -30.57
CA SER D 200 -31.60 -5.73 -29.31
C SER D 200 -32.07 -7.14 -29.03
N GLU D 201 -33.35 -7.39 -29.26
CA GLU D 201 -33.96 -8.69 -29.00
C GLU D 201 -33.62 -9.78 -30.02
N CYS D 202 -32.81 -9.43 -31.01
CA CYS D 202 -32.42 -10.39 -32.01
C CYS D 202 -30.90 -10.51 -32.00
N GLU D 203 -30.30 -10.02 -30.90
CA GLU D 203 -28.86 -10.06 -30.67
C GLU D 203 -28.00 -9.20 -31.61
N GLY D 204 -28.38 -7.93 -31.82
CA GLY D 204 -27.60 -7.02 -32.66
C GLY D 204 -27.79 -7.18 -34.16
N ILE D 205 -27.52 -6.13 -34.95
CA ILE D 205 -27.69 -6.26 -36.40
C ILE D 205 -26.68 -7.20 -37.00
N GLN D 206 -25.49 -7.26 -36.40
CA GLN D 206 -24.47 -8.12 -36.95
C GLN D 206 -25.03 -9.56 -37.07
N SER D 207 -25.83 -9.93 -36.07
CA SER D 207 -26.48 -11.24 -36.01
C SER D 207 -27.70 -11.23 -36.93
N LEU D 208 -28.42 -10.12 -36.88
CA LEU D 208 -29.63 -9.90 -37.66
C LEU D 208 -29.30 -9.80 -39.15
N MET D 209 -28.12 -9.28 -39.45
CA MET D 209 -27.69 -9.08 -40.83
C MET D 209 -26.74 -10.12 -41.43
N GLY D 210 -26.34 -11.12 -40.64
CA GLY D 210 -25.43 -12.14 -41.12
C GLY D 210 -25.94 -12.89 -42.36
N THR D 211 -25.02 -13.43 -43.15
CA THR D 211 -25.39 -14.16 -44.36
C THR D 211 -24.89 -15.59 -44.35
N ARG D 212 -23.85 -15.81 -43.55
CA ARG D 212 -23.21 -17.11 -43.39
C ARG D 212 -23.67 -17.66 -42.03
N ASP D 213 -23.54 -16.83 -41.00
CA ASP D 213 -23.94 -17.17 -39.65
C ASP D 213 -25.05 -16.23 -39.18
N GLY D 214 -25.08 -15.93 -37.88
CA GLY D 214 -26.11 -15.05 -37.37
C GLY D 214 -27.47 -15.72 -37.56
N ALA D 215 -28.50 -14.91 -37.74
CA ALA D 215 -29.85 -15.44 -37.93
C ALA D 215 -29.97 -16.29 -39.20
N GLN D 216 -29.20 -15.95 -40.24
CA GLN D 216 -29.24 -16.70 -41.49
C GLN D 216 -28.09 -17.70 -41.45
N TRP D 217 -28.33 -18.85 -40.82
CA TRP D 217 -27.28 -19.85 -40.66
C TRP D 217 -27.52 -21.26 -41.16
N ALA D 218 -28.78 -21.69 -41.25
CA ALA D 218 -29.07 -23.04 -41.73
C ALA D 218 -30.54 -23.30 -42.04
N TRP D 219 -30.80 -24.37 -42.79
CA TRP D 219 -32.15 -24.75 -43.18
C TRP D 219 -32.56 -26.14 -42.77
N TRP D 220 -33.87 -26.38 -42.78
CA TRP D 220 -34.41 -27.69 -42.48
C TRP D 220 -34.44 -28.39 -43.82
N PHE D 221 -33.46 -29.26 -44.05
CA PHE D 221 -33.36 -30.02 -45.29
C PHE D 221 -34.70 -30.77 -45.43
N GLY D 222 -35.66 -30.11 -46.06
CA GLY D 222 -36.98 -30.69 -46.25
C GLY D 222 -38.12 -29.69 -46.35
N GLY D 223 -37.93 -28.51 -45.75
CA GLY D 223 -38.97 -27.49 -45.77
C GLY D 223 -39.23 -27.01 -44.36
N ALA D 224 -39.59 -25.74 -44.20
CA ALA D 224 -39.83 -25.16 -42.87
C ALA D 224 -41.21 -25.44 -42.28
N ALA D 225 -42.20 -25.67 -43.12
CA ALA D 225 -43.53 -25.94 -42.60
C ALA D 225 -43.57 -27.28 -41.88
N GLN D 226 -42.55 -28.10 -42.06
CA GLN D 226 -42.49 -29.41 -41.45
C GLN D 226 -42.57 -29.47 -39.93
N VAL D 227 -41.97 -28.49 -39.25
CA VAL D 227 -42.03 -28.50 -37.79
C VAL D 227 -43.49 -28.52 -37.38
N SER D 228 -44.32 -27.75 -38.07
CA SER D 228 -45.73 -27.73 -37.73
C SER D 228 -46.45 -28.98 -38.19
N TRP D 229 -46.10 -29.52 -39.36
CA TRP D 229 -46.76 -30.73 -39.84
C TRP D 229 -46.42 -31.92 -38.95
N ARG D 230 -45.13 -32.13 -38.74
CA ARG D 230 -44.66 -33.23 -37.93
C ARG D 230 -45.28 -33.18 -36.53
N ILE D 231 -45.45 -31.97 -35.99
CA ILE D 231 -46.07 -31.84 -34.68
C ILE D 231 -47.50 -32.33 -34.82
N ALA D 232 -48.16 -31.87 -35.89
CA ALA D 232 -49.54 -32.25 -36.17
C ALA D 232 -49.66 -33.77 -36.24
N ASP D 233 -48.82 -34.39 -37.06
CA ASP D 233 -48.81 -35.86 -37.21
C ASP D 233 -48.66 -36.53 -35.84
N ALA D 234 -47.67 -36.09 -35.07
CA ALA D 234 -47.42 -36.66 -33.75
C ALA D 234 -48.61 -36.48 -32.81
N ILE D 235 -48.88 -35.25 -32.43
CA ILE D 235 -49.98 -34.91 -31.54
C ILE D 235 -51.36 -35.46 -32.00
N GLY D 236 -51.51 -35.76 -33.29
CA GLY D 236 -52.79 -36.25 -33.76
C GLY D 236 -53.43 -35.33 -34.79
N ARG D 237 -53.14 -35.58 -36.05
CA ARG D 237 -53.61 -34.80 -37.19
C ARG D 237 -55.08 -34.37 -37.15
N ASP D 238 -55.86 -35.02 -36.30
CA ASP D 238 -57.28 -34.73 -36.17
C ASP D 238 -57.58 -33.67 -35.12
N LYS D 239 -56.56 -33.34 -34.33
CA LYS D 239 -56.74 -32.33 -33.28
C LYS D 239 -56.55 -30.93 -33.85
N PHE D 240 -56.35 -30.87 -35.17
CA PHE D 240 -56.21 -29.61 -35.86
C PHE D 240 -57.43 -29.42 -36.74
N LEU D 241 -58.27 -28.43 -36.43
CA LEU D 241 -59.46 -28.18 -37.24
C LEU D 241 -59.21 -27.06 -38.23
N LEU D 242 -58.74 -27.38 -39.43
CA LEU D 242 -58.49 -26.35 -40.44
C LEU D 242 -59.80 -25.70 -40.89
N GLU D 243 -59.70 -24.53 -41.51
CA GLU D 243 -60.87 -23.80 -41.97
C GLU D 243 -61.87 -23.54 -40.85
N TRP D 244 -61.35 -23.20 -39.68
CA TRP D 244 -62.17 -22.90 -38.51
C TRP D 244 -61.80 -21.49 -38.05
N PRO D 245 -62.03 -20.46 -38.89
CA PRO D 245 -61.71 -19.08 -38.54
C PRO D 245 -62.46 -18.63 -37.30
N VAL D 246 -61.72 -18.24 -36.27
CA VAL D 246 -62.35 -17.75 -35.05
C VAL D 246 -62.75 -16.30 -35.30
N ASP D 247 -64.00 -15.95 -35.04
CA ASP D 247 -64.42 -14.57 -35.25
C ASP D 247 -64.92 -13.88 -33.99
N ARG D 248 -65.20 -14.66 -32.96
CA ARG D 248 -65.64 -14.05 -31.71
C ARG D 248 -65.14 -14.88 -30.53
N ILE D 249 -64.88 -14.20 -29.42
CA ILE D 249 -64.38 -14.86 -28.23
C ILE D 249 -65.03 -14.36 -26.96
N GLU D 250 -65.84 -15.23 -26.35
CA GLU D 250 -66.49 -14.91 -25.09
C GLU D 250 -65.52 -15.51 -24.10
N HIS D 251 -64.84 -14.64 -23.38
CA HIS D 251 -63.83 -15.07 -22.43
C HIS D 251 -64.19 -14.66 -21.03
N ASP D 252 -64.84 -15.53 -20.28
CA ASP D 252 -65.12 -15.12 -18.92
C ASP D 252 -64.37 -15.92 -17.87
N GLU D 253 -64.78 -15.73 -16.63
CA GLU D 253 -64.13 -16.33 -15.49
C GLU D 253 -63.99 -17.82 -15.35
N SER D 254 -64.79 -18.60 -16.06
CA SER D 254 -64.69 -20.05 -15.92
C SER D 254 -64.03 -20.75 -17.08
N GLY D 255 -63.87 -20.02 -18.18
CA GLY D 255 -63.25 -20.59 -19.35
C GLY D 255 -63.46 -19.69 -20.54
N VAL D 256 -63.37 -20.23 -21.73
CA VAL D 256 -63.56 -19.41 -22.92
C VAL D 256 -64.38 -20.13 -23.99
N THR D 257 -65.17 -19.34 -24.71
CA THR D 257 -66.00 -19.87 -25.79
C THR D 257 -65.61 -19.22 -27.11
N LEU D 258 -65.15 -20.05 -28.05
CA LEU D 258 -64.73 -19.63 -29.37
C LEU D 258 -65.87 -19.81 -30.37
N PHE D 259 -65.97 -18.90 -31.34
CA PHE D 259 -67.01 -18.98 -32.34
C PHE D 259 -66.48 -18.84 -33.76
N SER D 260 -66.87 -19.77 -34.62
CA SER D 260 -66.49 -19.71 -36.02
C SER D 260 -67.82 -19.70 -36.76
N GLY D 261 -68.46 -18.52 -36.75
CA GLY D 261 -69.75 -18.38 -37.39
C GLY D 261 -70.78 -18.89 -36.41
N GLN D 262 -71.51 -19.93 -36.79
CA GLN D 262 -72.51 -20.54 -35.92
C GLN D 262 -71.84 -21.64 -35.13
N ARG D 263 -70.68 -22.09 -35.61
CA ARG D 263 -69.91 -23.13 -34.94
C ARG D 263 -69.30 -22.56 -33.65
N SER D 264 -68.99 -23.43 -32.69
CA SER D 264 -68.39 -22.96 -31.43
C SER D 264 -67.72 -24.09 -30.65
N LEU D 265 -66.78 -23.72 -29.80
CA LEU D 265 -66.05 -24.66 -28.95
C LEU D 265 -65.86 -24.00 -27.58
N ARG D 266 -65.35 -24.77 -26.62
CA ARG D 266 -65.06 -24.23 -25.28
C ARG D 266 -63.96 -24.99 -24.55
N ALA D 267 -63.03 -24.25 -23.97
CA ALA D 267 -61.92 -24.82 -23.23
C ALA D 267 -61.71 -23.97 -21.98
N ARG D 268 -60.99 -24.52 -21.01
CA ARG D 268 -60.71 -23.81 -19.76
C ARG D 268 -59.76 -22.65 -20.03
N HIS D 269 -58.79 -22.90 -20.91
CA HIS D 269 -57.79 -21.91 -21.30
C HIS D 269 -57.64 -21.96 -22.81
N ILE D 270 -57.33 -20.81 -23.41
CA ILE D 270 -57.07 -20.77 -24.85
C ILE D 270 -55.85 -19.89 -25.05
N VAL D 271 -55.04 -20.24 -26.05
CA VAL D 271 -53.84 -19.49 -26.37
C VAL D 271 -54.02 -18.98 -27.79
N ILE D 272 -54.04 -17.66 -27.93
CA ILE D 272 -54.19 -17.03 -29.22
C ILE D 272 -52.79 -16.74 -29.79
N ALA D 273 -52.37 -17.62 -30.69
CA ALA D 273 -51.05 -17.59 -31.32
C ALA D 273 -50.98 -17.05 -32.74
N MET D 274 -50.93 -15.73 -32.84
CA MET D 274 -50.85 -15.03 -34.12
C MET D 274 -50.34 -13.61 -33.92
N SER D 275 -50.26 -12.84 -34.99
CA SER D 275 -49.81 -11.47 -34.89
C SER D 275 -50.89 -10.61 -34.23
N PRO D 276 -50.49 -9.54 -33.52
CA PRO D 276 -51.43 -8.65 -32.86
C PRO D 276 -52.48 -8.14 -33.84
N LEU D 277 -52.05 -7.82 -35.06
CA LEU D 277 -52.98 -7.33 -36.07
C LEU D 277 -54.04 -8.37 -36.43
N ALA D 278 -53.61 -9.60 -36.69
CA ALA D 278 -54.50 -10.70 -37.05
C ALA D 278 -55.53 -10.99 -35.95
N ALA D 279 -55.10 -10.82 -34.71
CA ALA D 279 -55.96 -11.08 -33.58
C ALA D 279 -56.97 -9.98 -33.39
N ASN D 280 -56.66 -8.79 -33.90
CA ASN D 280 -57.60 -7.68 -33.72
C ASN D 280 -58.84 -7.87 -34.56
N GLN D 281 -58.83 -8.85 -35.45
CA GLN D 281 -59.99 -9.12 -36.29
C GLN D 281 -61.07 -9.89 -35.55
N ILE D 282 -60.69 -10.43 -34.41
CA ILE D 282 -61.59 -11.20 -33.56
C ILE D 282 -62.32 -10.30 -32.56
N ARG D 283 -63.61 -10.52 -32.37
CA ARG D 283 -64.39 -9.73 -31.41
C ARG D 283 -64.24 -10.36 -30.03
N PHE D 284 -64.10 -9.51 -29.01
CA PHE D 284 -63.95 -10.00 -27.65
C PHE D 284 -65.06 -9.54 -26.72
N GLU D 285 -65.66 -10.48 -26.00
CA GLU D 285 -66.70 -10.17 -25.03
C GLU D 285 -66.32 -10.80 -23.69
N PRO D 286 -66.06 -9.96 -22.66
CA PRO D 286 -66.11 -8.51 -22.76
C PRO D 286 -64.96 -7.95 -23.55
N ALA D 287 -64.93 -6.64 -23.71
CA ALA D 287 -63.87 -5.99 -24.45
C ALA D 287 -62.54 -6.19 -23.72
N LEU D 288 -61.47 -6.19 -24.51
CA LEU D 288 -60.11 -6.33 -23.99
C LEU D 288 -59.75 -5.03 -23.30
N PRO D 289 -58.91 -5.08 -22.25
CA PRO D 289 -58.54 -3.84 -21.58
C PRO D 289 -57.85 -2.90 -22.57
N THR D 290 -58.20 -1.62 -22.50
CA THR D 290 -57.66 -0.61 -23.39
C THR D 290 -56.18 -0.78 -23.75
N SER D 291 -55.38 -1.32 -22.82
CA SER D 291 -53.95 -1.54 -23.04
C SER D 291 -53.66 -2.46 -24.23
N ARG D 292 -54.23 -3.67 -24.19
CA ARG D 292 -54.04 -4.65 -25.25
C ARG D 292 -54.82 -4.17 -26.47
N ALA D 293 -56.00 -3.59 -26.21
CA ALA D 293 -56.86 -3.07 -27.27
C ALA D 293 -56.02 -2.20 -28.19
N GLN D 294 -55.37 -1.20 -27.62
CA GLN D 294 -54.51 -0.28 -28.36
C GLN D 294 -53.35 -1.02 -29.05
N LEU D 295 -52.68 -1.89 -28.31
CA LEU D 295 -51.55 -2.62 -28.87
C LEU D 295 -51.85 -3.43 -30.12
N GLN D 296 -52.91 -4.22 -30.11
CA GLN D 296 -53.19 -5.02 -31.30
C GLN D 296 -53.93 -4.27 -32.37
N ALA D 297 -54.32 -3.05 -32.03
CA ALA D 297 -55.02 -2.20 -32.97
C ALA D 297 -54.06 -1.20 -33.59
N ARG D 298 -52.89 -1.05 -32.99
CA ARG D 298 -51.90 -0.10 -33.49
C ARG D 298 -50.55 -0.72 -33.82
N ALA D 299 -50.52 -2.03 -34.01
CA ALA D 299 -49.29 -2.73 -34.34
C ALA D 299 -49.48 -3.42 -35.70
N PRO D 300 -49.11 -2.72 -36.78
CA PRO D 300 -49.24 -3.26 -38.14
C PRO D 300 -48.20 -4.30 -38.55
N MET D 301 -48.48 -4.97 -39.67
CA MET D 301 -47.59 -5.98 -40.24
C MET D 301 -46.86 -5.28 -41.39
N GLY D 302 -45.62 -5.68 -41.67
CA GLY D 302 -44.88 -5.07 -42.75
C GLY D 302 -45.49 -5.38 -44.10
N ARG D 303 -44.82 -4.98 -45.17
CA ARG D 303 -45.30 -5.26 -46.50
C ARG D 303 -44.11 -6.02 -47.05
N TYR D 304 -44.33 -7.07 -47.84
CA TYR D 304 -43.19 -7.86 -48.27
C TYR D 304 -43.44 -8.74 -49.49
N TYR D 305 -42.38 -8.97 -50.24
CA TYR D 305 -42.40 -9.83 -51.41
C TYR D 305 -41.31 -10.87 -51.19
N LYS D 306 -41.56 -12.13 -51.50
CA LYS D 306 -40.48 -13.10 -51.41
C LYS D 306 -40.34 -13.63 -52.82
N VAL D 307 -39.22 -13.30 -53.45
CA VAL D 307 -38.97 -13.71 -54.82
C VAL D 307 -37.91 -14.80 -54.87
N GLN D 308 -38.10 -15.75 -55.78
CA GLN D 308 -37.18 -16.85 -55.94
C GLN D 308 -36.97 -17.17 -57.43
N ALA D 309 -35.72 -17.37 -57.82
CA ALA D 309 -35.38 -17.70 -59.21
C ALA D 309 -34.56 -18.99 -59.23
N ARG D 310 -34.97 -19.98 -60.00
CA ARG D 310 -34.22 -21.23 -60.06
C ARG D 310 -33.54 -21.49 -61.39
N TYR D 311 -32.26 -21.84 -61.31
CA TYR D 311 -31.41 -22.10 -62.46
C TYR D 311 -30.82 -23.50 -62.40
N PRO D 312 -30.30 -24.01 -63.54
CA PRO D 312 -29.71 -25.35 -63.57
C PRO D 312 -28.41 -25.48 -62.76
N SER D 313 -27.63 -24.40 -62.73
CA SER D 313 -26.36 -24.37 -62.00
C SER D 313 -26.27 -23.14 -61.12
N SER D 314 -25.46 -23.20 -60.06
CA SER D 314 -25.27 -22.06 -59.17
C SER D 314 -24.18 -21.19 -59.79
N PHE D 315 -24.48 -20.58 -60.94
CA PHE D 315 -23.51 -19.74 -61.64
C PHE D 315 -22.92 -18.62 -60.81
N TRP D 316 -23.47 -18.40 -59.63
CA TRP D 316 -22.95 -17.34 -58.77
C TRP D 316 -21.87 -17.90 -57.85
N VAL D 317 -22.14 -19.05 -57.24
CA VAL D 317 -21.14 -19.65 -56.36
C VAL D 317 -19.96 -20.05 -57.23
N GLU D 318 -20.27 -20.66 -58.37
CA GLU D 318 -19.27 -21.12 -59.34
C GLU D 318 -18.46 -19.99 -59.96
N GLN D 319 -18.87 -18.75 -59.74
CA GLN D 319 -18.14 -17.63 -60.27
C GLN D 319 -17.45 -16.86 -59.16
N GLY D 320 -17.57 -17.38 -57.93
CA GLY D 320 -16.92 -16.76 -56.80
C GLY D 320 -17.75 -15.87 -55.92
N TYR D 321 -19.07 -15.93 -56.07
CA TYR D 321 -19.97 -15.10 -55.26
C TYR D 321 -20.85 -15.94 -54.36
N SER D 322 -21.06 -15.45 -53.14
CA SER D 322 -21.88 -16.15 -52.17
C SER D 322 -23.34 -16.13 -52.60
N GLY D 323 -23.69 -15.16 -53.43
CA GLY D 323 -25.06 -15.06 -53.87
C GLY D 323 -25.79 -14.10 -52.96
N ALA D 324 -25.10 -13.63 -51.93
CA ALA D 324 -25.70 -12.68 -51.01
C ALA D 324 -25.57 -11.30 -51.65
N LEU D 325 -26.61 -10.49 -51.50
CA LEU D 325 -26.58 -9.16 -52.08
C LEU D 325 -27.45 -8.17 -51.33
N LEU D 326 -27.00 -6.93 -51.26
CA LEU D 326 -27.74 -5.87 -50.59
C LEU D 326 -27.77 -4.73 -51.60
N ASP D 327 -28.95 -4.38 -52.06
CA ASP D 327 -29.12 -3.33 -53.07
C ASP D 327 -29.92 -2.17 -52.49
N THR D 328 -29.37 -0.96 -52.55
CA THR D 328 -30.06 0.22 -52.01
C THR D 328 -31.01 0.98 -52.94
N GLU D 329 -30.82 0.90 -54.26
CA GLU D 329 -31.71 1.63 -55.16
C GLU D 329 -32.24 0.98 -56.42
N ASP D 330 -31.49 0.05 -57.01
CA ASP D 330 -31.96 -0.60 -58.23
C ASP D 330 -33.33 -1.20 -58.02
N VAL D 331 -33.47 -1.95 -56.94
CA VAL D 331 -34.74 -2.59 -56.60
C VAL D 331 -35.09 -2.34 -55.14
N GLY D 332 -34.09 -2.49 -54.27
CA GLY D 332 -34.32 -2.31 -52.85
C GLY D 332 -34.57 -3.71 -52.31
N VAL D 333 -33.54 -4.54 -52.35
CA VAL D 333 -33.66 -5.93 -51.93
C VAL D 333 -32.41 -6.52 -51.28
N PHE D 334 -32.63 -7.55 -50.48
CA PHE D 334 -31.56 -8.29 -49.81
C PHE D 334 -31.61 -9.60 -50.59
N LEU D 335 -30.46 -10.14 -50.91
CA LEU D 335 -30.39 -11.36 -51.70
C LEU D 335 -29.59 -12.46 -51.01
N LEU D 336 -30.05 -13.69 -51.10
CA LEU D 336 -29.37 -14.81 -50.48
C LEU D 336 -29.55 -16.07 -51.31
N ASP D 337 -28.56 -16.96 -51.23
CA ASP D 337 -28.63 -18.24 -51.94
C ASP D 337 -29.64 -19.15 -51.21
N GLY D 338 -30.26 -20.08 -51.93
CA GLY D 338 -31.20 -20.99 -51.30
C GLY D 338 -31.04 -22.38 -51.86
N THR D 339 -29.81 -22.72 -52.23
CA THR D 339 -29.49 -24.02 -52.83
C THR D 339 -29.06 -25.10 -51.86
N LYS D 340 -29.98 -25.97 -51.45
CA LYS D 340 -29.62 -27.05 -50.54
C LYS D 340 -29.13 -28.24 -51.40
N PRO D 341 -28.04 -28.94 -50.97
CA PRO D 341 -27.42 -30.08 -51.66
C PRO D 341 -28.42 -31.04 -52.28
N THR D 342 -29.57 -31.13 -51.65
CA THR D 342 -30.64 -32.00 -52.09
C THR D 342 -31.30 -31.49 -53.38
N ASP D 343 -31.52 -30.18 -53.48
CA ASP D 343 -32.17 -29.61 -54.65
C ASP D 343 -31.47 -30.04 -55.92
N THR D 344 -32.23 -30.13 -57.01
CA THR D 344 -31.67 -30.53 -58.30
C THR D 344 -31.13 -29.32 -59.06
N LEU D 345 -31.81 -28.18 -58.94
CA LEU D 345 -31.35 -26.97 -59.60
C LEU D 345 -31.21 -25.80 -58.59
N ALA D 346 -30.17 -24.99 -58.80
CA ALA D 346 -29.85 -23.84 -57.94
C ALA D 346 -30.94 -22.78 -57.81
N THR D 347 -30.97 -22.14 -56.65
CA THR D 347 -31.98 -21.13 -56.42
C THR D 347 -31.46 -19.91 -55.64
N LEU D 348 -31.71 -18.75 -56.23
CA LEU D 348 -31.30 -17.46 -55.66
C LEU D 348 -32.61 -16.87 -55.14
N ILE D 349 -32.55 -16.20 -54.00
CA ILE D 349 -33.76 -15.64 -53.42
C ILE D 349 -33.62 -14.24 -52.86
N GLY D 350 -34.62 -13.40 -53.11
CA GLY D 350 -34.57 -12.04 -52.63
C GLY D 350 -35.78 -11.61 -51.84
N PHE D 351 -35.59 -10.55 -51.05
CA PHE D 351 -36.66 -10.00 -50.24
C PHE D 351 -36.85 -8.51 -50.45
N ILE D 352 -38.06 -8.14 -50.86
CA ILE D 352 -38.44 -6.74 -51.08
C ILE D 352 -39.52 -6.42 -50.06
N GLY D 353 -39.28 -5.40 -49.24
CA GLY D 353 -40.26 -5.03 -48.23
C GLY D 353 -40.41 -3.53 -48.06
N GLY D 354 -41.36 -3.15 -47.21
CA GLY D 354 -41.61 -1.74 -46.94
C GLY D 354 -41.91 -0.90 -48.15
N SER D 355 -41.27 0.27 -48.19
CA SER D 355 -41.43 1.21 -49.28
C SER D 355 -40.98 0.60 -50.61
N ASN D 356 -40.11 -0.40 -50.53
CA ASN D 356 -39.63 -1.08 -51.72
C ASN D 356 -40.75 -1.95 -52.27
N TYR D 357 -41.49 -2.60 -51.38
CA TYR D 357 -42.61 -3.42 -51.81
C TYR D 357 -43.54 -2.43 -52.51
N ASP D 358 -43.79 -1.32 -51.83
CA ASP D 358 -44.63 -0.25 -52.32
C ASP D 358 -44.33 0.13 -53.76
N ARG D 359 -43.08 0.50 -54.04
CA ARG D 359 -42.73 0.90 -55.39
C ARG D 359 -42.96 -0.20 -56.41
N TRP D 360 -42.60 -1.42 -56.04
CA TRP D 360 -42.75 -2.53 -56.98
C TRP D 360 -44.17 -3.08 -57.12
N ALA D 361 -44.95 -3.05 -56.06
CA ALA D 361 -46.31 -3.55 -56.16
C ALA D 361 -47.05 -2.61 -57.13
N ALA D 362 -46.47 -1.42 -57.33
CA ALA D 362 -47.05 -0.44 -58.21
C ALA D 362 -46.94 -0.85 -59.68
N HIS D 363 -45.98 -1.71 -60.00
CA HIS D 363 -45.81 -2.15 -61.37
C HIS D 363 -46.56 -3.45 -61.60
N THR D 364 -46.43 -3.99 -62.81
CA THR D 364 -47.09 -5.24 -63.17
C THR D 364 -46.21 -6.37 -62.68
N PRO D 365 -46.79 -7.57 -62.58
CA PRO D 365 -46.06 -8.76 -62.13
C PRO D 365 -44.83 -9.05 -62.96
N GLN D 366 -44.97 -8.96 -64.28
CA GLN D 366 -43.85 -9.21 -65.18
C GLN D 366 -42.82 -8.09 -65.10
N GLU D 367 -43.30 -6.87 -64.91
CA GLU D 367 -42.38 -5.75 -64.81
C GLU D 367 -41.43 -6.02 -63.64
N ARG D 368 -41.99 -6.56 -62.56
CA ARG D 368 -41.21 -6.88 -61.37
C ARG D 368 -40.20 -7.98 -61.64
N GLU D 369 -40.65 -9.04 -62.29
CA GLU D 369 -39.78 -10.15 -62.58
C GLU D 369 -38.56 -9.74 -63.37
N ARG D 370 -38.74 -8.87 -64.36
CA ARG D 370 -37.58 -8.46 -65.16
C ARG D 370 -36.66 -7.57 -64.37
N ALA D 371 -37.26 -6.70 -63.56
CA ALA D 371 -36.49 -5.81 -62.73
C ALA D 371 -35.57 -6.67 -61.87
N PHE D 372 -36.14 -7.77 -61.38
CA PHE D 372 -35.39 -8.69 -60.53
C PHE D 372 -34.30 -9.36 -61.33
N LEU D 373 -34.70 -10.03 -62.40
CA LEU D 373 -33.73 -10.72 -63.25
C LEU D 373 -32.66 -9.78 -63.80
N ASP D 374 -33.04 -8.54 -64.07
CA ASP D 374 -32.06 -7.58 -64.57
C ASP D 374 -31.01 -7.33 -63.50
N LEU D 375 -31.46 -7.18 -62.27
CA LEU D 375 -30.56 -6.95 -61.13
C LEU D 375 -29.61 -8.13 -61.04
N LEU D 376 -30.19 -9.33 -61.04
CA LEU D 376 -29.42 -10.56 -60.96
C LEU D 376 -28.37 -10.58 -62.08
N VAL D 377 -28.78 -10.22 -63.28
CA VAL D 377 -27.86 -10.21 -64.39
C VAL D 377 -26.69 -9.28 -64.17
N LYS D 378 -26.96 -8.07 -63.71
CA LYS D 378 -25.88 -7.11 -63.50
C LYS D 378 -25.03 -7.44 -62.30
N ALA D 379 -25.46 -8.42 -61.52
CA ALA D 379 -24.72 -8.82 -60.33
C ALA D 379 -23.97 -10.12 -60.49
N PHE D 380 -24.56 -11.09 -61.18
CA PHE D 380 -23.89 -12.39 -61.33
C PHE D 380 -23.72 -12.89 -62.76
N GLY D 381 -23.91 -12.02 -63.73
CA GLY D 381 -23.73 -12.43 -65.10
C GLY D 381 -25.01 -12.61 -65.90
N PRO D 382 -24.87 -12.88 -67.21
CA PRO D 382 -25.98 -13.08 -68.15
C PRO D 382 -26.69 -14.41 -67.98
N GLN D 383 -26.12 -15.32 -67.21
CA GLN D 383 -26.74 -16.62 -67.01
C GLN D 383 -28.02 -16.46 -66.19
N ALA D 384 -28.18 -15.30 -65.57
CA ALA D 384 -29.35 -15.03 -64.74
C ALA D 384 -30.55 -14.56 -65.56
N ALA D 385 -30.27 -14.10 -66.76
CA ALA D 385 -31.30 -13.58 -67.65
C ALA D 385 -32.45 -14.54 -67.93
N ASP D 386 -32.14 -15.83 -68.06
CA ASP D 386 -33.18 -16.79 -68.37
C ASP D 386 -33.29 -17.95 -67.36
N PRO D 387 -34.05 -17.75 -66.28
CA PRO D 387 -34.23 -18.79 -65.25
C PRO D 387 -35.12 -19.94 -65.65
N SER D 388 -35.01 -21.06 -64.94
CA SER D 388 -35.80 -22.25 -65.22
C SER D 388 -37.13 -22.15 -64.51
N TYR D 389 -37.13 -21.45 -63.39
CA TYR D 389 -38.34 -21.26 -62.60
C TYR D 389 -38.25 -19.91 -61.90
N PHE D 390 -39.40 -19.25 -61.78
CA PHE D 390 -39.45 -17.97 -61.10
C PHE D 390 -40.80 -17.86 -60.41
N HIS D 391 -40.79 -17.46 -59.15
CA HIS D 391 -42.01 -17.33 -58.40
C HIS D 391 -41.86 -16.19 -57.41
N GLU D 392 -42.94 -15.46 -57.20
CA GLU D 392 -42.95 -14.37 -56.25
C GLU D 392 -44.19 -14.61 -55.42
N THR D 393 -44.10 -14.30 -54.15
CA THR D 393 -45.25 -14.44 -53.27
C THR D 393 -45.39 -13.14 -52.48
N ASP D 394 -46.51 -12.47 -52.71
CA ASP D 394 -46.82 -11.21 -52.05
C ASP D 394 -47.43 -11.55 -50.71
N TRP D 395 -46.95 -10.93 -49.65
CA TRP D 395 -47.49 -11.24 -48.34
C TRP D 395 -48.34 -10.15 -47.77
N THR D 396 -48.21 -8.95 -48.30
CA THR D 396 -48.96 -7.82 -47.78
C THR D 396 -50.46 -7.88 -48.08
N GLN D 397 -50.83 -8.81 -48.94
CA GLN D 397 -52.22 -8.97 -49.32
C GLN D 397 -52.69 -10.40 -48.99
N GLN D 398 -51.89 -11.12 -48.20
CA GLN D 398 -52.23 -12.49 -47.81
C GLN D 398 -53.40 -12.40 -46.85
N GLU D 399 -54.45 -13.14 -47.13
CA GLU D 399 -55.64 -13.12 -46.30
C GLU D 399 -55.46 -13.15 -44.79
N TRP D 400 -54.70 -14.12 -44.30
CA TRP D 400 -54.54 -14.25 -42.87
C TRP D 400 -53.30 -13.62 -42.26
N ALA D 401 -52.18 -13.66 -42.97
CA ALA D 401 -50.95 -13.04 -42.47
C ALA D 401 -51.20 -11.55 -42.48
N LYS D 402 -51.87 -11.09 -43.54
CA LYS D 402 -52.20 -9.70 -43.69
C LYS D 402 -50.94 -8.84 -43.76
N GLY D 403 -49.78 -9.46 -43.86
CA GLY D 403 -48.60 -8.63 -43.90
C GLY D 403 -47.23 -9.20 -44.13
N GLY D 404 -46.28 -8.25 -44.18
CA GLY D 404 -44.85 -8.47 -44.40
C GLY D 404 -44.22 -9.62 -43.67
N PRO D 405 -42.96 -9.50 -43.23
CA PRO D 405 -42.36 -10.65 -42.54
C PRO D 405 -42.69 -10.68 -41.04
N VAL D 406 -42.81 -9.51 -40.46
CA VAL D 406 -43.07 -9.42 -39.03
C VAL D 406 -43.94 -8.22 -38.71
N THR D 407 -44.30 -8.09 -37.44
CA THR D 407 -45.09 -6.95 -36.99
C THR D 407 -44.09 -5.82 -36.72
N TYR D 408 -44.55 -4.58 -36.75
CA TYR D 408 -43.68 -3.44 -36.45
C TYR D 408 -44.53 -2.38 -35.79
N MET D 409 -43.91 -1.30 -35.33
CA MET D 409 -44.66 -0.26 -34.65
C MET D 409 -44.26 1.17 -34.94
N PRO D 410 -45.26 2.05 -34.99
CA PRO D 410 -45.07 3.48 -35.25
C PRO D 410 -44.80 4.15 -33.91
N PRO D 411 -44.36 5.41 -33.93
CA PRO D 411 -44.11 6.08 -32.66
C PRO D 411 -45.38 6.14 -31.80
N GLY D 412 -45.21 5.96 -30.50
CA GLY D 412 -46.34 6.04 -29.59
C GLY D 412 -46.99 4.77 -29.04
N VAL D 413 -46.62 3.59 -29.53
CA VAL D 413 -47.27 2.40 -28.98
C VAL D 413 -46.39 1.50 -28.11
N LEU D 414 -45.21 1.11 -28.60
CA LEU D 414 -44.36 0.22 -27.79
C LEU D 414 -44.16 0.76 -26.38
N ALA D 415 -43.84 2.04 -26.28
CA ALA D 415 -43.60 2.68 -24.99
C ALA D 415 -44.78 2.69 -24.04
N ASN D 416 -46.01 2.69 -24.57
CA ASN D 416 -47.22 2.74 -23.75
C ASN D 416 -48.11 1.51 -23.66
N PHE D 417 -47.86 0.47 -24.47
CA PHE D 417 -48.68 -0.74 -24.46
C PHE D 417 -47.85 -2.01 -24.66
N GLY D 418 -46.54 -1.84 -24.85
CA GLY D 418 -45.67 -2.98 -25.08
C GLY D 418 -45.94 -4.14 -24.13
N ALA D 419 -46.23 -3.79 -22.88
CA ALA D 419 -46.52 -4.78 -21.85
C ALA D 419 -47.64 -5.73 -22.30
N ALA D 420 -48.62 -5.17 -23.01
CA ALA D 420 -49.76 -5.94 -23.51
C ALA D 420 -49.34 -6.99 -24.56
N LEU D 421 -48.09 -6.93 -25.00
CA LEU D 421 -47.58 -7.88 -25.98
C LEU D 421 -47.45 -9.26 -25.35
N ARG D 422 -47.44 -9.30 -24.01
CA ARG D 422 -47.24 -10.55 -23.29
C ARG D 422 -48.27 -10.96 -22.23
N ASP D 423 -48.67 -10.01 -21.38
CA ASP D 423 -49.63 -10.30 -20.32
C ASP D 423 -50.90 -10.97 -20.80
N PRO D 424 -51.42 -11.92 -20.02
CA PRO D 424 -52.65 -12.61 -20.40
C PRO D 424 -53.87 -11.78 -19.96
N VAL D 425 -55.04 -12.20 -20.40
CA VAL D 425 -56.29 -11.54 -20.03
C VAL D 425 -57.20 -12.68 -19.61
N GLY D 426 -57.38 -12.84 -18.30
CA GLY D 426 -58.22 -13.92 -17.81
C GLY D 426 -57.61 -15.23 -18.27
N LYS D 427 -58.40 -16.10 -18.88
CA LYS D 427 -57.87 -17.36 -19.35
C LYS D 427 -57.31 -17.29 -20.76
N VAL D 428 -57.28 -16.10 -21.34
CA VAL D 428 -56.72 -15.98 -22.68
C VAL D 428 -55.23 -15.70 -22.56
N HIS D 429 -54.43 -16.52 -23.25
CA HIS D 429 -52.98 -16.38 -23.21
C HIS D 429 -52.43 -16.01 -24.58
N PHE D 430 -51.39 -15.20 -24.62
CA PHE D 430 -50.84 -14.80 -25.90
C PHE D 430 -49.54 -15.46 -26.32
N ALA D 431 -49.59 -16.14 -27.46
CA ALA D 431 -48.41 -16.78 -28.02
C ALA D 431 -48.07 -16.05 -29.31
N GLY D 432 -47.42 -16.74 -30.26
CA GLY D 432 -47.07 -16.10 -31.50
C GLY D 432 -45.76 -15.36 -31.30
N THR D 433 -44.85 -15.53 -32.24
CA THR D 433 -43.52 -14.93 -32.17
C THR D 433 -43.44 -13.56 -31.52
N GLU D 434 -44.41 -12.70 -31.79
CA GLU D 434 -44.38 -11.35 -31.22
C GLU D 434 -44.47 -11.31 -29.69
N ALA D 435 -44.77 -12.44 -29.07
CA ALA D 435 -44.90 -12.51 -27.60
C ALA D 435 -43.62 -12.99 -26.93
N SER D 436 -42.70 -13.56 -27.71
CA SER D 436 -41.46 -14.05 -27.16
C SER D 436 -40.67 -12.91 -26.57
N PHE D 437 -39.80 -13.21 -25.61
CA PHE D 437 -38.99 -12.18 -24.97
C PHE D 437 -37.89 -11.82 -25.96
N GLN D 438 -37.36 -12.84 -26.63
CA GLN D 438 -36.29 -12.66 -27.58
C GLN D 438 -36.65 -13.33 -28.91
N TRP D 439 -36.15 -12.76 -30.00
CA TRP D 439 -36.42 -13.27 -31.33
C TRP D 439 -37.88 -13.11 -31.76
N SER D 440 -38.58 -12.17 -31.14
CA SER D 440 -39.96 -11.88 -31.49
C SER D 440 -39.91 -11.37 -32.92
N GLY D 441 -40.42 -12.16 -33.85
CA GLY D 441 -40.41 -11.79 -35.25
C GLY D 441 -39.87 -12.93 -36.10
N TYR D 442 -39.01 -13.74 -35.49
CA TYR D 442 -38.41 -14.88 -36.16
C TYR D 442 -39.10 -16.16 -35.69
N MET D 443 -38.81 -17.28 -36.34
CA MET D 443 -39.42 -18.54 -35.94
C MET D 443 -39.04 -18.90 -34.50
N GLU D 444 -37.75 -18.83 -34.18
CA GLU D 444 -37.28 -19.11 -32.84
C GLU D 444 -38.27 -18.51 -31.83
N GLY D 445 -38.67 -17.27 -32.11
CA GLY D 445 -39.61 -16.58 -31.25
C GLY D 445 -40.96 -17.27 -31.15
N GLY D 446 -41.49 -17.69 -32.29
CA GLY D 446 -42.78 -18.36 -32.28
C GLY D 446 -42.76 -19.58 -31.37
N VAL D 447 -41.71 -20.38 -31.49
CA VAL D 447 -41.56 -21.59 -30.69
C VAL D 447 -41.53 -21.21 -29.21
N ARG D 448 -40.54 -20.42 -28.82
CA ARG D 448 -40.44 -20.00 -27.43
C ARG D 448 -41.74 -19.40 -26.90
N ALA D 449 -42.29 -18.45 -27.65
CA ALA D 449 -43.53 -17.80 -27.26
C ALA D 449 -44.61 -18.81 -26.95
N GLY D 450 -44.74 -19.80 -27.84
CA GLY D 450 -45.75 -20.83 -27.68
C GLY D 450 -45.45 -21.84 -26.59
N GLN D 451 -44.17 -22.04 -26.28
CA GLN D 451 -43.82 -22.99 -25.23
C GLN D 451 -43.98 -22.29 -23.88
N LYS D 452 -43.66 -21.00 -23.86
CA LYS D 452 -43.79 -20.20 -22.66
C LYS D 452 -45.28 -20.14 -22.31
N ALA D 453 -46.11 -19.84 -23.30
CA ALA D 453 -47.55 -19.78 -23.11
C ALA D 453 -48.09 -21.09 -22.52
N ALA D 454 -47.61 -22.21 -23.05
CA ALA D 454 -48.04 -23.53 -22.59
C ALA D 454 -47.62 -23.80 -21.14
N ALA D 455 -46.36 -23.51 -20.83
CA ALA D 455 -45.81 -23.71 -19.51
C ALA D 455 -46.67 -22.98 -18.49
N ALA D 456 -47.17 -21.82 -18.91
CA ALA D 456 -48.00 -20.99 -18.06
C ALA D 456 -49.36 -21.61 -17.79
N ILE D 457 -49.98 -22.14 -18.84
CA ILE D 457 -51.29 -22.76 -18.72
C ILE D 457 -51.18 -24.10 -18.01
N ALA D 458 -50.05 -24.78 -18.16
CA ALA D 458 -49.89 -26.05 -17.48
C ALA D 458 -49.87 -25.85 -15.96
N GLU D 459 -49.18 -24.80 -15.51
CA GLU D 459 -49.10 -24.50 -14.07
C GLU D 459 -50.46 -24.06 -13.56
N GLU D 460 -51.26 -23.45 -14.43
CA GLU D 460 -52.59 -22.99 -14.08
C GLU D 460 -53.55 -24.17 -13.92
N LEU D 461 -53.14 -25.30 -14.48
CA LEU D 461 -53.94 -26.52 -14.44
C LEU D 461 -53.71 -27.30 -13.14
N GLU D 462 -52.51 -27.19 -12.58
CA GLU D 462 -52.24 -27.88 -11.33
C GLU D 462 -52.73 -27.02 -10.17
N ARG D 463 -53.59 -26.05 -10.51
CA ARG D 463 -54.16 -25.12 -9.53
C ARG D 463 -53.17 -24.02 -9.16
#